data_5FT1
#
_entry.id   5FT1
#
_cell.length_a   84.610
_cell.length_b   84.650
_cell.length_c   84.600
_cell.angle_alpha   107.86
_cell.angle_beta   107.88
_cell.angle_gamma   107.90
#
_symmetry.space_group_name_H-M   'P 1'
#
loop_
_entity.id
_entity.type
_entity.pdbx_description
1 polymer GP37
2 polymer 'RIBONUCLEASE E'
3 water water
#
loop_
_entity_poly.entity_id
_entity_poly.type
_entity_poly.pdbx_seq_one_letter_code
_entity_poly.pdbx_strand_id
1 'polypeptide(L)'
;MTQFNITWEEQLQALSKLDGLHHPHKLEDISVHWVFNPVDISVFVTCATMSSHNTHYTFKPQSSPDDAMVREYVLSRIIA
DNLKYVDNLYLAAGAVICGNDEYISDGNVVGIHIADGVGGNKLILPVIEFMPGVHVDDISDKLIKSSSYQGIFKTDNLEE
FEFLVDKKNANNVKELILAYTDYFANKLAFKDPAEPAVEMYQFIDRTEVYFSFEGCHPDVEEVLFTIKIVRYNQPLNSTA
MQVFLKNPLLSHIRTVVRQDLPAKFVGGVLFNFKGHHHHHH
;
A,B,E,G,I,K
2 'polypeptide(L)' ERPRRRSRGQRRRSNRRERQ C,D,F,H,J,L
#
# COMPACT_ATOMS: atom_id res chain seq x y z
N GLN A 3 -30.37 11.98 6.23
CA GLN A 3 -30.56 12.96 7.31
C GLN A 3 -32.04 13.30 7.47
N PHE A 4 -32.71 13.57 6.36
CA PHE A 4 -34.16 13.75 6.33
C PHE A 4 -34.73 12.95 5.17
N ASN A 5 -36.05 13.00 5.03
CA ASN A 5 -36.74 12.32 3.93
C ASN A 5 -37.82 13.25 3.39
N ILE A 6 -37.57 13.82 2.21
CA ILE A 6 -38.64 14.50 1.48
C ILE A 6 -39.65 13.45 1.00
N THR A 7 -40.90 13.87 0.90
CA THR A 7 -41.95 13.07 0.29
C THR A 7 -42.34 13.68 -1.04
N TRP A 8 -42.79 12.83 -1.98
CA TRP A 8 -42.95 13.27 -3.36
C TRP A 8 -44.03 14.33 -3.52
N GLU A 9 -45.04 14.39 -2.65
CA GLU A 9 -46.01 15.50 -2.73
C GLU A 9 -45.35 16.83 -2.43
N GLU A 10 -44.27 16.84 -1.67
CA GLU A 10 -43.46 18.05 -1.58
C GLU A 10 -42.78 18.37 -2.89
N GLN A 11 -42.56 17.36 -3.74
CA GLN A 11 -42.03 17.62 -5.08
C GLN A 11 -43.10 18.18 -6.00
N LEU A 12 -44.20 17.45 -6.17
CA LEU A 12 -45.29 17.91 -7.03
C LEU A 12 -45.99 19.14 -6.48
N GLN A 13 -45.73 19.53 -5.23
CA GLN A 13 -46.18 20.82 -4.74
C GLN A 13 -45.43 21.95 -5.42
N ALA A 14 -44.17 21.70 -5.79
CA ALA A 14 -43.38 22.64 -6.59
C ALA A 14 -43.64 22.48 -8.07
N LEU A 15 -43.76 21.23 -8.54
CA LEU A 15 -44.03 20.98 -9.94
C LEU A 15 -45.43 21.41 -10.35
N SER A 16 -46.34 21.55 -9.38
CA SER A 16 -47.68 22.04 -9.68
C SER A 16 -47.64 23.48 -10.18
N LYS A 17 -46.62 24.24 -9.79
CA LYS A 17 -46.45 25.61 -10.21
C LYS A 17 -45.73 25.73 -11.55
N LEU A 18 -45.54 24.62 -12.26
CA LEU A 18 -45.01 24.63 -13.61
C LEU A 18 -46.18 24.71 -14.58
N ASP A 19 -46.32 25.85 -15.25
CA ASP A 19 -47.43 26.04 -16.17
C ASP A 19 -47.27 25.12 -17.38
N GLY A 20 -48.32 24.35 -17.68
CA GLY A 20 -48.31 23.44 -18.79
C GLY A 20 -47.93 22.01 -18.44
N LEU A 21 -47.38 21.78 -17.25
CA LEU A 21 -47.00 20.42 -16.84
C LEU A 21 -48.27 19.63 -16.55
N HIS A 22 -48.64 18.75 -17.48
CA HIS A 22 -49.85 17.94 -17.35
C HIS A 22 -49.58 16.44 -17.36
N HIS A 23 -48.38 16.00 -17.74
CA HIS A 23 -48.03 14.59 -17.78
C HIS A 23 -46.62 14.42 -17.24
N PRO A 24 -46.46 14.53 -15.92
CA PRO A 24 -45.11 14.49 -15.33
C PRO A 24 -44.50 13.10 -15.33
N HIS A 25 -43.25 13.02 -14.87
CA HIS A 25 -42.52 11.77 -14.81
C HIS A 25 -42.92 10.97 -13.56
N LYS A 26 -42.51 9.71 -13.53
CA LYS A 26 -42.74 8.89 -12.34
C LYS A 26 -41.93 9.41 -11.17
N LEU A 27 -42.58 9.65 -10.04
CA LEU A 27 -41.94 10.25 -8.88
C LEU A 27 -41.91 9.27 -7.71
N GLU A 28 -40.86 9.41 -6.90
CA GLU A 28 -40.69 8.64 -5.67
C GLU A 28 -40.11 9.59 -4.64
N ASP A 29 -39.63 9.04 -3.53
CA ASP A 29 -39.01 9.83 -2.47
C ASP A 29 -37.50 9.82 -2.63
N ILE A 30 -36.90 11.01 -2.69
CA ILE A 30 -35.45 11.13 -2.75
C ILE A 30 -34.92 11.07 -1.33
N SER A 31 -33.82 10.33 -1.14
CA SER A 31 -33.17 10.20 0.16
C SER A 31 -31.92 11.06 0.17
N VAL A 32 -31.84 11.98 1.13
CA VAL A 32 -30.75 12.95 1.18
C VAL A 32 -29.59 12.35 1.97
N HIS A 33 -28.38 12.64 1.50
CA HIS A 33 -27.15 12.22 2.17
C HIS A 33 -26.08 13.23 1.76
N TRP A 34 -25.85 14.21 2.63
CA TRP A 34 -24.84 15.25 2.37
C TRP A 34 -23.99 15.51 3.60
N PRO A 38 -13.58 23.56 3.31
CA PRO A 38 -13.49 22.11 3.14
C PRO A 38 -13.68 21.71 1.68
N VAL A 39 -12.63 21.18 1.06
CA VAL A 39 -12.71 20.76 -0.33
C VAL A 39 -13.13 21.92 -1.23
N ASP A 40 -12.59 23.10 -0.95
CA ASP A 40 -12.90 24.29 -1.74
C ASP A 40 -14.21 24.91 -1.29
N ILE A 41 -14.79 24.37 -0.22
CA ILE A 41 -16.05 24.86 0.33
C ILE A 41 -17.21 24.30 -0.49
N SER A 42 -16.88 23.44 -1.44
CA SER A 42 -17.89 22.82 -2.30
C SER A 42 -18.75 21.85 -1.49
N VAL A 43 -20.02 21.77 -1.85
CA VAL A 43 -20.94 20.88 -1.16
C VAL A 43 -21.46 19.81 -2.11
N PHE A 44 -21.38 18.56 -1.67
CA PHE A 44 -21.84 17.44 -2.48
C PHE A 44 -23.04 16.79 -1.79
N VAL A 45 -24.12 16.62 -2.54
CA VAL A 45 -25.34 16.02 -2.00
C VAL A 45 -25.67 14.79 -2.82
N THR A 46 -25.95 13.70 -2.15
CA THR A 46 -26.29 12.43 -2.79
C THR A 46 -27.75 12.09 -2.56
N CYS A 47 -28.44 11.75 -3.64
CA CYS A 47 -29.85 11.41 -3.55
C CYS A 47 -30.10 9.94 -3.89
N ALA A 48 -30.57 9.19 -2.91
CA ALA A 48 -30.85 7.78 -3.10
C ALA A 48 -32.36 7.57 -3.25
N THR A 49 -32.74 6.80 -4.26
CA THR A 49 -34.14 6.52 -4.51
C THR A 49 -34.29 5.25 -5.35
N MET A 50 -35.07 4.31 -4.86
CA MET A 50 -35.28 3.05 -5.57
C MET A 50 -36.64 3.01 -6.27
N SER A 51 -36.66 3.21 -7.58
CA SER A 51 -35.46 3.48 -8.38
C SER A 51 -35.30 4.99 -8.58
N SER A 52 -34.24 5.39 -9.30
CA SER A 52 -33.26 4.48 -9.88
C SER A 52 -32.09 4.23 -8.95
N HIS A 53 -32.38 4.07 -7.66
CA HIS A 53 -31.35 3.79 -6.65
C HIS A 53 -30.61 5.02 -6.14
N ASN A 54 -30.04 5.81 -7.04
CA ASN A 54 -29.31 7.00 -6.59
C ASN A 54 -28.88 7.99 -7.67
N THR A 55 -28.12 8.99 -7.24
CA THR A 55 -27.59 10.05 -8.09
C THR A 55 -26.75 10.97 -7.23
N HIS A 56 -26.14 11.99 -7.81
CA HIS A 56 -25.32 12.89 -7.01
C HIS A 56 -25.20 14.26 -7.67
N TYR A 57 -24.95 15.28 -6.85
CA TYR A 57 -24.81 16.65 -7.31
C TYR A 57 -23.70 17.35 -6.55
N THR A 58 -22.96 18.21 -7.25
CA THR A 58 -21.88 18.99 -6.67
C THR A 58 -22.13 20.46 -6.98
N PHE A 59 -21.99 21.32 -5.98
CA PHE A 59 -22.29 22.73 -6.18
C PHE A 59 -21.62 23.56 -5.10
N LYS A 60 -21.56 24.88 -5.33
CA LYS A 60 -20.96 25.83 -4.40
C LYS A 60 -21.88 26.09 -3.22
N PRO A 61 -21.32 26.31 -2.02
CA PRO A 61 -22.16 26.39 -0.81
C PRO A 61 -22.91 27.71 -0.65
N GLN A 62 -22.56 28.74 -1.42
CA GLN A 62 -23.18 30.06 -1.29
C GLN A 62 -22.97 30.64 0.11
N SER A 64 -23.55 29.26 4.91
CA SER A 64 -23.57 28.08 5.75
C SER A 64 -24.72 27.15 5.37
N PRO A 65 -24.38 25.98 4.81
CA PRO A 65 -25.41 25.03 4.39
C PRO A 65 -26.07 24.37 5.59
N ASP A 66 -27.28 23.86 5.34
CA ASP A 66 -28.04 23.17 6.36
C ASP A 66 -28.98 22.17 5.67
N ASP A 67 -29.58 21.30 6.48
CA ASP A 67 -30.51 20.30 5.94
C ASP A 67 -31.85 20.89 5.52
N ALA A 68 -31.96 22.22 5.40
CA ALA A 68 -33.17 22.88 4.93
C ALA A 68 -33.01 23.52 3.56
N MET A 69 -31.80 23.90 3.18
CA MET A 69 -31.55 24.52 1.87
C MET A 69 -31.07 23.54 0.82
N VAL A 70 -30.41 22.44 1.23
CA VAL A 70 -30.02 21.41 0.26
C VAL A 70 -31.26 20.81 -0.39
N ARG A 71 -32.35 20.69 0.39
CA ARG A 71 -33.63 20.28 -0.18
C ARG A 71 -34.09 21.26 -1.25
N GLU A 72 -33.91 22.57 -0.99
CA GLU A 72 -34.20 23.58 -2.00
C GLU A 72 -33.38 23.34 -3.26
N TYR A 73 -32.11 22.95 -3.09
CA TYR A 73 -31.27 22.66 -4.26
C TYR A 73 -31.83 21.50 -5.08
N VAL A 74 -32.06 20.36 -4.41
CA VAL A 74 -32.52 19.17 -5.14
C VAL A 74 -33.87 19.42 -5.79
N LEU A 75 -34.73 20.26 -5.18
CA LEU A 75 -35.95 20.66 -5.85
C LEU A 75 -35.64 21.52 -7.08
N SER A 76 -34.73 22.49 -6.93
CA SER A 76 -34.35 23.35 -8.03
C SER A 76 -33.82 22.58 -9.22
N ARG A 77 -33.36 21.34 -9.03
CA ARG A 77 -33.00 20.55 -10.20
C ARG A 77 -34.07 19.54 -10.62
N ILE A 78 -34.88 19.05 -9.68
CA ILE A 78 -36.02 18.21 -10.04
C ILE A 78 -36.92 18.93 -11.03
N ILE A 79 -37.31 20.17 -10.69
CA ILE A 79 -38.11 20.96 -11.61
C ILE A 79 -37.38 21.18 -12.92
N ALA A 80 -36.08 21.45 -12.84
CA ALA A 80 -35.28 21.70 -14.04
C ALA A 80 -35.36 20.54 -15.02
N ASP A 81 -35.28 19.30 -14.52
CA ASP A 81 -35.42 18.15 -15.40
C ASP A 81 -36.86 18.00 -15.88
N ASN A 82 -37.82 18.13 -14.98
CA ASN A 82 -39.22 17.99 -15.38
C ASN A 82 -39.67 19.05 -16.38
N LEU A 83 -38.84 20.06 -16.65
CA LEU A 83 -39.15 21.01 -17.72
C LEU A 83 -39.07 20.39 -19.11
N LYS A 84 -38.67 19.14 -19.25
CA LYS A 84 -38.61 18.48 -20.54
C LYS A 84 -39.86 17.66 -20.86
N TYR A 85 -40.85 17.67 -19.96
CA TYR A 85 -42.13 17.02 -20.21
C TYR A 85 -43.31 17.97 -20.15
N VAL A 86 -43.11 19.23 -19.77
CA VAL A 86 -44.14 20.23 -19.97
C VAL A 86 -44.47 20.27 -21.44
N ASP A 87 -45.77 20.33 -21.76
CA ASP A 87 -46.25 20.04 -23.11
C ASP A 87 -45.43 20.77 -24.19
N ASN A 88 -45.46 22.11 -24.18
CA ASN A 88 -45.01 22.90 -25.33
C ASN A 88 -43.52 22.73 -25.64
N LEU A 89 -42.71 22.19 -24.72
CA LEU A 89 -41.32 21.95 -25.08
C LEU A 89 -41.02 20.48 -25.37
N TYR A 90 -41.74 19.56 -24.74
CA TYR A 90 -41.60 18.16 -25.10
C TYR A 90 -42.04 17.92 -26.54
N LEU A 91 -43.23 18.39 -26.92
CA LEU A 91 -43.63 18.13 -28.31
C LEU A 91 -42.66 18.79 -29.29
N ALA A 92 -42.04 19.91 -28.87
CA ALA A 92 -41.06 20.58 -29.70
C ALA A 92 -39.79 19.76 -29.85
N ALA A 93 -39.41 19.01 -28.81
CA ALA A 93 -38.38 17.99 -28.96
C ALA A 93 -38.82 16.93 -29.95
N GLY A 94 -39.92 16.22 -29.65
CA GLY A 94 -40.45 15.22 -30.56
C GLY A 94 -40.43 15.66 -32.01
N ALA A 95 -40.59 16.96 -32.27
CA ALA A 95 -40.32 17.49 -33.61
C ALA A 95 -38.90 17.20 -34.05
N VAL A 96 -37.91 17.41 -33.15
CA VAL A 96 -36.53 17.25 -33.58
C VAL A 96 -36.14 15.79 -33.67
N ILE A 97 -36.76 14.89 -32.88
CA ILE A 97 -36.39 13.48 -33.03
C ILE A 97 -37.10 12.86 -34.22
N CYS A 98 -38.40 13.12 -34.40
CA CYS A 98 -39.13 12.53 -35.50
C CYS A 98 -38.80 13.18 -36.84
N GLY A 99 -38.16 14.35 -36.83
CA GLY A 99 -37.83 15.05 -38.05
C GLY A 99 -36.60 14.53 -38.75
N ASN A 100 -36.16 13.33 -38.38
CA ASN A 100 -34.98 12.73 -38.98
C ASN A 100 -35.01 11.23 -38.70
N ASP A 101 -34.64 10.44 -39.71
CA ASP A 101 -34.64 8.99 -39.55
C ASP A 101 -33.57 8.52 -38.58
N GLU A 102 -32.38 9.11 -38.66
CA GLU A 102 -31.24 8.71 -37.84
C GLU A 102 -31.00 9.66 -36.68
N TYR A 103 -32.07 10.21 -36.09
CA TYR A 103 -31.98 11.03 -34.89
C TYR A 103 -32.49 10.19 -33.72
N ILE A 104 -31.56 9.65 -32.93
CA ILE A 104 -31.88 8.79 -31.80
C ILE A 104 -31.91 9.63 -30.54
N SER A 105 -32.81 9.31 -29.63
CA SER A 105 -32.98 10.09 -28.40
C SER A 105 -32.83 9.19 -27.18
N ASP A 106 -32.35 9.78 -26.09
CA ASP A 106 -32.19 9.10 -24.81
C ASP A 106 -33.11 9.65 -23.74
N GLY A 107 -33.64 10.86 -23.91
CA GLY A 107 -34.31 11.59 -22.85
C GLY A 107 -33.45 12.66 -22.24
N ASN A 108 -32.13 12.55 -22.39
CA ASN A 108 -31.17 13.58 -21.99
C ASN A 108 -30.33 14.08 -23.14
N VAL A 109 -29.97 13.20 -24.08
CA VAL A 109 -29.16 13.56 -25.23
C VAL A 109 -29.80 12.96 -26.49
N VAL A 110 -29.34 13.44 -27.64
CA VAL A 110 -29.71 12.86 -28.93
C VAL A 110 -28.45 12.68 -29.76
N GLY A 111 -28.47 11.69 -30.63
CA GLY A 111 -27.31 11.39 -31.47
C GLY A 111 -27.67 11.06 -32.90
N ILE A 112 -26.84 10.24 -33.54
CA ILE A 112 -27.06 9.85 -34.93
C ILE A 112 -26.38 8.53 -35.28
N HIS A 113 -26.92 7.85 -36.29
CA HIS A 113 -26.39 6.59 -36.78
C HIS A 113 -25.87 5.68 -35.66
N ILE A 114 -24.82 4.93 -35.95
CA ILE A 114 -24.21 4.02 -34.99
C ILE A 114 -24.99 2.71 -34.91
N ALA A 115 -24.52 1.79 -34.08
CA ALA A 115 -25.17 0.49 -33.92
C ALA A 115 -25.14 0.02 -32.47
N ASP A 116 -26.16 -0.74 -32.08
CA ASP A 116 -26.26 -1.27 -30.73
C ASP A 116 -25.52 -2.59 -30.66
N GLY A 117 -25.72 -3.41 -31.69
CA GLY A 117 -25.09 -4.72 -31.79
C GLY A 117 -25.72 -5.59 -30.72
N VAL A 118 -25.53 -5.17 -29.47
CA VAL A 118 -26.09 -5.88 -28.33
C VAL A 118 -27.61 -5.80 -28.31
N GLY A 119 -28.13 -4.63 -28.67
CA GLY A 119 -29.56 -4.39 -28.66
C GLY A 119 -29.95 -3.06 -28.05
N ILE A 124 -24.80 7.28 -28.41
CA ILE A 124 -24.76 7.77 -29.78
C ILE A 124 -23.69 8.86 -29.93
N LEU A 125 -23.88 9.75 -30.90
CA LEU A 125 -23.00 10.89 -31.13
C LEU A 125 -23.75 12.16 -30.78
N PRO A 126 -23.64 12.66 -29.55
CA PRO A 126 -24.31 13.90 -29.15
C PRO A 126 -24.32 14.97 -30.24
N VAL A 127 -25.50 15.54 -30.46
CA VAL A 127 -25.65 16.79 -31.18
C VAL A 127 -26.46 17.74 -30.33
N ILE A 128 -27.47 17.22 -29.62
CA ILE A 128 -28.31 18.03 -28.77
C ILE A 128 -28.35 17.36 -27.39
N GLU A 129 -27.70 17.99 -26.42
CA GLU A 129 -27.75 17.53 -25.04
C GLU A 129 -28.66 18.46 -24.25
N PHE A 130 -29.76 17.91 -23.75
CA PHE A 130 -30.65 18.60 -22.82
C PHE A 130 -30.02 18.53 -21.44
N MET A 131 -29.62 19.68 -20.91
CA MET A 131 -28.92 19.74 -19.63
C MET A 131 -29.72 20.55 -18.63
N PRO A 132 -30.52 19.91 -17.78
CA PRO A 132 -31.16 20.61 -16.67
C PRO A 132 -30.24 20.71 -15.47
N GLY A 133 -30.45 21.78 -14.70
CA GLY A 133 -29.60 22.03 -13.55
C GLY A 133 -28.22 22.54 -13.89
N VAL A 134 -28.03 23.12 -15.08
CA VAL A 134 -26.75 23.66 -15.48
C VAL A 134 -26.96 25.06 -16.04
N HIS A 135 -25.89 25.83 -16.06
CA HIS A 135 -25.87 27.13 -16.74
C HIS A 135 -24.42 27.41 -17.13
N VAL A 136 -24.23 27.90 -18.36
CA VAL A 136 -22.88 28.10 -18.88
C VAL A 136 -22.10 29.09 -18.02
N ASP A 137 -22.79 30.05 -17.39
CA ASP A 137 -22.10 31.05 -16.59
C ASP A 137 -21.27 30.40 -15.48
N ASP A 138 -21.77 29.30 -14.90
CA ASP A 138 -21.09 28.65 -13.80
C ASP A 138 -19.96 27.73 -14.25
N ILE A 139 -20.03 27.24 -15.49
CA ILE A 139 -19.00 26.35 -16.03
C ILE A 139 -18.28 26.99 -17.21
N SER A 140 -18.41 28.30 -17.39
CA SER A 140 -17.77 28.96 -18.52
C SER A 140 -16.26 28.78 -18.47
N ASP A 141 -15.62 29.35 -17.43
CA ASP A 141 -14.16 29.49 -17.40
C ASP A 141 -13.42 28.22 -17.81
N LYS A 142 -14.01 27.05 -17.58
CA LYS A 142 -13.41 25.81 -18.04
C LYS A 142 -13.50 25.63 -19.55
N LEU A 143 -14.34 26.41 -20.23
CA LEU A 143 -14.51 26.30 -21.67
C LEU A 143 -13.84 27.41 -22.46
N ILE A 144 -13.73 28.63 -21.91
CA ILE A 144 -12.98 29.67 -22.62
C ILE A 144 -11.51 29.27 -22.77
N LYS A 145 -10.96 28.61 -21.75
CA LYS A 145 -9.56 28.18 -21.85
C LYS A 145 -9.39 27.06 -22.87
N SER A 146 -10.33 26.12 -22.91
CA SER A 146 -10.23 25.00 -23.84
C SER A 146 -10.62 25.37 -25.27
N SER A 147 -11.43 26.40 -25.45
CA SER A 147 -11.86 26.81 -26.78
C SER A 147 -10.88 27.81 -27.37
N SER A 148 -10.84 27.86 -28.71
CA SER A 148 -10.00 28.84 -29.38
C SER A 148 -10.55 30.24 -29.23
N TYR A 149 -11.88 30.40 -29.37
CA TYR A 149 -12.52 31.70 -29.24
C TYR A 149 -14.02 31.50 -29.12
N GLN A 150 -14.72 32.61 -28.90
CA GLN A 150 -16.16 32.63 -28.66
C GLN A 150 -16.85 33.42 -29.77
N GLY A 151 -18.17 33.25 -29.86
CA GLY A 151 -18.95 33.91 -30.87
C GLY A 151 -20.36 34.19 -30.39
N ILE A 152 -21.16 34.77 -31.30
CA ILE A 152 -22.56 35.08 -31.03
C ILE A 152 -23.41 34.17 -31.91
N PHE A 153 -24.55 33.76 -31.37
CA PHE A 153 -25.53 32.97 -32.11
C PHE A 153 -26.88 33.65 -32.01
N LYS A 154 -27.30 34.31 -33.08
CA LYS A 154 -28.62 34.95 -33.11
C LYS A 154 -29.70 33.88 -33.03
N THR A 155 -30.44 33.88 -31.91
CA THR A 155 -31.35 32.79 -31.61
C THR A 155 -32.65 32.88 -32.40
N ASP A 156 -33.13 34.10 -32.70
CA ASP A 156 -34.38 34.28 -33.42
C ASP A 156 -34.21 34.14 -34.94
N ASN A 157 -32.98 33.95 -35.42
CA ASN A 157 -32.70 33.77 -36.83
C ASN A 157 -32.23 32.35 -37.09
N LEU A 158 -32.70 31.76 -38.20
CA LEU A 158 -32.33 30.39 -38.52
C LEU A 158 -31.03 30.29 -39.30
N GLU A 159 -30.67 31.32 -40.08
CA GLU A 159 -29.53 31.23 -41.00
C GLU A 159 -28.32 30.55 -40.38
N GLU A 160 -28.19 30.60 -39.06
CA GLU A 160 -27.15 29.86 -38.34
C GLU A 160 -27.60 28.46 -37.91
N PHE A 161 -28.91 28.21 -37.84
CA PHE A 161 -29.37 26.84 -37.58
C PHE A 161 -29.09 25.94 -38.77
N GLU A 162 -29.05 26.51 -39.98
CA GLU A 162 -28.50 25.79 -41.13
C GLU A 162 -27.00 25.57 -41.00
N PHE A 163 -26.30 26.47 -40.31
CA PHE A 163 -24.89 26.27 -39.99
C PHE A 163 -24.68 25.07 -39.07
N LEU A 164 -25.33 25.04 -37.90
CA LEU A 164 -25.03 23.96 -36.95
C LEU A 164 -25.55 22.62 -37.44
N VAL A 165 -26.82 22.57 -37.85
CA VAL A 165 -27.42 21.34 -38.34
C VAL A 165 -27.88 21.59 -39.77
N ASP A 166 -27.99 20.51 -40.53
CA ASP A 166 -28.50 20.62 -41.89
C ASP A 166 -29.94 21.12 -41.87
N LYS A 167 -30.39 21.61 -43.03
CA LYS A 167 -31.73 22.20 -43.13
C LYS A 167 -32.83 21.19 -42.81
N LYS A 168 -32.52 19.89 -42.76
CA LYS A 168 -33.52 18.89 -42.40
C LYS A 168 -33.93 18.98 -40.93
N ASN A 169 -33.15 19.68 -40.11
CA ASN A 169 -33.45 19.81 -38.68
C ASN A 169 -33.40 21.24 -38.16
N ALA A 170 -32.95 22.20 -38.97
CA ALA A 170 -32.83 23.58 -38.50
C ALA A 170 -34.18 24.14 -38.09
N ASN A 171 -35.24 23.77 -38.81
CA ASN A 171 -36.57 24.26 -38.48
C ASN A 171 -36.96 23.87 -37.06
N ASN A 172 -37.02 22.57 -36.79
CA ASN A 172 -37.51 22.11 -35.50
C ASN A 172 -36.54 22.40 -34.37
N VAL A 173 -35.23 22.47 -34.66
CA VAL A 173 -34.26 22.86 -33.64
C VAL A 173 -34.48 24.31 -33.23
N LYS A 174 -34.59 25.21 -34.22
CA LYS A 174 -34.86 26.61 -33.92
C LYS A 174 -36.16 26.77 -33.13
N GLU A 175 -37.23 26.12 -33.60
CA GLU A 175 -38.50 26.21 -32.89
C GLU A 175 -38.41 25.63 -31.49
N LEU A 176 -37.54 24.63 -31.29
CA LEU A 176 -37.39 24.04 -29.96
C LEU A 176 -36.70 25.01 -29.01
N ILE A 177 -35.53 25.51 -29.39
CA ILE A 177 -34.78 26.39 -28.50
C ILE A 177 -35.55 27.69 -28.25
N LEU A 178 -36.23 28.21 -29.28
CA LEU A 178 -37.02 29.41 -29.09
C LEU A 178 -38.29 29.13 -28.28
N ALA A 179 -38.79 27.89 -28.32
CA ALA A 179 -39.87 27.51 -27.44
C ALA A 179 -39.41 27.51 -25.98
N TYR A 180 -38.22 26.98 -25.72
CA TYR A 180 -37.64 27.09 -24.38
C TYR A 180 -37.48 28.55 -23.97
N THR A 181 -37.02 29.39 -24.89
CA THR A 181 -36.90 30.82 -24.60
C THR A 181 -38.24 31.41 -24.21
N ASP A 182 -39.30 31.07 -24.95
CA ASP A 182 -40.62 31.60 -24.67
C ASP A 182 -41.12 31.13 -23.31
N TYR A 183 -40.91 29.85 -22.98
CA TYR A 183 -41.35 29.35 -21.69
C TYR A 183 -40.63 30.04 -20.54
N PHE A 184 -39.29 30.07 -20.60
CA PHE A 184 -38.53 30.68 -19.51
C PHE A 184 -38.80 32.17 -19.39
N ALA A 185 -39.09 32.85 -20.50
CA ALA A 185 -39.34 34.27 -20.47
C ALA A 185 -40.78 34.62 -20.13
N ASN A 186 -41.71 33.67 -20.23
CA ASN A 186 -43.12 33.96 -20.04
C ASN A 186 -43.79 33.14 -18.94
N LYS A 187 -43.28 31.96 -18.61
CA LYS A 187 -43.90 31.11 -17.60
C LYS A 187 -43.13 31.04 -16.29
N LEU A 188 -41.88 31.48 -16.26
CA LEU A 188 -41.08 31.52 -15.04
C LEU A 188 -40.34 32.83 -14.92
N ALA A 189 -40.92 33.91 -15.42
CA ALA A 189 -40.22 35.19 -15.50
C ALA A 189 -40.02 35.78 -14.11
N PHE A 190 -38.84 36.38 -13.89
CA PHE A 190 -38.57 37.12 -12.68
C PHE A 190 -39.29 38.47 -12.70
N LYS A 191 -39.25 39.15 -11.55
CA LYS A 191 -39.75 40.53 -11.50
C LYS A 191 -38.98 41.41 -12.47
N ASP A 192 -37.66 41.47 -12.32
CA ASP A 192 -36.78 42.01 -13.34
C ASP A 192 -36.42 40.86 -14.28
N PRO A 193 -36.96 40.82 -15.49
CA PRO A 193 -36.79 39.62 -16.33
C PRO A 193 -35.34 39.31 -16.63
N ALA A 194 -35.03 38.00 -16.66
CA ALA A 194 -33.68 37.54 -16.97
C ALA A 194 -33.53 37.32 -18.47
N GLU A 195 -32.45 37.86 -19.04
CA GLU A 195 -32.20 37.66 -20.46
C GLU A 195 -31.49 36.33 -20.69
N PRO A 196 -31.88 35.59 -21.72
CA PRO A 196 -31.22 34.32 -22.00
C PRO A 196 -29.78 34.53 -22.44
N ALA A 197 -28.92 33.57 -22.08
CA ALA A 197 -27.49 33.65 -22.36
C ALA A 197 -27.11 32.54 -23.33
N VAL A 198 -26.68 32.92 -24.53
CA VAL A 198 -26.35 31.97 -25.59
C VAL A 198 -24.91 32.22 -26.00
N GLU A 199 -24.05 31.21 -25.81
CA GLU A 199 -22.64 31.38 -26.13
C GLU A 199 -22.16 30.26 -27.03
N MET A 200 -21.26 30.61 -27.95
CA MET A 200 -20.64 29.70 -28.92
C MET A 200 -19.14 29.68 -28.71
N TYR A 201 -18.55 28.50 -28.80
CA TYR A 201 -17.12 28.29 -28.63
C TYR A 201 -16.61 27.42 -29.78
N GLN A 202 -15.53 27.86 -30.42
CA GLN A 202 -14.96 27.17 -31.56
C GLN A 202 -13.78 26.31 -31.12
N PHE A 203 -13.91 25.01 -31.29
CA PHE A 203 -12.83 24.07 -31.05
C PHE A 203 -12.20 23.65 -32.38
N ILE A 204 -11.09 22.90 -32.29
CA ILE A 204 -10.40 22.49 -33.50
C ILE A 204 -11.15 21.39 -34.23
N ASP A 205 -12.08 20.70 -33.56
CA ASP A 205 -12.82 19.61 -34.17
C ASP A 205 -14.33 19.84 -34.18
N ARG A 206 -14.83 20.86 -33.50
CA ARG A 206 -16.26 21.05 -33.37
C ARG A 206 -16.53 22.48 -32.93
N THR A 207 -17.81 22.86 -33.00
CA THR A 207 -18.29 24.17 -32.54
C THR A 207 -19.46 23.92 -31.59
N GLU A 208 -19.31 24.32 -30.34
CA GLU A 208 -20.32 24.04 -29.31
C GLU A 208 -21.07 25.31 -28.94
N VAL A 209 -22.40 25.23 -28.90
CA VAL A 209 -23.24 26.36 -28.53
C VAL A 209 -24.11 25.94 -27.36
N TYR A 210 -24.38 26.88 -26.46
CA TYR A 210 -25.13 26.62 -25.24
C TYR A 210 -26.17 27.71 -25.07
N PHE A 211 -27.43 27.29 -24.93
CA PHE A 211 -28.55 28.20 -24.72
C PHE A 211 -28.99 28.02 -23.27
N SER A 212 -28.81 29.07 -22.48
CA SER A 212 -29.01 29.04 -21.04
C SER A 212 -30.14 29.98 -20.65
N PHE A 213 -31.01 29.50 -19.75
CA PHE A 213 -32.19 30.22 -19.34
C PHE A 213 -32.34 30.13 -17.83
N GLU A 214 -32.78 31.24 -17.24
CA GLU A 214 -33.06 31.34 -15.82
C GLU A 214 -34.53 31.70 -15.63
N GLY A 215 -35.16 31.08 -14.65
CA GLY A 215 -36.58 31.26 -14.41
C GLY A 215 -36.88 31.27 -12.93
N CYS A 216 -37.96 31.98 -12.59
CA CYS A 216 -38.35 32.22 -11.21
C CYS A 216 -39.35 31.17 -10.75
N HIS A 217 -39.06 30.50 -9.62
CA HIS A 217 -40.04 29.59 -9.05
C HIS A 217 -40.30 29.98 -7.60
N PRO A 218 -41.55 29.88 -7.13
CA PRO A 218 -41.85 30.37 -5.78
C PRO A 218 -41.15 29.61 -4.66
N ASP A 219 -40.86 28.31 -4.85
CA ASP A 219 -40.37 27.48 -3.76
C ASP A 219 -38.86 27.48 -3.62
N VAL A 220 -38.14 27.73 -4.72
CA VAL A 220 -36.68 27.68 -4.73
C VAL A 220 -36.16 29.03 -5.22
N GLU A 221 -34.86 29.24 -5.03
CA GLU A 221 -34.25 30.53 -5.38
C GLU A 221 -34.32 30.78 -6.88
N GLU A 222 -34.04 29.76 -7.68
CA GLU A 222 -34.00 29.92 -9.13
C GLU A 222 -34.06 28.55 -9.79
N VAL A 223 -34.43 28.56 -11.07
CA VAL A 223 -34.35 27.37 -11.92
C VAL A 223 -33.55 27.77 -13.15
N LEU A 224 -32.72 26.86 -13.66
CA LEU A 224 -31.93 27.14 -14.84
C LEU A 224 -31.92 25.91 -15.74
N PHE A 225 -31.71 26.15 -17.03
CA PHE A 225 -31.68 25.08 -18.01
C PHE A 225 -30.79 25.50 -19.17
N THR A 226 -29.95 24.56 -19.63
CA THR A 226 -29.12 24.83 -20.80
C THR A 226 -29.25 23.67 -21.77
N ILE A 227 -29.22 23.99 -23.06
CA ILE A 227 -29.16 22.99 -24.11
C ILE A 227 -27.90 23.23 -24.93
N LYS A 228 -27.10 22.19 -25.10
CA LYS A 228 -25.87 22.26 -25.88
C LYS A 228 -26.08 21.61 -27.24
N ILE A 229 -25.65 22.30 -28.30
CA ILE A 229 -25.68 21.75 -29.65
C ILE A 229 -24.30 21.94 -30.26
N VAL A 230 -23.70 20.83 -30.72
CA VAL A 230 -22.33 20.81 -31.22
C VAL A 230 -22.38 20.46 -32.71
N ARG A 231 -21.70 21.26 -33.52
CA ARG A 231 -21.63 21.07 -34.96
C ARG A 231 -20.18 20.81 -35.35
N TYR A 232 -19.92 19.63 -35.90
CA TYR A 232 -18.56 19.26 -36.27
C TYR A 232 -18.21 19.85 -37.62
N ASN A 233 -16.91 19.85 -37.94
CA ASN A 233 -16.40 20.52 -39.13
C ASN A 233 -16.91 19.91 -40.43
N GLN A 234 -17.69 18.82 -40.37
CA GLN A 234 -18.29 18.23 -41.57
C GLN A 234 -19.77 18.06 -41.31
N PRO A 235 -20.65 18.68 -42.12
CA PRO A 235 -22.11 18.56 -41.96
C PRO A 235 -22.60 17.11 -42.11
N MET A 241 -16.86 15.10 -46.69
CA MET A 241 -16.83 13.65 -46.84
C MET A 241 -17.93 12.98 -46.02
N GLN A 242 -17.70 12.87 -44.71
CA GLN A 242 -18.63 12.30 -43.75
C GLN A 242 -18.96 10.84 -44.03
N VAL A 243 -18.19 10.17 -44.89
CA VAL A 243 -18.33 8.73 -45.09
C VAL A 243 -17.54 7.94 -44.05
N PHE A 244 -16.86 8.62 -43.13
CA PHE A 244 -16.39 7.97 -41.92
C PHE A 244 -17.55 7.35 -41.13
N LEU A 245 -18.76 7.87 -41.31
CA LEU A 245 -19.95 7.27 -40.72
C LEU A 245 -20.40 6.00 -41.44
N LYS A 246 -19.77 5.65 -42.56
CA LYS A 246 -20.14 4.46 -43.32
C LYS A 246 -19.18 3.29 -43.08
N ASN A 247 -18.10 3.52 -42.35
CA ASN A 247 -17.23 2.43 -41.93
C ASN A 247 -17.99 1.51 -40.97
N PRO A 248 -17.98 0.19 -41.21
CA PRO A 248 -18.71 -0.74 -40.34
C PRO A 248 -17.92 -1.19 -39.12
N LEU A 249 -16.66 -0.76 -38.96
CA LEU A 249 -15.95 -1.01 -37.71
C LEU A 249 -16.69 -0.36 -36.54
N LEU A 250 -17.46 0.69 -36.81
CA LEU A 250 -18.26 1.35 -35.81
C LEU A 250 -19.53 0.58 -35.47
N SER A 251 -19.85 -0.47 -36.23
CA SER A 251 -20.88 -1.42 -35.86
C SER A 251 -20.38 -2.51 -34.92
N HIS A 252 -19.07 -2.51 -34.64
CA HIS A 252 -18.46 -3.49 -33.75
C HIS A 252 -18.05 -2.90 -32.41
N ILE A 253 -18.18 -1.59 -32.22
CA ILE A 253 -17.68 -0.93 -31.02
C ILE A 253 -18.60 -1.23 -29.85
N ARG A 254 -18.01 -1.64 -28.73
CA ARG A 254 -18.71 -1.82 -27.46
C ARG A 254 -18.01 -0.97 -26.39
N THR A 255 -18.46 -1.12 -25.15
CA THR A 255 -17.87 -0.42 -24.02
C THR A 255 -17.65 -1.38 -22.87
N VAL A 256 -16.61 -1.12 -22.09
CA VAL A 256 -16.27 -1.97 -20.95
C VAL A 256 -15.44 -1.18 -19.94
N ARG A 258 -12.74 -2.41 -16.56
CA ARG A 258 -11.29 -2.63 -16.56
C ARG A 258 -10.76 -2.85 -15.15
N GLN A 259 -10.79 -4.10 -14.70
CA GLN A 259 -10.30 -4.43 -13.37
C GLN A 259 -8.79 -4.21 -13.29
N ASP A 260 -8.32 -3.71 -12.15
CA ASP A 260 -6.92 -3.42 -11.93
C ASP A 260 -6.40 -4.27 -10.78
N LEU A 261 -5.22 -4.87 -10.97
CA LEU A 261 -4.66 -5.74 -9.96
C LEU A 261 -3.13 -5.77 -10.10
N PRO A 262 -2.39 -5.61 -9.00
CA PRO A 262 -0.94 -5.78 -9.05
C PRO A 262 -0.54 -7.16 -9.56
N ALA A 263 -0.04 -7.23 -10.78
CA ALA A 263 0.42 -8.48 -11.38
C ALA A 263 1.79 -8.25 -11.99
N LYS A 264 2.73 -9.13 -11.65
CA LYS A 264 4.10 -9.05 -12.16
C LYS A 264 4.42 -10.34 -12.90
N PHE A 265 4.79 -10.22 -14.18
CA PHE A 265 5.11 -11.37 -15.03
C PHE A 265 6.37 -11.04 -15.84
N VAL A 266 7.52 -11.13 -15.17
CA VAL A 266 8.80 -10.86 -15.82
C VAL A 266 9.93 -11.45 -14.99
N PHE B 4 6.80 2.80 -23.77
CA PHE B 4 8.24 2.57 -23.69
C PHE B 4 8.70 2.53 -22.23
N ASN B 5 10.02 2.57 -22.03
CA ASN B 5 10.57 2.54 -20.68
C ASN B 5 11.94 3.19 -20.71
N ILE B 6 12.16 4.17 -19.82
CA ILE B 6 13.44 4.85 -19.72
C ILE B 6 14.27 4.15 -18.66
N THR B 7 15.47 3.72 -19.04
CA THR B 7 16.34 3.00 -18.11
C THR B 7 17.01 3.99 -17.14
N TRP B 8 17.47 3.45 -16.01
CA TRP B 8 17.93 4.31 -14.93
C TRP B 8 19.25 5.02 -15.24
N GLU B 9 20.02 4.54 -16.23
CA GLU B 9 21.20 5.28 -16.66
C GLU B 9 20.80 6.54 -17.42
N GLU B 10 19.72 6.45 -18.21
CA GLU B 10 19.17 7.65 -18.83
C GLU B 10 18.72 8.65 -17.77
N GLN B 11 18.28 8.17 -16.62
CA GLN B 11 17.98 9.06 -15.50
C GLN B 11 19.27 9.66 -14.92
N LEU B 12 20.27 8.81 -14.69
CA LEU B 12 21.54 9.29 -14.14
C LEU B 12 22.23 10.28 -15.06
N GLN B 13 21.94 10.23 -16.36
CA GLN B 13 22.50 11.22 -17.28
C GLN B 13 21.93 12.60 -17.00
N ALA B 14 20.63 12.68 -16.68
CA ALA B 14 20.02 13.95 -16.31
C ALA B 14 20.39 14.37 -14.90
N LEU B 15 20.58 13.42 -13.98
CA LEU B 15 20.96 13.76 -12.62
C LEU B 15 22.40 14.24 -12.54
N SER B 16 23.27 13.71 -13.40
CA SER B 16 24.70 14.05 -13.34
C SER B 16 24.94 15.53 -13.56
N LYS B 17 24.02 16.22 -14.23
CA LYS B 17 24.17 17.64 -14.52
C LYS B 17 23.50 18.52 -13.48
N LEU B 18 23.06 17.94 -12.36
CA LEU B 18 22.54 18.70 -11.24
C LEU B 18 23.69 19.01 -10.28
N ASP B 19 23.90 20.30 -10.01
CA ASP B 19 24.98 20.70 -9.11
C ASP B 19 24.67 20.27 -7.69
N GLY B 20 25.72 19.93 -6.95
CA GLY B 20 25.59 19.52 -5.57
C GLY B 20 24.92 18.18 -5.35
N LEU B 21 24.56 17.46 -6.41
CA LEU B 21 23.92 16.16 -6.26
C LEU B 21 25.00 15.10 -6.08
N HIS B 22 25.20 14.69 -4.82
CA HIS B 22 26.20 13.68 -4.49
C HIS B 22 25.63 12.49 -3.73
N HIS B 23 24.43 12.59 -3.19
CA HIS B 23 23.81 11.52 -2.40
C HIS B 23 22.36 11.32 -2.85
N PRO B 24 22.16 10.77 -4.03
CA PRO B 24 20.79 10.53 -4.51
C PRO B 24 20.20 9.27 -3.92
N HIS B 25 18.87 9.21 -3.92
CA HIS B 25 18.19 8.02 -3.46
C HIS B 25 18.08 7.00 -4.60
N LYS B 26 17.67 5.79 -4.24
CA LYS B 26 17.67 4.69 -5.19
C LYS B 26 16.63 4.92 -6.29
N LEU B 27 17.07 4.87 -7.54
CA LEU B 27 16.20 4.85 -8.70
C LEU B 27 16.31 3.50 -9.41
N GLU B 28 15.38 3.26 -10.33
CA GLU B 28 15.28 1.97 -11.00
C GLU B 28 14.92 2.18 -12.46
N ASP B 29 14.83 1.07 -13.20
CA ASP B 29 14.14 1.06 -14.47
C ASP B 29 12.65 1.28 -14.26
N ILE B 30 12.03 2.01 -15.18
CA ILE B 30 10.64 2.44 -15.04
C ILE B 30 9.96 2.31 -16.40
N SER B 31 8.73 1.80 -16.40
CA SER B 31 7.98 1.52 -17.62
C SER B 31 6.78 2.45 -17.70
N VAL B 32 6.76 3.31 -18.72
CA VAL B 32 5.73 4.33 -18.89
C VAL B 32 4.79 3.92 -20.01
N HIS B 33 3.49 4.18 -19.82
CA HIS B 33 2.48 3.93 -20.84
C HIS B 33 1.57 5.15 -20.91
N TRP B 34 1.62 5.89 -22.02
CA TRP B 34 0.91 7.15 -22.13
C TRP B 34 -0.12 7.10 -23.23
N VAL B 35 -1.25 7.77 -23.00
CA VAL B 35 -2.29 7.95 -24.00
C VAL B 35 -2.64 9.43 -24.08
N PHE B 36 -3.10 9.85 -25.25
CA PHE B 36 -3.45 11.23 -25.52
C PHE B 36 -4.92 11.33 -25.88
N ASN B 37 -5.53 12.48 -25.55
CA ASN B 37 -6.92 12.72 -25.90
C ASN B 37 -7.12 14.18 -26.32
N PRO B 38 -7.70 14.41 -27.50
CA PRO B 38 -7.95 15.78 -27.97
C PRO B 38 -9.13 16.44 -27.28
N VAL B 39 -10.29 15.79 -27.27
CA VAL B 39 -11.38 16.22 -26.41
C VAL B 39 -10.95 16.01 -24.96
N ASP B 40 -11.19 17.01 -24.11
CA ASP B 40 -10.53 17.09 -22.82
C ASP B 40 -9.01 16.98 -23.01
N ILE B 41 -8.49 17.97 -23.75
CA ILE B 41 -7.14 17.93 -24.31
C ILE B 41 -6.10 17.68 -23.22
N SER B 42 -5.49 16.51 -23.26
CA SER B 42 -4.41 16.18 -22.32
C SER B 42 -3.73 14.91 -22.80
N VAL B 43 -2.69 14.53 -22.06
CA VAL B 43 -2.03 13.24 -22.18
C VAL B 43 -1.83 12.72 -20.76
N PHE B 44 -2.35 11.53 -20.47
CA PHE B 44 -2.23 11.02 -19.11
C PHE B 44 -1.02 10.10 -19.02
N VAL B 45 0.11 10.67 -18.62
CA VAL B 45 1.33 9.90 -18.41
C VAL B 45 1.14 8.96 -17.23
N THR B 46 1.61 7.71 -17.38
CA THR B 46 1.57 6.73 -16.30
C THR B 46 2.76 5.78 -16.44
N CYS B 47 3.50 5.57 -15.35
CA CYS B 47 4.73 4.79 -15.38
C CYS B 47 4.78 3.88 -14.15
N ALA B 48 5.27 2.65 -14.34
CA ALA B 48 5.17 1.60 -13.32
C ALA B 48 6.56 1.18 -12.85
N THR B 49 6.90 1.52 -11.59
CA THR B 49 8.15 1.08 -10.99
C THR B 49 8.00 -0.33 -10.42
N MET B 50 9.09 -0.88 -9.89
CA MET B 50 9.06 -2.15 -9.21
C MET B 50 9.22 -2.05 -7.69
N SER B 51 9.83 -0.97 -7.19
CA SER B 51 9.95 -0.76 -5.76
C SER B 51 8.72 -0.08 -5.18
N SER B 52 8.13 0.86 -5.92
CA SER B 52 6.96 1.60 -5.45
C SER B 52 5.70 1.34 -6.23
N HIS B 53 5.79 0.96 -7.51
CA HIS B 53 4.65 0.57 -8.33
C HIS B 53 3.64 1.72 -8.53
N ASN B 54 4.06 2.97 -8.28
CA ASN B 54 3.13 4.09 -8.27
C ASN B 54 3.90 5.36 -8.64
N THR B 55 3.63 5.90 -9.84
CA THR B 55 4.10 7.21 -10.27
C THR B 55 3.40 7.67 -11.54
N HIS B 56 2.35 8.48 -11.43
CA HIS B 56 1.58 8.92 -12.59
C HIS B 56 1.08 10.34 -12.42
N TYR B 57 1.13 11.12 -13.50
CA TYR B 57 0.80 12.54 -13.47
C TYR B 57 -0.17 12.84 -14.61
N THR B 58 -0.26 14.12 -15.00
CA THR B 58 -0.78 14.50 -16.30
C THR B 58 -0.46 15.95 -16.59
N PHE B 59 -0.61 16.32 -17.86
CA PHE B 59 -0.37 17.68 -18.31
C PHE B 59 -1.05 17.85 -19.65
N LYS B 60 -1.24 19.11 -20.04
CA LYS B 60 -1.88 19.45 -21.31
C LYS B 60 -0.80 19.64 -22.36
N PRO B 61 -0.80 18.89 -23.45
CA PRO B 61 0.24 19.03 -24.47
C PRO B 61 0.14 20.34 -25.23
N GLN B 62 0.97 20.47 -26.27
CA GLN B 62 0.89 21.54 -27.26
C GLN B 62 1.15 20.99 -28.65
N SER B 63 2.06 20.01 -28.75
CA SER B 63 2.42 19.38 -30.01
C SER B 63 1.81 17.97 -30.06
N SER B 64 2.04 17.28 -31.17
CA SER B 64 1.65 15.89 -31.27
C SER B 64 2.49 15.05 -30.31
N PRO B 65 1.87 14.36 -29.34
CA PRO B 65 2.67 13.65 -28.34
C PRO B 65 3.48 12.51 -28.96
N ASP B 66 4.76 12.47 -28.64
CA ASP B 66 5.67 11.42 -29.07
C ASP B 66 6.07 10.56 -27.87
N ASP B 67 6.78 9.47 -28.17
CA ASP B 67 7.40 8.67 -27.12
C ASP B 67 8.69 9.30 -26.62
N ALA B 68 9.12 10.42 -27.19
CA ALA B 68 10.36 11.08 -26.82
C ALA B 68 10.14 12.35 -26.01
N MET B 69 9.00 13.02 -26.14
CA MET B 69 8.76 14.24 -25.38
C MET B 69 8.00 13.99 -24.09
N VAL B 70 7.22 12.90 -24.00
CA VAL B 70 6.74 12.49 -22.69
C VAL B 70 7.89 11.89 -21.87
N ARG B 71 8.86 11.28 -22.55
CA ARG B 71 10.09 10.89 -21.90
C ARG B 71 10.81 12.10 -21.33
N GLU B 72 10.86 13.20 -22.08
CA GLU B 72 11.43 14.43 -21.57
C GLU B 72 10.58 15.01 -20.44
N TYR B 73 9.26 14.80 -20.49
CA TYR B 73 8.40 15.31 -19.42
C TYR B 73 8.69 14.60 -18.10
N VAL B 74 8.59 13.25 -18.10
CA VAL B 74 8.89 12.51 -16.88
C VAL B 74 10.34 12.72 -16.46
N LEU B 75 11.22 12.96 -17.43
CA LEU B 75 12.62 13.25 -17.10
C LEU B 75 12.76 14.61 -16.44
N SER B 76 11.87 15.55 -16.75
CA SER B 76 11.83 16.83 -16.06
C SER B 76 11.14 16.74 -14.71
N ARG B 77 10.31 15.71 -14.50
CA ARG B 77 9.69 15.50 -13.20
C ARG B 77 10.65 14.85 -12.22
N ILE B 78 11.45 13.88 -12.69
CA ILE B 78 12.28 13.10 -11.78
C ILE B 78 13.41 13.96 -11.20
N ILE B 79 13.96 14.86 -12.00
CA ILE B 79 15.01 15.74 -11.48
C ILE B 79 14.42 16.74 -10.50
N ALA B 80 13.28 17.34 -10.84
CA ALA B 80 12.59 18.23 -9.93
C ALA B 80 12.31 17.56 -8.59
N ASP B 81 12.01 16.25 -8.63
CA ASP B 81 11.89 15.50 -7.39
C ASP B 81 13.23 15.36 -6.69
N ASN B 82 14.27 14.98 -7.43
CA ASN B 82 15.57 14.68 -6.84
C ASN B 82 16.31 15.92 -6.35
N LEU B 83 15.80 17.12 -6.63
CA LEU B 83 16.43 18.33 -6.10
C LEU B 83 16.44 18.35 -4.58
N LYS B 84 15.56 17.59 -3.93
CA LYS B 84 15.51 17.54 -2.47
C LYS B 84 16.71 16.79 -1.88
N TYR B 85 17.54 16.17 -2.69
CA TYR B 85 18.69 15.41 -2.22
C TYR B 85 20.02 16.07 -2.56
N VAL B 86 20.00 17.24 -3.21
CA VAL B 86 21.25 17.96 -3.41
C VAL B 86 21.83 18.34 -2.06
N ASP B 87 23.15 18.57 -2.04
CA ASP B 87 23.88 18.58 -0.78
C ASP B 87 23.49 19.76 0.12
N ASN B 88 23.21 20.93 -0.45
CA ASN B 88 23.08 22.15 0.33
C ASN B 88 21.68 22.76 0.25
N LEU B 89 20.66 21.93 0.03
CA LEU B 89 19.26 22.32 0.25
C LEU B 89 18.62 21.28 1.15
N TYR B 90 19.11 20.04 1.06
CA TYR B 90 18.68 18.98 1.96
C TYR B 90 19.07 19.30 3.39
N LEU B 91 20.20 19.98 3.60
CA LEU B 91 20.55 20.43 4.94
C LEU B 91 19.73 21.64 5.35
N ALA B 92 19.36 22.50 4.40
CA ALA B 92 18.49 23.62 4.71
C ALA B 92 17.15 23.13 5.24
N ALA B 93 16.65 22.00 4.70
CA ALA B 93 15.44 21.39 5.23
C ALA B 93 15.72 20.64 6.52
N GLY B 94 16.88 19.98 6.62
CA GLY B 94 17.22 19.26 7.83
C GLY B 94 17.28 20.17 9.05
N ALA B 95 17.77 21.40 8.87
CA ALA B 95 17.73 22.37 9.96
C ALA B 95 16.29 22.76 10.31
N VAL B 96 15.38 22.69 9.34
CA VAL B 96 13.97 22.94 9.64
C VAL B 96 13.40 21.80 10.48
N ILE B 97 13.70 20.55 10.09
CA ILE B 97 13.17 19.40 10.83
C ILE B 97 13.73 19.38 12.25
N CYS B 98 15.04 19.55 12.39
CA CYS B 98 15.66 19.55 13.71
C CYS B 98 15.42 20.84 14.48
N GLY B 99 15.06 21.92 13.79
CA GLY B 99 14.83 23.20 14.43
C GLY B 99 13.56 23.27 15.26
N ASN B 100 12.78 22.20 15.32
CA ASN B 100 11.57 22.18 16.13
C ASN B 100 11.28 20.74 16.53
N ASP B 101 10.96 20.54 17.81
CA ASP B 101 10.60 19.21 18.28
C ASP B 101 9.32 18.71 17.63
N GLU B 102 8.39 19.60 17.34
CA GLU B 102 7.12 19.24 16.73
C GLU B 102 7.15 19.30 15.21
N TYR B 103 8.32 19.31 14.59
CA TYR B 103 8.39 19.30 13.14
C TYR B 103 8.60 17.86 12.67
N ILE B 104 7.56 17.29 12.07
CA ILE B 104 7.55 15.91 11.59
C ILE B 104 7.77 15.93 10.09
N SER B 105 8.75 15.16 9.62
CA SER B 105 9.03 15.14 8.19
C SER B 105 8.72 13.77 7.59
N ASP B 106 8.46 13.79 6.27
CA ASP B 106 8.24 12.57 5.51
C ASP B 106 8.99 12.56 4.18
N GLY B 107 9.80 13.57 3.90
CA GLY B 107 10.45 13.71 2.61
C GLY B 107 9.70 14.57 1.61
N ASN B 108 8.44 14.87 1.87
CA ASN B 108 7.62 15.69 1.00
C ASN B 108 6.88 16.80 1.74
N VAL B 109 6.37 16.52 2.94
CA VAL B 109 5.69 17.51 3.76
C VAL B 109 6.22 17.42 5.19
N VAL B 110 6.07 18.52 5.92
CA VAL B 110 6.35 18.54 7.35
C VAL B 110 5.24 19.30 8.07
N GLY B 111 5.04 18.96 9.34
CA GLY B 111 3.95 19.56 10.09
C GLY B 111 4.19 19.54 11.59
N ILE B 112 3.09 19.61 12.36
CA ILE B 112 3.13 19.75 13.81
C ILE B 112 2.52 18.54 14.52
N HIS B 113 1.27 18.22 14.21
CA HIS B 113 0.49 17.31 15.05
C HIS B 113 1.13 15.94 15.13
N ILE B 114 1.08 15.33 16.31
CA ILE B 114 1.63 14.01 16.56
C ILE B 114 0.56 13.15 17.22
N ALA B 115 0.29 11.98 16.65
CA ALA B 115 -0.71 11.07 17.19
C ALA B 115 -0.29 9.62 17.01
N LEU B 123 -0.79 11.21 12.74
CA LEU B 123 -1.69 12.24 12.25
C LEU B 123 -0.99 13.59 12.23
N ILE B 124 -0.79 14.14 11.04
CA ILE B 124 0.03 15.34 10.86
C ILE B 124 -0.79 16.44 10.22
N LEU B 125 -0.49 17.68 10.60
CA LEU B 125 -1.08 18.86 9.98
C LEU B 125 0.02 19.59 9.22
N PRO B 126 -0.02 19.60 7.88
CA PRO B 126 1.10 20.16 7.12
C PRO B 126 1.33 21.63 7.43
N VAL B 127 2.52 22.11 7.07
CA VAL B 127 2.89 23.51 7.26
C VAL B 127 3.88 23.89 6.17
N ILE B 128 4.68 22.92 5.73
CA ILE B 128 5.64 23.09 4.65
C ILE B 128 5.53 21.88 3.74
N GLU B 129 4.99 22.07 2.54
CA GLU B 129 4.85 21.00 1.56
C GLU B 129 5.81 21.24 0.42
N PHE B 130 6.71 20.28 0.20
CA PHE B 130 7.62 20.29 -0.94
C PHE B 130 6.90 19.67 -2.13
N MET B 131 6.62 20.49 -3.14
CA MET B 131 5.88 20.10 -4.34
C MET B 131 6.79 20.21 -5.55
N PRO B 132 7.48 19.14 -5.92
CA PRO B 132 8.24 19.15 -7.17
C PRO B 132 7.31 18.88 -8.35
N GLY B 133 7.61 19.55 -9.46
CA GLY B 133 6.84 19.33 -10.66
C GLY B 133 5.58 20.16 -10.79
N VAL B 134 5.43 21.21 -9.98
CA VAL B 134 4.32 22.15 -10.12
C VAL B 134 4.87 23.57 -10.07
N HIS B 135 4.21 24.46 -10.80
CA HIS B 135 4.43 25.89 -10.71
C HIS B 135 3.07 26.56 -10.53
N VAL B 136 3.04 27.65 -9.77
CA VAL B 136 1.76 28.23 -9.37
C VAL B 136 1.04 28.85 -10.55
N ASP B 137 1.76 29.25 -11.61
CA ASP B 137 1.09 29.80 -12.78
C ASP B 137 0.16 28.80 -13.43
N ASP B 138 0.47 27.50 -13.33
CA ASP B 138 -0.32 26.46 -13.97
C ASP B 138 -1.57 26.08 -13.19
N ILE B 139 -1.66 26.44 -11.91
CA ILE B 139 -2.78 26.06 -11.06
C ILE B 139 -3.48 27.27 -10.44
N SER B 140 -3.01 28.49 -10.72
CA SER B 140 -3.47 29.66 -9.96
C SER B 140 -4.97 29.88 -10.09
N ASP B 141 -5.48 29.85 -11.32
CA ASP B 141 -6.88 30.15 -11.59
C ASP B 141 -7.82 29.41 -10.64
N LYS B 142 -7.44 28.21 -10.20
CA LYS B 142 -8.20 27.50 -9.18
C LYS B 142 -8.02 28.10 -7.80
N LEU B 143 -7.00 28.95 -7.60
CA LEU B 143 -6.72 29.54 -6.31
C LEU B 143 -7.22 30.97 -6.16
N ILE B 144 -7.16 31.80 -7.21
CA ILE B 144 -7.66 33.17 -7.04
C ILE B 144 -9.17 33.17 -6.79
N LYS B 145 -9.90 32.21 -7.36
CA LYS B 145 -11.34 32.13 -7.12
C LYS B 145 -11.62 31.64 -5.69
N SER B 146 -10.88 30.64 -5.24
CA SER B 146 -11.09 30.13 -3.89
C SER B 146 -10.55 31.09 -2.83
N SER B 147 -9.55 31.90 -3.18
CA SER B 147 -9.04 32.88 -2.24
C SER B 147 -9.86 34.16 -2.30
N SER B 148 -10.03 34.79 -1.13
CA SER B 148 -10.69 36.08 -1.09
C SER B 148 -9.81 37.17 -1.67
N TYR B 149 -8.50 37.09 -1.48
CA TYR B 149 -7.58 38.06 -2.07
C TYR B 149 -6.15 37.51 -1.97
N GLN B 150 -5.23 38.23 -2.60
CA GLN B 150 -3.84 37.84 -2.72
C GLN B 150 -2.95 38.90 -2.05
N GLY B 151 -1.70 38.52 -1.80
CA GLY B 151 -0.76 39.38 -1.11
C GLY B 151 0.62 39.30 -1.71
N ILE B 152 1.54 40.08 -1.13
CA ILE B 152 2.92 40.15 -1.55
C ILE B 152 3.79 39.71 -0.38
N PHE B 153 4.72 38.80 -0.64
CA PHE B 153 5.63 38.28 0.38
C PHE B 153 7.06 38.51 -0.07
N LYS B 154 7.71 39.53 0.51
CA LYS B 154 9.11 39.78 0.22
C LYS B 154 9.96 38.74 0.93
N THR B 155 10.72 37.97 0.14
CA THR B 155 11.39 36.77 0.67
C THR B 155 12.56 37.12 1.60
N ASP B 156 13.09 38.34 1.54
CA ASP B 156 14.21 38.71 2.40
C ASP B 156 13.76 39.33 3.72
N ASN B 157 12.48 39.66 3.86
CA ASN B 157 11.95 40.19 5.12
C ASN B 157 11.64 39.02 6.05
N LEU B 158 12.41 38.92 7.13
CA LEU B 158 12.24 37.79 8.05
C LEU B 158 11.06 37.98 8.99
N GLU B 159 10.63 39.23 9.23
CA GLU B 159 9.44 39.43 10.07
C GLU B 159 8.20 38.83 9.43
N GLU B 160 8.13 38.83 8.10
CA GLU B 160 7.02 38.16 7.41
C GLU B 160 7.08 36.65 7.63
N PHE B 161 8.30 36.09 7.69
CA PHE B 161 8.44 34.70 8.09
C PHE B 161 8.01 34.51 9.55
N GLU B 162 8.28 35.51 10.39
CA GLU B 162 7.77 35.53 11.76
C GLU B 162 6.26 35.65 11.81
N PHE B 163 5.62 36.02 10.70
CA PHE B 163 4.17 35.92 10.58
C PHE B 163 3.75 34.52 10.14
N LEU B 164 4.40 33.97 9.11
CA LEU B 164 4.09 32.62 8.65
C LEU B 164 4.34 31.60 9.75
N VAL B 165 5.60 31.35 10.07
CA VAL B 165 5.94 30.55 11.24
C VAL B 165 6.23 31.53 12.38
N ASP B 166 6.57 31.02 13.55
CA ASP B 166 6.97 31.92 14.62
C ASP B 166 8.49 32.05 14.63
N LYS B 167 8.98 32.97 15.45
CA LYS B 167 10.40 33.30 15.54
C LYS B 167 11.26 32.07 15.80
N LYS B 168 10.63 30.97 16.20
CA LYS B 168 11.36 29.73 16.43
C LYS B 168 11.80 29.06 15.14
N ASN B 169 11.05 29.24 14.04
CA ASN B 169 11.33 28.53 12.79
C ASN B 169 11.57 29.45 11.59
N ALA B 170 11.20 30.72 11.67
CA ALA B 170 11.55 31.68 10.63
C ALA B 170 13.05 31.65 10.37
N ASN B 171 13.82 31.40 11.44
CA ASN B 171 15.27 31.24 11.39
C ASN B 171 15.74 30.45 10.18
N ASN B 172 15.29 29.19 10.05
CA ASN B 172 15.75 28.35 8.95
C ASN B 172 14.81 28.35 7.75
N VAL B 173 13.52 28.63 7.94
CA VAL B 173 12.60 28.62 6.80
C VAL B 173 12.97 29.70 5.80
N LYS B 174 13.40 30.87 6.28
CA LYS B 174 13.86 31.89 5.36
C LYS B 174 15.10 31.41 4.60
N GLU B 175 16.07 30.85 5.33
CA GLU B 175 17.32 30.40 4.71
C GLU B 175 17.09 29.26 3.72
N LEU B 176 16.04 28.47 3.94
CA LEU B 176 15.70 27.39 3.02
C LEU B 176 15.02 27.93 1.78
N ILE B 177 14.08 28.87 1.95
CA ILE B 177 13.41 29.49 0.82
C ILE B 177 14.43 30.12 -0.12
N LEU B 178 15.24 31.06 0.41
CA LEU B 178 16.23 31.66 -0.48
C LEU B 178 17.28 30.63 -0.90
N ALA B 179 17.56 29.65 -0.05
CA ALA B 179 18.46 28.57 -0.48
C ALA B 179 18.01 27.98 -1.81
N TYR B 180 16.73 27.61 -1.91
CA TYR B 180 16.19 27.18 -3.20
C TYR B 180 16.30 28.29 -4.24
N THR B 181 16.08 29.54 -3.85
CA THR B 181 16.19 30.64 -4.79
C THR B 181 17.58 30.72 -5.41
N ASP B 182 18.62 30.52 -4.59
CA ASP B 182 20.00 30.58 -5.07
C ASP B 182 20.34 29.37 -5.92
N TYR B 183 19.81 28.20 -5.56
CA TYR B 183 20.07 27.04 -6.41
C TYR B 183 19.44 27.21 -7.79
N PHE B 184 18.22 27.71 -7.86
CA PHE B 184 17.57 27.87 -9.15
C PHE B 184 18.11 29.05 -9.93
N ALA B 185 18.55 30.10 -9.25
CA ALA B 185 19.05 31.30 -9.92
C ALA B 185 20.53 31.21 -10.27
N ASN B 186 21.26 30.28 -9.67
CA ASN B 186 22.70 30.16 -9.89
C ASN B 186 23.13 28.81 -10.43
N LYS B 187 22.45 27.72 -10.07
CA LYS B 187 22.81 26.40 -10.56
C LYS B 187 21.91 25.92 -11.69
N LEU B 188 20.75 26.53 -11.88
CA LEU B 188 19.80 26.18 -12.93
C LEU B 188 19.35 27.43 -13.67
N ALA B 189 20.29 28.33 -13.96
CA ALA B 189 19.95 29.63 -14.51
C ALA B 189 19.84 29.56 -16.04
N PHE B 190 18.76 30.12 -16.57
CA PHE B 190 18.68 30.37 -18.00
C PHE B 190 19.62 31.53 -18.36
N LYS B 191 20.04 31.56 -19.63
CA LYS B 191 20.83 32.69 -20.10
C LYS B 191 20.06 33.99 -19.95
N ASP B 192 18.78 33.99 -20.31
CA ASP B 192 17.87 35.05 -19.92
C ASP B 192 17.25 34.65 -18.59
N PRO B 193 17.62 35.28 -17.48
CA PRO B 193 17.30 34.71 -16.17
C PRO B 193 15.83 34.81 -15.83
N ALA B 194 15.29 33.73 -15.27
CA ALA B 194 13.90 33.68 -14.83
C ALA B 194 13.79 34.09 -13.37
N GLU B 195 12.79 34.90 -13.06
CA GLU B 195 12.61 35.38 -11.70
C GLU B 195 11.71 34.45 -10.91
N PRO B 196 11.96 34.30 -9.60
CA PRO B 196 11.10 33.46 -8.77
C PRO B 196 9.70 34.05 -8.65
N ALA B 197 8.75 33.17 -8.35
CA ALA B 197 7.35 33.56 -8.24
C ALA B 197 6.86 33.23 -6.83
N VAL B 198 6.70 34.27 -6.00
CA VAL B 198 6.13 34.13 -4.66
C VAL B 198 4.74 34.76 -4.70
N GLU B 199 3.73 33.96 -4.38
CA GLU B 199 2.35 34.42 -4.42
C GLU B 199 1.62 34.00 -3.15
N MET B 200 0.95 34.94 -2.51
CA MET B 200 0.25 34.72 -1.27
C MET B 200 -1.25 34.76 -1.51
N TYR B 201 -1.96 33.78 -0.98
CA TYR B 201 -3.41 33.69 -1.08
C TYR B 201 -3.99 33.62 0.33
N GLN B 202 -4.99 34.46 0.60
CA GLN B 202 -5.63 34.55 1.90
C GLN B 202 -7.03 33.96 1.81
N PHE B 203 -7.36 33.07 2.74
CA PHE B 203 -8.67 32.43 2.79
C PHE B 203 -9.25 32.58 4.19
N ILE B 204 -10.43 31.99 4.37
CA ILE B 204 -11.21 32.17 5.61
C ILE B 204 -10.47 31.56 6.80
N ASP B 205 -9.86 30.39 6.62
CA ASP B 205 -9.31 29.63 7.73
C ASP B 205 -7.79 29.61 7.80
N ARG B 206 -7.09 30.05 6.76
CA ARG B 206 -5.65 29.91 6.73
C ARG B 206 -5.06 30.91 5.74
N THR B 207 -3.74 31.00 5.75
CA THR B 207 -2.95 31.77 4.79
C THR B 207 -2.00 30.81 4.09
N GLU B 208 -1.87 30.96 2.78
CA GLU B 208 -1.00 30.09 2.00
C GLU B 208 -0.04 30.92 1.16
N VAL B 209 1.26 30.70 1.33
CA VAL B 209 2.27 31.40 0.53
C VAL B 209 3.01 30.36 -0.30
N TYR B 210 3.21 30.68 -1.58
CA TYR B 210 3.77 29.74 -2.55
C TYR B 210 5.05 30.32 -3.13
N PHE B 211 6.08 29.47 -3.22
CA PHE B 211 7.36 29.86 -3.81
C PHE B 211 7.68 28.88 -4.94
N SER B 212 7.65 29.37 -6.18
CA SER B 212 7.90 28.54 -7.35
C SER B 212 9.09 29.09 -8.12
N PHE B 213 9.87 28.17 -8.70
CA PHE B 213 11.11 28.48 -9.38
C PHE B 213 11.18 27.73 -10.71
N GLU B 214 11.75 28.39 -11.71
CA GLU B 214 12.05 27.79 -13.00
C GLU B 214 13.56 27.65 -13.17
N GLY B 215 13.96 26.69 -13.99
CA GLY B 215 15.36 26.32 -14.09
C GLY B 215 15.64 25.65 -15.41
N CYS B 216 16.84 25.89 -15.93
CA CYS B 216 17.27 25.38 -17.23
C CYS B 216 18.02 24.07 -17.05
N HIS B 217 17.60 23.04 -17.78
CA HIS B 217 18.33 21.78 -17.74
C HIS B 217 18.74 21.36 -19.15
N PRO B 218 19.92 20.78 -19.30
CA PRO B 218 20.37 20.37 -20.65
C PRO B 218 19.42 19.39 -21.34
N ASP B 219 18.82 18.46 -20.60
CA ASP B 219 18.10 17.35 -21.21
C ASP B 219 16.61 17.63 -21.43
N VAL B 220 16.01 18.51 -20.62
CA VAL B 220 14.60 18.81 -20.71
C VAL B 220 14.42 20.30 -20.97
N GLU B 221 13.19 20.68 -21.32
CA GLU B 221 12.91 22.08 -21.64
C GLU B 221 12.92 22.95 -20.37
N GLU B 222 12.44 22.40 -19.26
CA GLU B 222 12.25 23.19 -18.05
C GLU B 222 12.24 22.28 -16.84
N VAL B 223 12.75 22.81 -15.73
CA VAL B 223 12.52 22.22 -14.41
C VAL B 223 11.90 23.29 -13.53
N LEU B 224 10.90 22.92 -12.75
CA LEU B 224 10.27 23.88 -11.85
C LEU B 224 10.05 23.22 -10.50
N PHE B 225 9.97 24.05 -9.46
CA PHE B 225 9.79 23.53 -8.11
C PHE B 225 8.97 24.53 -7.31
N THR B 226 7.97 24.03 -6.58
CA THR B 226 7.15 24.86 -5.72
C THR B 226 7.20 24.33 -4.31
N ILE B 227 7.34 25.22 -3.34
CA ILE B 227 7.18 24.87 -1.93
C ILE B 227 6.09 25.75 -1.36
N LYS B 228 5.15 25.14 -0.65
CA LYS B 228 3.98 25.82 -0.10
C LYS B 228 4.10 25.87 1.41
N ILE B 229 4.00 27.07 1.97
CA ILE B 229 4.05 27.27 3.42
C ILE B 229 2.68 27.79 3.85
N VAL B 230 2.04 27.06 4.77
CA VAL B 230 0.69 27.35 5.21
C VAL B 230 0.71 27.77 6.68
N ARG B 231 0.14 28.93 6.97
CA ARG B 231 0.01 29.44 8.33
C ARG B 231 -1.47 29.64 8.62
N TYR B 232 -2.01 28.81 9.51
CA TYR B 232 -3.43 28.83 9.78
C TYR B 232 -3.79 29.94 10.76
N ASN B 233 -5.07 30.28 10.78
CA ASN B 233 -5.55 31.41 11.57
C ASN B 233 -5.32 31.16 13.06
N GLN B 234 -4.56 32.07 13.67
CA GLN B 234 -4.25 32.05 15.10
C GLN B 234 -3.59 30.74 15.51
N PRO B 235 -2.28 30.57 15.25
CA PRO B 235 -1.55 29.35 15.65
C PRO B 235 -1.45 29.23 17.17
N MET B 241 -6.46 28.62 20.51
CA MET B 241 -6.23 27.53 19.58
C MET B 241 -5.38 26.42 20.22
N GLN B 242 -4.66 26.78 21.28
CA GLN B 242 -3.91 25.78 22.04
C GLN B 242 -4.83 24.81 22.76
N VAL B 243 -6.07 25.23 23.06
CA VAL B 243 -7.07 24.31 23.59
C VAL B 243 -7.29 23.15 22.64
N PHE B 244 -7.24 23.41 21.33
CA PHE B 244 -7.40 22.35 20.34
C PHE B 244 -6.24 21.37 20.39
N LEU B 245 -5.02 21.84 20.68
CA LEU B 245 -3.86 20.96 20.71
C LEU B 245 -3.84 20.05 21.92
N LYS B 246 -4.54 20.41 22.99
CA LYS B 246 -4.58 19.61 24.21
C LYS B 246 -5.70 18.58 24.19
N ASN B 247 -6.56 18.60 23.19
CA ASN B 247 -7.67 17.66 23.12
C ASN B 247 -7.15 16.27 22.79
N PRO B 248 -7.41 15.25 23.61
CA PRO B 248 -6.88 13.91 23.32
C PRO B 248 -7.64 13.17 22.23
N LEU B 249 -8.76 13.71 21.75
CA LEU B 249 -9.48 13.06 20.66
C LEU B 249 -8.62 12.91 19.42
N LEU B 250 -7.68 13.84 19.21
CA LEU B 250 -6.79 13.76 18.05
C LEU B 250 -5.72 12.70 18.22
N SER B 251 -5.54 12.16 19.43
CA SER B 251 -4.75 10.96 19.62
C SER B 251 -5.55 9.70 19.31
N HIS B 252 -6.82 9.84 18.95
CA HIS B 252 -7.70 8.71 18.65
C HIS B 252 -8.06 8.64 17.18
N ILE B 253 -7.48 9.49 16.34
CA ILE B 253 -7.78 9.53 14.91
C ILE B 253 -6.88 8.53 14.18
N ARG B 254 -7.46 7.86 13.18
CA ARG B 254 -6.70 7.09 12.21
C ARG B 254 -7.27 7.36 10.83
N THR B 255 -7.33 6.35 9.96
CA THR B 255 -7.95 6.53 8.65
C THR B 255 -8.27 5.15 8.06
N VAL B 256 -9.22 5.15 7.13
CA VAL B 256 -9.66 3.91 6.47
C VAL B 256 -10.31 4.25 5.13
N VAL B 257 -10.72 3.21 4.39
CA VAL B 257 -11.30 3.37 3.07
C VAL B 257 -12.68 2.74 3.06
N ARG B 258 -13.68 3.49 2.62
CA ARG B 258 -15.06 3.01 2.57
C ARG B 258 -15.25 2.00 1.44
N ARG C 6 -31.25 35.69 -0.03
CA ARG C 6 -32.13 35.80 -1.18
C ARG C 6 -33.43 35.03 -0.97
N SER C 7 -33.35 33.70 -0.88
CA SER C 7 -32.10 32.95 -0.96
C SER C 7 -32.34 31.52 -1.39
N GLY C 9 -27.91 33.32 -3.68
CA GLY C 9 -27.09 33.48 -4.87
C GLY C 9 -27.84 33.27 -6.16
N GLN C 10 -28.28 34.37 -6.77
CA GLN C 10 -28.97 34.32 -8.06
C GLN C 10 -28.54 35.53 -8.86
N ARG C 11 -29.39 35.96 -9.80
CA ARG C 11 -29.13 37.12 -10.65
C ARG C 11 -27.87 36.93 -11.50
N ARG C 12 -28.03 36.37 -12.69
CA ARG C 12 -26.92 36.18 -13.61
C ARG C 12 -26.97 37.15 -14.79
N ARG C 13 -28.04 37.10 -15.60
CA ARG C 13 -28.20 37.97 -16.76
C ARG C 13 -29.60 38.59 -16.67
N SER C 14 -29.71 39.69 -15.93
CA SER C 14 -30.97 40.35 -15.70
C SER C 14 -31.23 41.52 -16.65
N ASN C 15 -30.30 41.79 -17.56
CA ASN C 15 -30.46 42.89 -18.50
C ASN C 15 -31.49 42.55 -19.58
N ARG D 6 13.24 24.08 -26.21
CA ARG D 6 12.88 24.75 -27.46
C ARG D 6 11.45 24.42 -27.86
N SER D 7 10.90 23.35 -27.28
CA SER D 7 9.55 22.92 -27.57
C SER D 7 9.04 22.11 -26.37
N ARG D 8 7.86 21.50 -26.54
CA ARG D 8 7.22 20.66 -25.53
C ARG D 8 6.80 21.44 -24.29
N GLY D 9 7.29 22.68 -24.14
CA GLY D 9 6.95 23.50 -22.99
C GLY D 9 6.71 24.95 -23.34
N ARG D 11 7.90 29.60 -21.20
CA ARG D 11 8.40 29.97 -19.88
C ARG D 11 7.48 31.00 -19.23
N ARG D 12 7.61 31.16 -17.91
CA ARG D 12 6.77 32.11 -17.20
C ARG D 12 7.33 33.53 -17.34
N ARG D 13 7.24 34.32 -16.28
CA ARG D 13 7.71 35.70 -16.33
C ARG D 13 9.23 35.75 -16.43
N SER D 14 9.74 36.67 -17.25
CA SER D 14 11.17 36.80 -17.46
C SER D 14 11.62 38.25 -17.38
N ASN D 15 10.73 39.18 -17.74
CA ASN D 15 11.02 40.62 -17.75
C ASN D 15 12.25 40.92 -18.61
N PHE E 4 -34.24 -23.15 -8.46
CA PHE E 4 -34.13 -23.62 -7.09
C PHE E 4 -33.08 -22.84 -6.32
N ASN E 5 -32.03 -23.54 -5.86
CA ASN E 5 -31.09 -22.94 -4.92
C ASN E 5 -29.82 -23.78 -4.90
N ILE E 6 -28.82 -23.34 -5.66
CA ILE E 6 -27.46 -23.85 -5.45
C ILE E 6 -26.79 -22.95 -4.44
N THR E 7 -25.84 -23.50 -3.70
CA THR E 7 -25.06 -22.76 -2.73
C THR E 7 -23.58 -22.86 -3.11
N TRP E 8 -22.79 -21.90 -2.64
CA TRP E 8 -21.38 -21.88 -2.98
C TRP E 8 -20.63 -23.12 -2.53
N GLU E 9 -21.22 -23.94 -1.67
CA GLU E 9 -20.63 -25.22 -1.31
C GLU E 9 -20.55 -26.15 -2.51
N GLU E 10 -21.62 -26.22 -3.30
CA GLU E 10 -21.61 -27.08 -4.48
C GLU E 10 -20.73 -26.50 -5.57
N GLN E 11 -20.82 -25.19 -5.80
CA GLN E 11 -19.96 -24.53 -6.78
C GLN E 11 -18.49 -24.81 -6.47
N LEU E 12 -18.06 -24.44 -5.26
CA LEU E 12 -16.66 -24.63 -4.88
C LEU E 12 -16.28 -26.10 -4.81
N GLN E 13 -17.26 -26.98 -4.54
CA GLN E 13 -16.98 -28.40 -4.58
C GLN E 13 -16.68 -28.87 -6.00
N ALA E 14 -17.34 -28.27 -6.99
CA ALA E 14 -17.05 -28.61 -8.38
C ALA E 14 -15.73 -27.99 -8.83
N LEU E 15 -15.45 -26.75 -8.40
CA LEU E 15 -14.22 -26.08 -8.79
C LEU E 15 -12.99 -26.61 -8.06
N SER E 16 -13.19 -27.38 -6.98
CA SER E 16 -12.05 -27.92 -6.24
C SER E 16 -11.23 -28.90 -7.08
N LYS E 17 -11.83 -29.48 -8.13
CA LYS E 17 -11.16 -30.45 -8.98
C LYS E 17 -10.69 -29.84 -10.30
N LEU E 18 -10.61 -28.52 -10.38
CA LEU E 18 -10.03 -27.82 -11.53
C LEU E 18 -8.58 -27.51 -11.19
N ASP E 19 -7.66 -28.26 -11.81
CA ASP E 19 -6.25 -28.09 -11.54
C ASP E 19 -5.79 -26.69 -11.95
N GLY E 20 -4.76 -26.19 -11.26
CA GLY E 20 -4.15 -24.93 -11.61
C GLY E 20 -4.77 -23.71 -10.96
N LEU E 21 -6.09 -23.71 -10.74
CA LEU E 21 -6.72 -22.55 -10.11
C LEU E 21 -6.33 -22.47 -8.64
N HIS E 22 -5.87 -21.29 -8.23
CA HIS E 22 -5.56 -21.05 -6.83
C HIS E 22 -6.04 -19.69 -6.32
N HIS E 23 -6.74 -18.91 -7.15
CA HIS E 23 -7.23 -17.59 -6.74
C HIS E 23 -8.56 -17.34 -7.41
N PRO E 24 -9.66 -17.82 -6.82
CA PRO E 24 -10.99 -17.57 -7.39
C PRO E 24 -11.57 -16.26 -6.89
N HIS E 25 -12.45 -15.69 -7.71
CA HIS E 25 -13.13 -14.47 -7.29
C HIS E 25 -14.34 -14.81 -6.42
N LYS E 26 -14.93 -13.77 -5.83
CA LYS E 26 -16.00 -13.97 -4.86
C LYS E 26 -17.21 -14.65 -5.50
N LEU E 27 -17.66 -15.74 -4.90
CA LEU E 27 -18.86 -16.43 -5.32
C LEU E 27 -19.94 -16.29 -4.26
N GLU E 28 -21.19 -16.51 -4.68
CA GLU E 28 -22.31 -16.39 -3.76
C GLU E 28 -23.45 -17.26 -4.25
N ASP E 29 -24.40 -17.52 -3.35
CA ASP E 29 -25.58 -18.28 -3.72
C ASP E 29 -26.43 -17.51 -4.72
N ILE E 30 -27.15 -18.24 -5.57
CA ILE E 30 -27.94 -17.71 -6.66
C ILE E 30 -29.33 -18.26 -6.37
N SER E 31 -30.34 -17.88 -7.16
CA SER E 31 -31.61 -18.62 -7.11
C SER E 31 -32.07 -18.86 -8.54
N VAL E 32 -32.10 -20.13 -8.95
CA VAL E 32 -32.44 -20.49 -10.32
C VAL E 32 -33.94 -20.75 -10.44
N HIS E 33 -34.50 -20.27 -11.55
CA HIS E 33 -35.87 -20.47 -11.96
C HIS E 33 -35.88 -20.80 -13.44
N TRP E 34 -36.63 -21.84 -13.80
CA TRP E 34 -36.68 -22.34 -15.17
C TRP E 34 -38.02 -22.99 -15.46
N PHE E 36 -39.41 -23.42 -20.01
CA PHE E 36 -39.31 -24.51 -20.97
C PHE E 36 -40.55 -24.60 -21.84
N ASN E 37 -40.36 -24.46 -23.15
CA ASN E 37 -41.48 -24.62 -24.07
C ASN E 37 -41.34 -25.89 -24.88
N PRO E 38 -42.41 -26.66 -25.03
CA PRO E 38 -42.36 -27.83 -25.92
C PRO E 38 -42.08 -27.48 -27.37
N VAL E 39 -42.54 -26.32 -27.84
CA VAL E 39 -42.21 -25.88 -29.19
C VAL E 39 -40.73 -25.52 -29.24
N ASP E 40 -40.04 -26.04 -30.26
CA ASP E 40 -38.60 -25.85 -30.46
C ASP E 40 -37.77 -26.55 -29.40
N ILE E 41 -38.41 -27.01 -28.32
CA ILE E 41 -37.77 -27.77 -27.24
C ILE E 41 -36.57 -27.02 -26.70
N SER E 42 -36.82 -26.01 -25.86
CA SER E 42 -35.75 -25.19 -25.31
C SER E 42 -36.03 -24.89 -23.85
N VAL E 43 -34.99 -25.00 -23.03
CA VAL E 43 -35.03 -24.61 -21.63
C VAL E 43 -34.06 -23.45 -21.46
N PHE E 44 -34.60 -22.26 -21.23
CA PHE E 44 -33.78 -21.08 -20.98
C PHE E 44 -33.89 -20.75 -19.50
N VAL E 45 -32.85 -21.08 -18.73
CA VAL E 45 -32.87 -20.84 -17.30
C VAL E 45 -32.59 -19.36 -17.03
N THR E 46 -32.92 -18.92 -15.81
CA THR E 46 -32.37 -17.68 -15.28
C THR E 46 -32.25 -17.80 -13.78
N CYS E 47 -31.37 -17.01 -13.21
CA CYS E 47 -31.10 -17.13 -11.79
C CYS E 47 -30.61 -15.80 -11.24
N ALA E 48 -30.93 -15.56 -9.97
CA ALA E 48 -30.76 -14.25 -9.37
C ALA E 48 -29.68 -14.29 -8.30
N THR E 49 -28.59 -13.59 -8.57
CA THR E 49 -27.58 -13.34 -7.56
C THR E 49 -28.09 -12.27 -6.60
N MET E 50 -27.19 -11.78 -5.74
CA MET E 50 -27.53 -10.71 -4.81
C MET E 50 -26.66 -9.48 -4.95
N SER E 51 -25.60 -9.54 -5.75
CA SER E 51 -24.76 -8.38 -6.02
C SER E 51 -24.87 -7.88 -7.45
N SER E 52 -25.35 -8.70 -8.38
CA SER E 52 -25.54 -8.32 -9.78
C SER E 52 -26.96 -8.52 -10.27
N HIS E 53 -27.67 -9.52 -9.75
CA HIS E 53 -29.03 -9.90 -10.12
C HIS E 53 -29.32 -9.79 -11.61
N ASN E 54 -28.52 -10.50 -12.40
CA ASN E 54 -28.80 -10.64 -13.83
C ASN E 54 -27.95 -11.72 -14.49
N THR E 55 -28.50 -12.94 -14.63
CA THR E 55 -27.86 -13.97 -15.45
C THR E 55 -28.91 -14.95 -15.95
N HIS E 56 -28.92 -15.14 -17.28
CA HIS E 56 -29.83 -16.06 -17.95
C HIS E 56 -29.02 -16.95 -18.88
N TYR E 57 -29.44 -18.20 -19.01
CA TYR E 57 -28.76 -19.16 -19.86
C TYR E 57 -29.73 -19.92 -20.76
N PHE E 59 -29.87 -23.30 -23.62
CA PHE E 59 -29.39 -24.58 -24.09
C PHE E 59 -30.56 -25.42 -24.62
N LYS E 60 -30.24 -26.44 -25.42
CA LYS E 60 -31.25 -27.34 -25.99
C LYS E 60 -31.01 -28.76 -25.49
N PRO E 61 -31.82 -29.27 -24.58
CA PRO E 61 -31.57 -30.62 -24.04
C PRO E 61 -32.05 -31.71 -24.98
N GLN E 62 -31.72 -32.96 -24.62
CA GLN E 62 -32.12 -34.15 -25.35
C GLN E 62 -32.78 -35.19 -24.47
N SER E 63 -33.24 -34.79 -23.28
CA SER E 63 -33.91 -35.69 -22.36
C SER E 63 -34.87 -34.89 -21.50
N SER E 64 -35.75 -35.59 -20.80
CA SER E 64 -36.71 -34.95 -19.92
C SER E 64 -35.99 -34.10 -18.89
N PRO E 65 -36.30 -32.80 -18.79
CA PRO E 65 -35.61 -31.93 -17.83
C PRO E 65 -35.80 -32.36 -16.38
N ASP E 66 -35.12 -31.65 -15.48
CA ASP E 66 -35.19 -31.88 -14.05
C ASP E 66 -34.54 -30.69 -13.37
N ASP E 67 -34.90 -30.47 -12.10
CA ASP E 67 -34.20 -29.48 -11.30
C ASP E 67 -32.72 -29.81 -11.21
N ALA E 68 -32.41 -31.02 -10.73
CA ALA E 68 -31.02 -31.46 -10.65
C ALA E 68 -30.34 -31.48 -12.01
N MET E 69 -31.12 -31.59 -13.09
CA MET E 69 -30.53 -31.67 -14.43
C MET E 69 -29.86 -30.36 -14.83
N VAL E 70 -30.58 -29.25 -14.69
CA VAL E 70 -30.06 -27.97 -15.18
C VAL E 70 -29.02 -27.36 -14.25
N ARG E 71 -28.90 -27.84 -13.01
CA ARG E 71 -27.82 -27.36 -12.15
C ARG E 71 -26.48 -27.96 -12.57
N GLU E 72 -26.50 -29.14 -13.21
CA GLU E 72 -25.31 -29.62 -13.89
C GLU E 72 -24.85 -28.61 -14.93
N TYR E 73 -25.80 -27.90 -15.55
CA TYR E 73 -25.46 -26.91 -16.56
C TYR E 73 -25.10 -25.56 -15.93
N VAL E 74 -25.69 -25.19 -14.79
CA VAL E 74 -25.20 -24.01 -14.11
C VAL E 74 -23.73 -24.22 -13.73
N LEU E 75 -23.40 -25.45 -13.29
CA LEU E 75 -22.01 -25.77 -12.98
C LEU E 75 -21.15 -25.83 -14.24
N SER E 76 -21.72 -26.27 -15.37
CA SER E 76 -20.97 -26.21 -16.63
C SER E 76 -20.58 -24.78 -16.95
N ARG E 77 -21.53 -23.84 -16.81
CA ARG E 77 -21.27 -22.46 -17.20
C ARG E 77 -20.26 -21.80 -16.28
N ILE E 78 -20.48 -21.87 -14.96
CA ILE E 78 -19.53 -21.17 -14.09
C ILE E 78 -18.21 -21.91 -13.95
N ILE E 79 -18.20 -23.23 -14.14
CA ILE E 79 -16.94 -23.95 -14.26
C ILE E 79 -16.16 -23.46 -15.47
N ALA E 80 -16.86 -23.28 -16.60
CA ALA E 80 -16.21 -22.73 -17.78
C ALA E 80 -15.74 -21.30 -17.56
N ASP E 81 -16.45 -20.54 -16.73
CA ASP E 81 -16.07 -19.16 -16.48
C ASP E 81 -14.83 -19.06 -15.58
N ASN E 82 -14.77 -19.89 -14.54
CA ASN E 82 -13.65 -19.84 -13.61
C ASN E 82 -12.34 -20.33 -14.21
N LEU E 83 -12.36 -20.84 -15.44
CA LEU E 83 -11.10 -21.26 -16.07
C LEU E 83 -10.20 -20.07 -16.37
N LYS E 84 -10.77 -18.88 -16.52
CA LYS E 84 -9.99 -17.68 -16.80
C LYS E 84 -9.12 -17.26 -15.62
N TYR E 85 -9.24 -17.91 -14.47
CA TYR E 85 -8.47 -17.57 -13.28
C TYR E 85 -7.44 -18.63 -12.92
N VAL E 86 -7.44 -19.77 -13.63
CA VAL E 86 -6.32 -20.71 -13.51
C VAL E 86 -5.05 -19.98 -13.91
N ASP E 87 -4.07 -19.97 -13.00
CA ASP E 87 -2.97 -19.01 -13.05
C ASP E 87 -2.26 -18.94 -14.39
N ASN E 88 -1.76 -20.07 -14.91
CA ASN E 88 -0.99 -20.01 -16.16
C ASN E 88 -1.82 -19.44 -17.30
N LEU E 89 -3.08 -19.86 -17.43
CA LEU E 89 -3.98 -19.24 -18.40
C LEU E 89 -4.29 -17.80 -18.04
N TYR E 90 -4.53 -17.54 -16.75
CA TYR E 90 -5.01 -16.24 -16.30
C TYR E 90 -4.00 -15.14 -16.63
N LEU E 91 -2.75 -15.29 -16.20
CA LEU E 91 -1.75 -14.30 -16.58
C LEU E 91 -1.08 -14.63 -17.90
N ALA E 92 -1.45 -15.74 -18.55
CA ALA E 92 -1.22 -15.85 -19.98
C ALA E 92 -2.06 -14.85 -20.74
N ALA E 93 -3.25 -14.52 -20.22
CA ALA E 93 -4.00 -13.38 -20.72
C ALA E 93 -3.41 -12.08 -20.19
N GLY E 94 -3.01 -12.06 -18.92
CA GLY E 94 -2.31 -10.87 -18.41
C GLY E 94 -1.12 -10.46 -19.25
N ALA E 95 -0.46 -11.43 -19.88
CA ALA E 95 0.69 -11.11 -20.73
C ALA E 95 0.26 -10.42 -22.01
N VAL E 96 -0.87 -10.81 -22.59
CA VAL E 96 -1.32 -10.16 -23.81
C VAL E 96 -1.93 -8.80 -23.51
N ILE E 97 -2.45 -8.59 -22.31
CA ILE E 97 -2.97 -7.27 -21.96
C ILE E 97 -1.85 -6.30 -21.62
N CYS E 98 -0.91 -6.72 -20.76
CA CYS E 98 0.21 -5.86 -20.45
C CYS E 98 1.18 -5.72 -21.60
N GLY E 99 1.18 -6.67 -22.54
CA GLY E 99 2.06 -6.62 -23.70
C GLY E 99 1.75 -5.51 -24.69
N ASN E 100 0.68 -4.76 -24.48
CA ASN E 100 0.35 -3.63 -25.34
C ASN E 100 -0.32 -2.56 -24.49
N ASP E 101 0.21 -1.34 -24.54
CA ASP E 101 -0.36 -0.24 -23.76
C ASP E 101 -1.76 0.15 -24.22
N GLU E 102 -2.21 -0.32 -25.38
CA GLU E 102 -3.52 0.04 -25.92
C GLU E 102 -4.45 -1.16 -26.00
N TYR E 103 -4.26 -2.14 -25.12
CA TYR E 103 -5.18 -3.27 -24.98
C TYR E 103 -5.95 -3.08 -23.69
N ILE E 104 -7.22 -2.70 -23.80
CA ILE E 104 -8.10 -2.43 -22.66
C ILE E 104 -9.02 -3.61 -22.46
N SER E 105 -9.31 -3.95 -21.20
CA SER E 105 -9.92 -5.23 -20.87
C SER E 105 -11.11 -5.03 -19.93
N ASP E 106 -11.78 -6.15 -19.65
CA ASP E 106 -12.84 -6.17 -18.65
C ASP E 106 -12.94 -7.53 -17.98
N GLY E 107 -12.05 -8.48 -18.28
CA GLY E 107 -12.14 -9.84 -17.80
C GLY E 107 -12.75 -10.80 -18.79
N ASN E 108 -13.41 -10.30 -19.83
CA ASN E 108 -14.07 -11.14 -20.83
C ASN E 108 -13.73 -10.79 -22.26
N VAL E 109 -13.18 -9.60 -22.52
CA VAL E 109 -12.84 -9.19 -23.89
C VAL E 109 -11.86 -8.03 -23.80
N VAL E 110 -10.85 -8.06 -24.66
CA VAL E 110 -9.87 -6.99 -24.71
C VAL E 110 -9.80 -6.45 -26.14
N GLY E 111 -9.43 -5.18 -26.25
CA GLY E 111 -9.36 -4.53 -27.55
C GLY E 111 -9.08 -3.05 -27.46
N HIS E 113 -8.60 2.06 -27.85
CA HIS E 113 -9.88 2.67 -28.20
C HIS E 113 -11.00 2.14 -27.30
N ILE E 114 -11.85 3.03 -26.81
CA ILE E 114 -11.72 4.46 -27.08
C ILE E 114 -11.51 5.21 -25.76
N ALA E 115 -11.11 6.49 -25.87
CA ALA E 115 -10.80 7.29 -24.69
C ALA E 115 -12.03 7.88 -24.03
N ASP E 116 -13.19 7.85 -24.68
CA ASP E 116 -14.40 8.40 -24.08
C ASP E 116 -14.78 7.62 -22.83
N GLY E 117 -15.29 8.33 -21.83
CA GLY E 117 -15.65 7.72 -20.56
C GLY E 117 -16.74 6.67 -20.66
N ILE E 124 -14.89 0.36 -26.54
CA ILE E 124 -13.84 -0.59 -26.90
C ILE E 124 -14.16 -1.29 -28.21
N LEU E 125 -13.15 -1.49 -29.04
CA LEU E 125 -13.31 -2.23 -30.27
C LEU E 125 -12.76 -3.64 -30.07
N PRO E 126 -13.61 -4.67 -30.03
CA PRO E 126 -13.12 -6.03 -29.76
C PRO E 126 -12.01 -6.46 -30.70
N VAL E 127 -11.01 -7.12 -30.12
CA VAL E 127 -9.98 -7.81 -30.88
C VAL E 127 -9.95 -9.30 -30.56
N ILE E 128 -10.19 -9.66 -29.31
CA ILE E 128 -10.21 -11.06 -28.88
C ILE E 128 -11.17 -11.19 -27.71
N GLU E 129 -12.10 -12.14 -27.81
CA GLU E 129 -13.14 -12.30 -26.81
C GLU E 129 -13.07 -13.69 -26.18
N PHE E 130 -13.18 -13.73 -24.85
CA PHE E 130 -13.27 -14.96 -24.09
C PHE E 130 -14.73 -15.36 -23.98
N MET E 131 -15.08 -16.53 -24.52
CA MET E 131 -16.45 -17.04 -24.53
C MET E 131 -16.48 -18.37 -23.79
N PRO E 132 -16.71 -18.35 -22.48
CA PRO E 132 -16.82 -19.60 -21.73
C PRO E 132 -18.21 -20.20 -21.81
N GLY E 133 -18.26 -21.53 -21.83
CA GLY E 133 -19.51 -22.26 -21.79
C GLY E 133 -20.13 -22.57 -23.12
N VAL E 134 -19.54 -22.11 -24.23
CA VAL E 134 -20.08 -22.34 -25.56
C VAL E 134 -19.00 -22.96 -26.43
N HIS E 135 -19.42 -23.48 -27.59
CA HIS E 135 -18.55 -24.14 -28.54
C HIS E 135 -18.94 -23.69 -29.95
N VAL E 136 -17.94 -23.61 -30.83
CA VAL E 136 -18.20 -23.10 -32.19
C VAL E 136 -19.09 -24.06 -32.95
N ASP E 137 -18.99 -25.36 -32.67
CA ASP E 137 -19.80 -26.35 -33.39
C ASP E 137 -21.29 -26.17 -33.10
N ASP E 138 -21.64 -25.65 -31.93
CA ASP E 138 -23.04 -25.48 -31.56
C ASP E 138 -23.69 -24.27 -32.23
N ILE E 139 -22.89 -23.30 -32.67
CA ILE E 139 -23.39 -22.10 -33.33
C ILE E 139 -22.86 -21.98 -34.75
N SER E 140 -22.26 -23.05 -35.28
CA SER E 140 -21.49 -22.95 -36.52
C SER E 140 -22.37 -22.57 -37.71
N ASP E 141 -23.63 -23.01 -37.73
CA ASP E 141 -24.48 -22.78 -38.90
C ASP E 141 -24.67 -21.29 -39.15
N LYS E 142 -24.97 -20.53 -38.10
CA LYS E 142 -25.20 -19.09 -38.25
C LYS E 142 -23.97 -18.36 -38.79
N LEU E 143 -22.78 -18.93 -38.62
CA LEU E 143 -21.57 -18.33 -39.20
C LEU E 143 -21.27 -18.85 -40.60
N ILE E 144 -21.54 -20.13 -40.86
CA ILE E 144 -21.34 -20.68 -42.19
C ILE E 144 -22.24 -19.98 -43.20
N LYS E 145 -23.46 -19.63 -42.77
CA LYS E 145 -24.36 -18.88 -43.64
C LYS E 145 -23.85 -17.45 -43.86
N SER E 146 -23.39 -16.80 -42.79
CA SER E 146 -23.05 -15.39 -42.86
C SER E 146 -21.64 -15.12 -43.39
N SER E 147 -20.77 -16.12 -43.39
CA SER E 147 -19.39 -15.91 -43.80
C SER E 147 -19.22 -16.12 -45.30
N SER E 148 -18.23 -15.45 -45.87
CA SER E 148 -17.92 -15.65 -47.29
C SER E 148 -17.38 -17.06 -47.53
N TYR E 149 -16.44 -17.50 -46.69
CA TYR E 149 -15.92 -18.86 -46.76
C TYR E 149 -15.23 -19.18 -45.44
N GLN E 150 -14.65 -20.38 -45.37
CA GLN E 150 -14.02 -20.88 -44.16
C GLN E 150 -12.56 -21.20 -44.41
N GLY E 151 -11.75 -21.08 -43.36
CA GLY E 151 -10.34 -21.41 -43.44
C GLY E 151 -9.90 -22.17 -42.21
N ILE E 152 -8.68 -22.69 -42.29
CA ILE E 152 -8.06 -23.38 -41.16
C ILE E 152 -6.95 -22.50 -40.61
N PHE E 153 -6.67 -22.69 -39.31
CA PHE E 153 -5.68 -21.89 -38.60
C PHE E 153 -4.78 -22.83 -37.82
N LYS E 154 -3.53 -22.98 -38.27
CA LYS E 154 -2.57 -23.82 -37.57
C LYS E 154 -2.13 -23.12 -36.29
N THR E 155 -2.37 -23.77 -35.14
CA THR E 155 -2.10 -23.14 -33.86
C THR E 155 -0.60 -23.04 -33.59
N ASP E 156 0.16 -24.06 -33.98
CA ASP E 156 1.60 -24.07 -33.70
C ASP E 156 2.37 -23.08 -34.55
N ASN E 157 1.76 -22.49 -35.57
CA ASN E 157 2.44 -21.60 -36.50
C ASN E 157 2.38 -20.17 -35.98
N LEU E 158 3.54 -19.54 -35.83
CA LEU E 158 3.59 -18.17 -35.31
C LEU E 158 3.16 -17.15 -36.35
N GLU E 159 3.33 -17.46 -37.64
CA GLU E 159 3.08 -16.48 -38.69
C GLU E 159 1.59 -16.15 -38.81
N GLU E 160 0.72 -17.14 -38.60
CA GLU E 160 -0.72 -16.86 -38.62
C GLU E 160 -1.10 -15.88 -37.52
N PHE E 161 -0.53 -16.05 -36.32
CA PHE E 161 -0.72 -15.07 -35.27
C PHE E 161 -0.10 -13.74 -35.64
N GLU E 162 0.96 -13.74 -36.46
CA GLU E 162 1.45 -12.49 -37.02
C GLU E 162 0.51 -11.90 -38.06
N PHE E 163 -0.44 -12.69 -38.57
CA PHE E 163 -1.43 -12.16 -39.51
C PHE E 163 -2.62 -11.55 -38.77
N LEU E 164 -3.30 -12.34 -37.93
CA LEU E 164 -4.47 -11.82 -37.24
C LEU E 164 -4.09 -10.72 -36.26
N VAL E 165 -3.07 -10.95 -35.45
CA VAL E 165 -2.52 -9.95 -34.56
C VAL E 165 -1.24 -9.41 -35.19
N ASP E 166 -0.90 -8.17 -34.86
CA ASP E 166 0.40 -7.65 -35.27
C ASP E 166 1.52 -8.48 -34.63
N LYS E 167 2.71 -8.37 -35.21
CA LYS E 167 3.85 -9.13 -34.70
C LYS E 167 4.23 -8.74 -33.28
N LYS E 168 3.64 -7.66 -32.73
CA LYS E 168 3.95 -7.26 -31.37
C LYS E 168 3.34 -8.21 -30.35
N ASN E 169 2.09 -8.63 -30.57
CA ASN E 169 1.37 -9.49 -29.63
C ASN E 169 1.12 -10.88 -30.20
N ALA E 170 1.75 -11.25 -31.30
CA ALA E 170 1.46 -12.53 -31.94
C ALA E 170 1.86 -13.70 -31.06
N ASN E 171 3.05 -13.62 -30.44
CA ASN E 171 3.54 -14.74 -29.63
C ASN E 171 2.72 -14.91 -28.36
N ASN E 172 2.46 -13.81 -27.65
CA ASN E 172 1.67 -13.86 -26.42
C ASN E 172 0.31 -14.50 -26.66
N VAL E 173 -0.41 -14.00 -27.66
CA VAL E 173 -1.72 -14.58 -28.00
C VAL E 173 -1.57 -16.03 -28.42
N LYS E 174 -0.48 -16.36 -29.12
CA LYS E 174 -0.22 -17.73 -29.53
C LYS E 174 -0.17 -18.68 -28.34
N GLU E 175 0.83 -18.54 -27.47
CA GLU E 175 0.89 -19.53 -26.40
C GLU E 175 -0.13 -19.26 -25.29
N LEU E 176 -0.91 -18.18 -25.39
CA LEU E 176 -2.18 -18.14 -24.68
C LEU E 176 -3.14 -19.18 -25.26
N ILE E 177 -3.25 -19.22 -26.59
CA ILE E 177 -4.11 -20.19 -27.25
C ILE E 177 -3.67 -21.61 -26.90
N LEU E 178 -2.42 -21.96 -27.19
CA LEU E 178 -2.02 -23.31 -26.85
C LEU E 178 -1.80 -23.51 -25.35
N ALA E 179 -1.85 -22.44 -24.56
CA ALA E 179 -1.97 -22.61 -23.11
C ALA E 179 -3.34 -23.18 -22.75
N TYR E 180 -4.40 -22.59 -23.31
CA TYR E 180 -5.73 -23.17 -23.14
C TYR E 180 -5.80 -24.57 -23.73
N THR E 181 -5.11 -24.79 -24.86
CA THR E 181 -5.11 -26.11 -25.48
C THR E 181 -4.46 -27.15 -24.58
N ASP E 182 -3.30 -26.80 -23.99
CA ASP E 182 -2.64 -27.73 -23.08
C ASP E 182 -3.48 -27.97 -21.84
N TYR E 183 -4.12 -26.92 -21.33
CA TYR E 183 -4.93 -27.07 -20.12
C TYR E 183 -6.12 -28.00 -20.36
N PHE E 184 -6.83 -27.80 -21.47
CA PHE E 184 -7.97 -28.66 -21.77
C PHE E 184 -7.53 -30.07 -22.14
N ALA E 185 -6.39 -30.21 -22.81
CA ALA E 185 -5.94 -31.52 -23.26
C ALA E 185 -5.32 -32.35 -22.16
N ASN E 186 -4.84 -31.72 -21.08
CA ASN E 186 -4.13 -32.44 -20.04
C ASN E 186 -4.75 -32.30 -18.65
N LYS E 187 -5.37 -31.17 -18.34
CA LYS E 187 -6.04 -30.99 -17.05
C LYS E 187 -7.54 -31.22 -17.12
N LEU E 188 -8.11 -31.24 -18.32
CA LEU E 188 -9.51 -31.56 -18.55
C LEU E 188 -9.64 -32.72 -19.54
N ALA E 189 -8.71 -33.68 -19.45
CA ALA E 189 -8.62 -34.74 -20.44
C ALA E 189 -9.71 -35.78 -20.22
N PHE E 190 -10.40 -36.16 -21.30
CA PHE E 190 -11.28 -37.30 -21.28
C PHE E 190 -10.47 -38.58 -21.47
N LYS E 191 -11.11 -39.71 -21.14
CA LYS E 191 -10.50 -41.01 -21.45
C LYS E 191 -10.26 -41.15 -22.95
N ASP E 192 -11.26 -40.82 -23.76
CA ASP E 192 -11.09 -40.69 -25.18
C ASP E 192 -10.75 -39.24 -25.50
N PRO E 193 -9.55 -38.96 -26.01
CA PRO E 193 -9.12 -37.56 -26.12
C PRO E 193 -9.98 -36.76 -27.08
N ALA E 194 -10.28 -35.51 -26.69
CA ALA E 194 -11.06 -34.60 -27.51
C ALA E 194 -10.12 -33.66 -28.27
N GLU E 195 -10.31 -33.60 -29.57
CA GLU E 195 -9.47 -32.71 -30.38
C GLU E 195 -9.99 -31.27 -30.30
N PRO E 196 -9.11 -30.29 -30.16
CA PRO E 196 -9.56 -28.89 -30.16
C PRO E 196 -10.05 -28.48 -31.54
N ALA E 197 -11.05 -27.61 -31.55
CA ALA E 197 -11.67 -27.16 -32.79
C ALA E 197 -11.24 -25.74 -33.09
N VAL E 198 -10.56 -25.53 -34.20
CA VAL E 198 -10.16 -24.20 -34.65
C VAL E 198 -10.78 -23.97 -36.02
N GLU E 199 -11.61 -22.94 -36.13
CA GLU E 199 -12.36 -22.69 -37.36
C GLU E 199 -12.24 -21.23 -37.75
N MET E 200 -11.95 -20.99 -39.02
CA MET E 200 -11.80 -19.64 -39.55
C MET E 200 -12.99 -19.30 -40.45
N TYR E 201 -13.49 -18.07 -40.31
CA TYR E 201 -14.60 -17.55 -41.10
C TYR E 201 -14.18 -16.20 -41.65
N GLN E 202 -14.22 -16.08 -42.97
CA GLN E 202 -13.88 -14.84 -43.66
C GLN E 202 -15.15 -14.04 -43.92
N PHE E 203 -15.12 -12.76 -43.56
CA PHE E 203 -16.23 -11.85 -43.79
C PHE E 203 -15.77 -10.72 -44.71
N ILE E 204 -16.73 -9.88 -45.09
CA ILE E 204 -16.42 -8.76 -45.97
C ILE E 204 -15.54 -7.74 -45.26
N ASP E 205 -15.69 -7.61 -43.94
CA ASP E 205 -15.03 -6.55 -43.18
C ASP E 205 -13.98 -7.05 -42.20
N ARG E 206 -13.96 -8.34 -41.87
CA ARG E 206 -13.08 -8.82 -40.81
C ARG E 206 -12.77 -10.29 -41.04
N THR E 207 -12.01 -10.86 -40.10
CA THR E 207 -11.59 -12.26 -40.13
C THR E 207 -11.79 -12.83 -38.73
N GLU E 208 -12.71 -13.78 -38.58
CA GLU E 208 -13.04 -14.32 -37.28
C GLU E 208 -12.55 -15.75 -37.17
N VAL E 209 -11.67 -16.01 -36.21
CA VAL E 209 -11.17 -17.37 -35.98
C VAL E 209 -11.52 -17.77 -34.54
N TYR E 210 -12.07 -18.97 -34.40
CA TYR E 210 -12.60 -19.48 -33.15
C TYR E 210 -11.79 -20.69 -32.70
N PHE E 211 -11.47 -20.71 -31.40
CA PHE E 211 -10.68 -21.77 -30.77
C PHE E 211 -11.51 -22.35 -29.63
N SER E 212 -12.14 -23.49 -29.89
CA SER E 212 -13.07 -24.11 -28.97
C SER E 212 -12.48 -25.39 -28.40
N PHE E 213 -12.81 -25.64 -27.13
CA PHE E 213 -12.23 -26.73 -26.34
C PHE E 213 -13.32 -27.35 -25.47
N GLU E 214 -13.29 -28.67 -25.39
CA GLU E 214 -14.16 -29.45 -24.51
C GLU E 214 -13.29 -30.12 -23.44
N GLY E 215 -13.83 -30.21 -22.23
CA GLY E 215 -13.06 -30.69 -21.10
C GLY E 215 -13.90 -31.54 -20.18
N CYS E 216 -13.21 -32.46 -19.49
CA CYS E 216 -13.85 -33.49 -18.67
C CYS E 216 -13.89 -33.06 -17.21
N HIS E 217 -15.07 -33.08 -16.61
CA HIS E 217 -15.27 -32.79 -15.20
C HIS E 217 -16.09 -33.92 -14.59
N PRO E 218 -15.81 -34.31 -13.34
CA PRO E 218 -16.60 -35.40 -12.74
C PRO E 218 -18.03 -34.99 -12.44
N ASP E 219 -18.27 -33.75 -12.02
CA ASP E 219 -19.61 -33.32 -11.65
C ASP E 219 -20.46 -32.95 -12.85
N VAL E 220 -19.86 -32.63 -14.00
CA VAL E 220 -20.58 -32.14 -15.16
C VAL E 220 -20.32 -33.08 -16.33
N GLU E 221 -21.29 -33.13 -17.25
CA GLU E 221 -21.11 -33.94 -18.46
C GLU E 221 -19.95 -33.42 -19.30
N GLU E 222 -19.78 -32.09 -19.36
CA GLU E 222 -18.74 -31.50 -20.19
C GLU E 222 -18.56 -30.04 -19.80
N VAL E 223 -17.37 -29.52 -20.09
CA VAL E 223 -17.06 -28.10 -19.95
C VAL E 223 -16.62 -27.59 -21.31
N LEU E 224 -17.04 -26.37 -21.66
CA LEU E 224 -16.76 -25.83 -22.98
C LEU E 224 -16.19 -24.43 -22.85
N PHE E 225 -15.20 -24.12 -23.70
CA PHE E 225 -14.62 -22.78 -23.69
C PHE E 225 -14.06 -22.48 -25.07
N THR E 226 -14.42 -21.33 -25.63
CA THR E 226 -13.89 -20.91 -26.92
C THR E 226 -13.41 -19.47 -26.84
N ILE E 227 -12.42 -19.14 -27.67
CA ILE E 227 -11.81 -17.82 -27.70
C ILE E 227 -11.80 -17.35 -29.15
N LYS E 228 -12.18 -16.10 -29.38
CA LYS E 228 -12.43 -15.59 -30.73
C LYS E 228 -11.51 -14.41 -31.05
N ILE E 229 -10.64 -14.60 -32.06
CA ILE E 229 -9.84 -13.50 -32.60
C ILE E 229 -10.58 -12.89 -33.78
N VAL E 230 -10.61 -11.57 -33.83
CA VAL E 230 -11.13 -10.82 -34.96
C VAL E 230 -10.02 -9.94 -35.50
N ARG E 231 -9.67 -10.15 -36.77
CA ARG E 231 -8.65 -9.36 -37.46
C ARG E 231 -9.33 -8.65 -38.63
N TYR E 232 -9.58 -7.35 -38.46
CA TYR E 232 -10.34 -6.60 -39.45
C TYR E 232 -9.55 -6.48 -40.74
N ASN E 233 -10.26 -6.09 -41.80
CA ASN E 233 -9.65 -5.97 -43.13
C ASN E 233 -8.51 -4.98 -43.16
N GLN E 234 -8.40 -4.11 -42.18
CA GLN E 234 -7.42 -3.06 -42.17
C GLN E 234 -6.34 -3.36 -41.14
N PRO E 235 -5.08 -3.00 -41.40
CA PRO E 235 -4.05 -3.21 -40.39
C PRO E 235 -4.18 -2.21 -39.25
N LEU E 236 -3.51 -2.53 -38.15
CA LEU E 236 -3.44 -1.61 -37.03
C LEU E 236 -2.36 -0.57 -37.26
N ASN E 237 -1.31 -0.93 -38.01
CA ASN E 237 -0.21 -0.01 -38.23
C ASN E 237 -0.57 1.07 -39.25
N SER E 238 -1.35 0.72 -40.26
CA SER E 238 -1.67 1.72 -41.30
C SER E 238 -2.44 2.90 -40.72
N MET E 241 -5.14 3.05 -42.51
CA MET E 241 -6.26 2.88 -41.59
C MET E 241 -6.31 4.01 -40.57
N GLN E 242 -5.13 4.49 -40.17
CA GLN E 242 -5.05 5.51 -39.12
C GLN E 242 -5.82 6.78 -39.49
N VAL E 243 -6.14 6.97 -40.77
CA VAL E 243 -7.01 8.07 -41.16
C VAL E 243 -8.39 7.94 -40.51
N PHE E 244 -8.75 6.74 -40.07
CA PHE E 244 -10.02 6.50 -39.38
C PHE E 244 -9.86 6.61 -37.87
N LEU E 245 -8.82 6.00 -37.31
CA LEU E 245 -8.63 6.00 -35.86
C LEU E 245 -8.17 7.34 -35.32
N LYS E 246 -7.57 8.18 -36.16
CA LYS E 246 -7.10 9.49 -35.71
C LYS E 246 -8.23 10.51 -35.62
N ASN E 247 -9.41 10.20 -36.14
CA ASN E 247 -10.55 11.10 -36.00
C ASN E 247 -10.96 11.19 -34.54
N PRO E 248 -11.00 12.40 -33.96
CA PRO E 248 -11.41 12.54 -32.56
C PRO E 248 -12.91 12.42 -32.34
N LEU E 249 -13.70 12.24 -33.40
CA LEU E 249 -15.08 11.82 -33.20
C LEU E 249 -15.13 10.51 -32.44
N LEU E 250 -14.11 9.68 -32.59
CA LEU E 250 -13.79 8.66 -31.61
C LEU E 250 -13.28 9.35 -30.34
N SER E 251 -13.96 9.09 -29.22
CA SER E 251 -13.84 9.76 -27.92
C SER E 251 -14.91 10.84 -27.80
N HIS E 252 -15.82 10.89 -28.77
CA HIS E 252 -17.01 11.73 -28.70
C HIS E 252 -18.30 10.93 -28.70
N ILE E 253 -18.23 9.60 -28.79
CA ILE E 253 -19.40 8.75 -28.89
C ILE E 253 -19.54 7.94 -27.61
N ARG E 254 -20.77 7.88 -27.10
CA ARG E 254 -21.14 6.92 -26.06
C ARG E 254 -22.42 6.23 -26.50
N THR E 255 -23.08 5.51 -25.61
CA THR E 255 -24.35 4.88 -25.94
C THR E 255 -25.26 4.91 -24.71
N VAL E 256 -26.56 4.84 -24.97
CA VAL E 256 -27.55 4.89 -23.90
C VAL E 256 -28.84 4.22 -24.37
N VAL E 257 -29.89 4.30 -23.56
CA VAL E 257 -31.16 3.68 -23.92
C VAL E 257 -31.82 4.44 -25.05
N ARG E 258 -32.63 3.74 -25.84
CA ARG E 258 -33.31 4.31 -26.98
C ARG E 258 -34.78 4.64 -26.69
N GLN E 259 -35.22 4.47 -25.44
CA GLN E 259 -36.61 4.75 -25.09
C GLN E 259 -36.90 6.25 -25.13
N ARG F 6 -24.20 -39.79 -19.06
CA ARG F 6 -24.84 -38.48 -19.04
C ARG F 6 -26.19 -38.52 -19.74
N SER F 7 -26.88 -37.38 -19.76
CA SER F 7 -28.19 -37.27 -20.40
C SER F 7 -28.54 -35.83 -20.69
N ARG F 11 -19.85 -35.57 -27.64
CA ARG F 11 -18.64 -34.82 -27.99
C ARG F 11 -18.73 -34.31 -29.42
N ARG F 12 -18.07 -33.17 -29.70
CA ARG F 12 -18.03 -32.65 -31.06
C ARG F 12 -16.94 -33.35 -31.86
N ARG F 13 -15.68 -32.94 -31.65
CA ARG F 13 -14.56 -33.57 -32.32
C ARG F 13 -14.44 -35.04 -31.89
N SER F 14 -15.11 -35.91 -32.62
CA SER F 14 -15.12 -37.34 -32.31
C SER F 14 -13.71 -37.93 -32.33
N GLN G 3 5.60 -22.11 5.77
CA GLN G 3 6.00 -23.51 5.87
C GLN G 3 5.04 -24.40 5.09
N PHE G 4 3.77 -24.02 5.06
CA PHE G 4 2.79 -24.84 4.35
C PHE G 4 1.73 -23.93 3.74
N ASN G 5 0.80 -24.54 3.01
CA ASN G 5 -0.22 -23.78 2.29
C ASN G 5 -1.61 -24.12 2.80
N ILE G 6 -2.52 -23.17 2.65
CA ILE G 6 -3.93 -23.36 2.95
C ILE G 6 -4.69 -23.02 1.67
N THR G 7 -5.13 -24.04 0.96
CA THR G 7 -5.95 -23.82 -0.22
C THR G 7 -7.39 -23.54 0.20
N TRP G 8 -8.10 -22.83 -0.66
CA TRP G 8 -9.45 -22.38 -0.33
C TRP G 8 -10.45 -23.52 -0.18
N GLU G 9 -10.04 -24.77 -0.39
CA GLU G 9 -10.96 -25.90 -0.21
C GLU G 9 -11.11 -26.23 1.28
N GLU G 10 -10.02 -26.64 1.92
CA GLU G 10 -10.02 -26.83 3.36
C GLU G 10 -10.40 -25.54 4.08
N GLN G 11 -10.14 -24.39 3.47
CA GLN G 11 -10.57 -23.13 4.04
C GLN G 11 -12.06 -22.89 3.83
N LEU G 12 -12.65 -23.48 2.78
CA LEU G 12 -14.04 -23.21 2.45
C LEU G 12 -15.00 -24.11 3.22
N GLN G 13 -14.68 -25.41 3.35
CA GLN G 13 -15.60 -26.28 4.08
C GLN G 13 -15.55 -26.02 5.58
N ALA G 14 -14.57 -25.24 6.04
CA ALA G 14 -14.64 -24.66 7.38
C ALA G 14 -15.70 -23.57 7.45
N LEU G 15 -15.88 -22.81 6.37
CA LEU G 15 -16.97 -21.83 6.30
C LEU G 15 -18.31 -22.49 6.03
N SER G 16 -18.31 -23.66 5.39
CA SER G 16 -19.56 -24.35 5.06
C SER G 16 -20.34 -24.72 6.32
N LYS G 17 -19.68 -24.78 7.47
CA LYS G 17 -20.33 -25.07 8.74
C LYS G 17 -20.77 -23.81 9.48
N LEU G 18 -20.64 -22.64 8.85
CA LEU G 18 -21.16 -21.39 9.40
C LEU G 18 -22.61 -21.24 8.95
N ASP G 19 -23.54 -21.34 9.89
CA ASP G 19 -24.95 -21.27 9.57
C ASP G 19 -25.32 -19.86 9.11
N GLY G 20 -25.96 -19.76 7.94
CA GLY G 20 -26.38 -18.49 7.39
C GLY G 20 -25.37 -17.80 6.52
N LEU G 21 -24.14 -18.32 6.42
CA LEU G 21 -23.11 -17.70 5.60
C LEU G 21 -23.39 -18.07 4.14
N HIS G 22 -24.04 -17.16 3.42
CA HIS G 22 -24.34 -17.36 2.01
C HIS G 22 -23.59 -16.39 1.10
N HIS G 23 -22.96 -15.35 1.66
CA HIS G 23 -22.22 -14.35 0.88
C HIS G 23 -20.81 -14.27 1.44
N PRO G 24 -19.95 -15.22 1.10
CA PRO G 24 -18.59 -15.23 1.64
C PRO G 24 -17.69 -14.24 0.92
N HIS G 25 -16.53 -13.98 1.53
CA HIS G 25 -15.55 -13.06 0.97
C HIS G 25 -14.66 -13.78 -0.02
N LYS G 26 -13.95 -13.01 -0.83
CA LYS G 26 -13.01 -13.56 -1.79
C LYS G 26 -11.88 -14.27 -1.06
N LEU G 27 -11.73 -15.57 -1.33
CA LEU G 27 -10.73 -16.40 -0.65
C LEU G 27 -9.53 -16.64 -1.56
N GLU G 28 -8.44 -17.08 -0.94
CA GLU G 28 -7.20 -17.38 -1.65
C GLU G 28 -6.52 -18.55 -0.98
N ASP G 29 -5.40 -18.98 -1.56
CA ASP G 29 -4.48 -19.89 -0.90
C ASP G 29 -3.47 -19.08 -0.11
N ILE G 30 -3.37 -19.37 1.18
CA ILE G 30 -2.49 -18.64 2.10
C ILE G 30 -1.26 -19.50 2.33
N SER G 31 -0.12 -19.04 1.82
CA SER G 31 1.16 -19.71 2.08
C SER G 31 1.69 -19.19 3.40
N VAL G 32 1.47 -19.96 4.46
CA VAL G 32 1.72 -19.56 5.83
C VAL G 32 3.11 -20.01 6.26
N HIS G 33 3.81 -19.13 6.97
CA HIS G 33 5.14 -19.37 7.51
C HIS G 33 5.14 -19.03 9.00
N TRP G 34 5.88 -19.83 9.77
CA TRP G 34 5.87 -19.66 11.21
C TRP G 34 7.21 -20.07 11.82
N VAL G 35 7.73 -19.22 12.69
CA VAL G 35 8.87 -19.53 13.54
C VAL G 35 8.39 -19.58 14.98
N PHE G 36 9.27 -20.03 15.88
CA PHE G 36 8.94 -20.17 17.29
C PHE G 36 10.01 -19.52 18.14
N ASN G 37 9.58 -18.87 19.22
CA ASN G 37 10.47 -18.29 20.22
C ASN G 37 10.20 -18.95 21.57
N PRO G 38 11.12 -19.77 22.09
CA PRO G 38 10.93 -20.33 23.44
C PRO G 38 11.28 -19.28 24.49
N VAL G 39 10.40 -19.12 25.47
CA VAL G 39 10.55 -18.14 26.55
C VAL G 39 10.60 -16.73 25.96
N ASP G 40 9.46 -16.07 25.87
CA ASP G 40 8.17 -16.64 26.27
C ASP G 40 7.62 -17.53 25.17
N ILE G 41 6.95 -18.61 25.57
CA ILE G 41 6.46 -19.63 24.65
C ILE G 41 5.74 -19.04 23.46
N VAL G 43 4.84 -17.38 19.93
CA VAL G 43 4.83 -18.04 18.62
C VAL G 43 3.76 -17.44 17.70
N PHE G 44 4.11 -16.34 17.03
CA PHE G 44 3.17 -15.64 16.15
C PHE G 44 3.62 -15.76 14.70
N VAL G 45 2.66 -16.04 13.84
CA VAL G 45 2.93 -16.65 12.54
C VAL G 45 2.37 -15.75 11.45
N THR G 46 3.10 -15.63 10.34
CA THR G 46 2.73 -14.70 9.28
C THR G 46 2.29 -15.49 8.06
N CYS G 47 1.10 -15.18 7.55
CA CYS G 47 0.53 -15.88 6.41
C CYS G 47 0.69 -15.01 5.18
N ALA G 48 0.91 -15.64 4.03
CA ALA G 48 1.19 -14.92 2.79
C ALA G 48 0.07 -15.17 1.79
N THR G 49 -0.87 -14.24 1.68
CA THR G 49 -1.72 -14.07 0.52
C THR G 49 -1.08 -13.02 -0.40
N MET G 50 -1.48 -12.98 -1.67
CA MET G 50 -0.95 -11.90 -2.50
C MET G 50 -2.00 -10.94 -3.01
N SER G 51 -3.26 -11.36 -3.21
CA SER G 51 -4.27 -10.36 -3.56
C SER G 51 -4.25 -9.21 -2.56
N SER G 52 -4.02 -9.53 -1.27
CA SER G 52 -3.72 -8.54 -0.24
C SER G 52 -2.37 -8.87 0.39
N HIS G 53 -1.73 -7.85 0.97
CA HIS G 53 -0.39 -8.00 1.52
C HIS G 53 -0.17 -7.07 2.70
N ASN G 54 -0.03 -7.64 3.90
CA ASN G 54 -0.31 -9.06 4.16
C ASN G 54 -0.83 -9.18 5.59
N THR G 55 -0.71 -10.36 6.20
CA THR G 55 -1.29 -10.56 7.52
C THR G 55 -0.37 -11.39 8.40
N HIS G 56 -0.14 -10.89 9.62
CA HIS G 56 0.56 -11.61 10.67
C HIS G 56 -0.38 -11.76 11.85
N TYR G 57 -0.28 -12.90 12.52
CA TYR G 57 -1.18 -13.22 13.60
C TYR G 57 -0.41 -13.56 14.87
N PHE G 59 -1.42 -15.99 19.27
CA PHE G 59 -1.78 -17.02 20.25
C PHE G 59 -0.57 -17.44 21.05
N LYS G 60 -0.67 -17.34 22.33
CA LYS G 60 0.37 -18.01 23.09
C LYS G 60 0.12 -19.51 23.09
N PRO G 61 1.15 -20.35 23.08
CA PRO G 61 0.94 -21.79 22.96
C PRO G 61 0.51 -22.42 24.29
N GLN G 62 0.18 -23.71 24.20
CA GLN G 62 0.04 -24.58 25.35
C GLN G 62 0.57 -25.99 25.09
N SER G 63 0.85 -26.35 23.84
CA SER G 63 1.56 -27.58 23.53
C SER G 63 2.80 -27.24 22.70
N SER G 64 3.42 -28.24 22.08
CA SER G 64 4.54 -27.98 21.18
C SER G 64 4.01 -27.74 19.77
N PRO G 65 4.33 -26.59 19.15
CA PRO G 65 3.72 -26.23 17.85
C PRO G 65 3.87 -27.30 16.77
N ASP G 66 3.06 -27.19 15.72
CA ASP G 66 3.05 -28.15 14.64
C ASP G 66 2.42 -27.51 13.42
N ASP G 67 2.73 -28.06 12.24
CA ASP G 67 2.15 -27.57 11.00
C ASP G 67 0.64 -27.78 10.92
N ALA G 68 0.06 -28.59 11.80
CA ALA G 68 -1.37 -28.83 11.82
C ALA G 68 -2.11 -28.03 12.87
N MET G 69 -1.41 -27.52 13.88
CA MET G 69 -2.03 -26.74 14.95
C MET G 69 -2.16 -25.26 14.57
N VAL G 70 -1.07 -24.66 14.08
CA VAL G 70 -1.12 -23.28 13.63
C VAL G 70 -2.16 -23.12 12.52
N ARG G 71 -2.40 -24.19 11.75
CA ARG G 71 -3.45 -24.16 10.74
C ARG G 71 -4.82 -24.00 11.39
N GLU G 72 -5.09 -24.78 12.44
CA GLU G 72 -6.34 -24.61 13.17
C GLU G 72 -6.45 -23.20 13.75
N TYR G 73 -5.32 -22.65 14.21
CA TYR G 73 -5.30 -21.27 14.68
C TYR G 73 -5.77 -20.30 13.58
N VAL G 74 -5.04 -20.29 12.46
CA VAL G 74 -5.36 -19.33 11.40
C VAL G 74 -6.77 -19.57 10.86
N LEU G 75 -7.26 -20.81 10.93
CA LEU G 75 -8.64 -21.09 10.55
C LEU G 75 -9.61 -20.41 11.48
N SER G 76 -9.40 -20.55 12.79
CA SER G 76 -10.23 -19.83 13.76
C SER G 76 -10.25 -18.34 13.48
N ARG G 77 -9.08 -17.77 13.17
CA ARG G 77 -9.04 -16.34 12.82
C ARG G 77 -9.85 -16.06 11.57
N ILE G 78 -9.76 -16.92 10.56
CA ILE G 78 -10.37 -16.62 9.26
C ILE G 78 -11.89 -16.70 9.35
N ILE G 79 -12.42 -17.76 9.96
CA ILE G 79 -13.87 -17.84 10.13
C ILE G 79 -14.35 -16.74 11.08
N ALA G 80 -13.55 -16.43 12.11
CA ALA G 80 -13.86 -15.34 13.01
C ALA G 80 -14.05 -14.03 12.24
N ASP G 81 -13.24 -13.80 11.21
CA ASP G 81 -13.46 -12.64 10.35
C ASP G 81 -14.68 -12.82 9.46
N ASN G 82 -14.86 -14.02 8.91
CA ASN G 82 -15.94 -14.29 7.97
C ASN G 82 -17.31 -14.22 8.61
N LEU G 83 -17.40 -14.13 9.94
CA LEU G 83 -18.71 -14.00 10.58
C LEU G 83 -19.38 -12.67 10.21
N LYS G 84 -18.62 -11.66 9.82
CA LYS G 84 -19.21 -10.35 9.52
C LYS G 84 -19.94 -10.31 8.19
N TYR G 85 -20.05 -11.43 7.49
CA TYR G 85 -20.78 -11.52 6.23
C TYR G 85 -21.92 -12.53 6.26
N VAL G 86 -22.06 -13.29 7.34
CA VAL G 86 -23.32 -14.00 7.58
C VAL G 86 -24.44 -12.96 7.55
N ASP G 87 -25.59 -13.35 7.01
CA ASP G 87 -26.65 -12.40 6.74
C ASP G 87 -26.99 -11.54 7.95
N ASN G 88 -27.64 -12.13 8.96
CA ASN G 88 -28.27 -11.38 10.04
C ASN G 88 -27.33 -10.32 10.64
N LEU G 89 -26.14 -10.71 11.05
CA LEU G 89 -25.23 -9.76 11.67
C LEU G 89 -24.72 -8.73 10.67
N TYR G 90 -24.46 -9.16 9.43
CA TYR G 90 -23.99 -8.23 8.40
C TYR G 90 -24.99 -7.12 8.17
N LEU G 91 -26.21 -7.45 7.74
CA LEU G 91 -27.15 -6.38 7.47
C LEU G 91 -27.63 -5.72 8.74
N ALA G 92 -27.42 -6.36 9.90
CA ALA G 92 -27.58 -5.66 11.18
C ALA G 92 -26.57 -4.53 11.32
N ALA G 93 -25.35 -4.74 10.82
CA ALA G 93 -24.36 -3.67 10.80
C ALA G 93 -24.66 -2.65 9.71
N GLY G 94 -25.24 -3.09 8.59
CA GLY G 94 -25.71 -2.14 7.60
C GLY G 94 -26.80 -1.24 8.13
N ALA G 95 -27.61 -1.73 9.06
CA ALA G 95 -28.62 -0.89 9.70
C ALA G 95 -28.00 0.24 10.50
N VAL G 96 -26.82 0.02 11.09
CA VAL G 96 -26.18 1.08 11.86
C VAL G 96 -25.32 1.97 10.98
N ILE G 97 -24.78 1.44 9.87
CA ILE G 97 -24.02 2.28 8.95
C ILE G 97 -24.96 3.22 8.20
N CYS G 98 -26.14 2.73 7.82
CA CYS G 98 -27.11 3.55 7.12
C CYS G 98 -27.99 4.37 8.06
N GLY G 99 -28.10 3.97 9.31
CA GLY G 99 -28.86 4.71 10.30
C GLY G 99 -28.25 6.02 10.74
N ASN G 100 -27.16 6.44 10.11
CA ASN G 100 -26.48 7.69 10.48
C ASN G 100 -25.59 8.09 9.32
N ASP G 101 -25.85 9.25 8.72
CA ASP G 101 -25.03 9.72 7.61
C ASP G 101 -23.61 10.02 8.03
N GLU G 102 -23.41 10.37 9.31
CA GLU G 102 -22.07 10.60 9.83
C GLU G 102 -21.31 9.31 10.09
N TYR G 103 -21.97 8.16 10.04
CA TYR G 103 -21.29 6.88 10.27
C TYR G 103 -20.58 6.42 9.00
N ILE G 104 -19.27 6.22 9.10
CA ILE G 104 -18.43 5.77 7.99
C ILE G 104 -17.87 4.41 8.34
N SER G 105 -17.85 3.49 7.38
CA SER G 105 -17.32 2.15 7.65
C SER G 105 -16.34 1.70 6.57
N ASP G 106 -15.46 0.79 6.96
CA ASP G 106 -14.46 0.19 6.08
C ASP G 106 -14.50 -1.33 6.11
N GLY G 107 -15.52 -1.93 6.72
CA GLY G 107 -15.56 -3.35 6.94
C GLY G 107 -14.95 -3.81 8.25
N ASN G 108 -14.23 -2.94 8.95
CA ASN G 108 -13.64 -3.27 10.24
C ASN G 108 -13.82 -2.20 11.31
N VAL G 109 -14.04 -0.94 10.94
CA VAL G 109 -14.19 0.16 11.88
C VAL G 109 -15.34 1.05 11.42
N VAL G 110 -16.12 1.57 12.37
CA VAL G 110 -17.14 2.57 12.09
C VAL G 110 -16.92 3.74 13.04
N GLY G 111 -16.86 4.95 12.48
CA GLY G 111 -16.74 6.15 13.31
C GLY G 111 -17.69 7.26 12.91
N ILE G 112 -17.25 8.51 13.08
CA ILE G 112 -18.07 9.67 12.77
C ILE G 112 -17.54 10.38 11.53
N HIS G 113 -17.89 11.66 11.37
CA HIS G 113 -17.73 12.36 10.09
C HIS G 113 -16.53 13.31 10.12
N ILE G 114 -15.43 12.90 9.50
CA ILE G 114 -14.43 13.83 8.98
C ILE G 114 -13.96 13.28 7.64
N ALA G 115 -13.85 14.15 6.64
CA ALA G 115 -13.51 13.69 5.29
C ALA G 115 -12.62 14.73 4.63
N ASP G 116 -11.42 14.29 4.20
CA ASP G 116 -10.49 15.16 3.51
C ASP G 116 -9.41 14.34 2.82
N GLY G 117 -9.45 14.28 1.50
CA GLY G 117 -8.48 13.53 0.73
C GLY G 117 -8.63 12.02 0.88
N ASN G 121 -9.29 7.25 2.13
CA ASN G 121 -10.39 7.96 1.50
C ASN G 121 -10.98 9.01 2.44
N LYS G 122 -10.85 8.78 3.75
CA LYS G 122 -11.36 9.70 4.75
C LYS G 122 -10.84 9.34 6.15
N LEU G 123 -10.39 10.35 6.90
CA LEU G 123 -10.01 10.13 8.28
C LEU G 123 -11.25 9.79 9.10
N ILE G 124 -11.02 9.20 10.27
CA ILE G 124 -12.10 8.65 11.09
C ILE G 124 -11.87 9.00 12.55
N LEU G 125 -12.88 8.74 13.37
CA LEU G 125 -12.73 8.67 14.82
C LEU G 125 -13.61 7.51 15.27
N PRO G 126 -13.02 6.39 15.67
CA PRO G 126 -13.80 5.15 15.81
C PRO G 126 -14.74 5.19 17.00
N VAL G 127 -15.91 4.58 16.81
CA VAL G 127 -16.89 4.46 17.89
C VAL G 127 -17.32 3.02 18.02
N ILE G 128 -17.32 2.28 16.92
CA ILE G 128 -17.66 0.85 16.92
C ILE G 128 -16.65 0.13 16.03
N GLU G 129 -15.82 -0.72 16.63
CA GLU G 129 -14.82 -1.49 15.90
C GLU G 129 -15.12 -2.97 16.06
N PHE G 130 -15.05 -3.71 14.95
CA PHE G 130 -15.23 -5.15 14.92
C PHE G 130 -13.87 -5.82 15.09
N MET G 131 -13.76 -6.67 16.11
CA MET G 131 -12.50 -7.32 16.46
C MET G 131 -12.68 -8.82 16.38
N PRO G 132 -12.45 -9.43 15.23
CA PRO G 132 -12.58 -10.88 15.10
C PRO G 132 -11.36 -11.62 15.62
N GLY G 133 -11.59 -12.84 16.10
CA GLY G 133 -10.53 -13.64 16.66
C GLY G 133 -9.97 -13.13 17.97
N VAL G 134 -10.66 -12.21 18.64
CA VAL G 134 -10.17 -11.55 19.84
C VAL G 134 -11.18 -11.77 20.96
N HIS G 135 -10.67 -11.92 22.18
CA HIS G 135 -11.50 -11.94 23.38
C HIS G 135 -10.91 -10.99 24.41
N VAL G 136 -11.77 -10.27 25.13
CA VAL G 136 -11.30 -9.25 26.04
C VAL G 136 -10.62 -9.86 27.26
N ASP G 137 -10.96 -11.10 27.61
CA ASP G 137 -10.34 -11.74 28.78
C ASP G 137 -8.85 -11.98 28.54
N ASP G 138 -8.43 -12.11 27.28
CA ASP G 138 -7.03 -12.31 26.97
C ASP G 138 -6.22 -11.02 26.99
N ILE G 139 -6.89 -9.86 27.02
CA ILE G 139 -6.21 -8.56 27.09
C ILE G 139 -6.75 -7.79 28.28
N SER G 140 -7.41 -8.51 29.20
CA SER G 140 -8.14 -7.83 30.28
C SER G 140 -7.20 -7.07 31.20
N ASP G 141 -6.00 -7.61 31.45
CA ASP G 141 -5.09 -6.96 32.39
C ASP G 141 -4.58 -5.63 31.85
N LYS G 142 -4.18 -5.61 30.58
CA LYS G 142 -3.63 -4.39 29.97
C LYS G 142 -4.60 -3.22 30.04
N LEU G 143 -5.90 -3.48 30.13
CA LEU G 143 -6.91 -2.43 30.24
C LEU G 143 -7.37 -2.21 31.66
N ILE G 144 -7.38 -3.25 32.51
CA ILE G 144 -7.66 -3.07 33.92
C ILE G 144 -6.63 -2.15 34.56
N LYS G 145 -5.38 -2.26 34.12
CA LYS G 145 -4.34 -1.38 34.64
C LYS G 145 -4.55 0.06 34.17
N SER G 146 -4.79 0.25 32.88
CA SER G 146 -4.85 1.59 32.29
C SER G 146 -6.15 2.31 32.57
N SER G 147 -7.23 1.59 32.88
CA SER G 147 -8.52 2.22 33.14
C SER G 147 -8.64 2.63 34.60
N SER G 148 -9.45 3.65 34.85
CA SER G 148 -9.70 4.09 36.22
C SER G 148 -10.46 3.03 37.00
N TYR G 149 -11.46 2.41 36.38
CA TYR G 149 -12.27 1.38 37.01
C TYR G 149 -13.08 0.68 35.92
N GLN G 150 -13.72 -0.42 36.29
CA GLN G 150 -14.55 -1.20 35.39
C GLN G 150 -16.02 -0.97 35.71
N GLY G 151 -16.87 -1.30 34.73
CA GLY G 151 -18.30 -1.10 34.88
C GLY G 151 -19.08 -2.21 34.19
N ILE G 152 -20.33 -2.36 34.61
CA ILE G 152 -21.22 -3.41 34.11
C ILE G 152 -22.12 -2.80 33.03
N PHE G 153 -22.19 -3.49 31.89
CA PHE G 153 -23.06 -3.11 30.77
C PHE G 153 -24.02 -4.27 30.54
N LYS G 154 -25.26 -4.11 30.95
CA LYS G 154 -26.28 -5.14 30.72
C LYS G 154 -26.79 -5.02 29.30
N THR G 155 -26.56 -6.06 28.50
CA THR G 155 -26.91 -6.02 27.07
C THR G 155 -28.42 -5.92 26.84
N ASP G 156 -29.22 -6.38 27.80
CA ASP G 156 -30.67 -6.25 27.72
C ASP G 156 -31.13 -4.81 27.60
N ASN G 157 -30.30 -3.86 28.02
CA ASN G 157 -30.72 -2.52 28.38
C ASN G 157 -30.40 -1.53 27.26
N LEU G 158 -31.43 -0.86 26.75
CA LEU G 158 -31.20 0.28 25.88
C LEU G 158 -30.63 1.45 26.66
N GLU G 159 -30.96 1.55 27.96
CA GLU G 159 -30.56 2.69 28.78
C GLU G 159 -29.08 3.03 28.59
N GLU G 160 -28.21 2.02 28.57
CA GLU G 160 -26.78 2.28 28.44
C GLU G 160 -26.41 2.61 27.00
N PHE G 161 -27.07 1.98 26.03
CA PHE G 161 -26.82 2.32 24.62
C PHE G 161 -27.13 3.80 24.38
N GLU G 162 -28.32 4.25 24.78
CA GLU G 162 -28.67 5.67 24.72
C GLU G 162 -27.64 6.56 25.38
N PHE G 163 -26.79 6.03 26.25
CA PHE G 163 -25.72 6.77 26.87
C PHE G 163 -24.43 6.78 26.05
N LEU G 164 -23.96 5.62 25.58
CA LEU G 164 -22.70 5.61 24.83
C LEU G 164 -22.89 6.05 23.38
N VAL G 165 -23.83 5.43 22.66
CA VAL G 165 -24.32 6.03 21.43
C VAL G 165 -25.45 6.97 21.78
N ASP G 166 -25.76 7.89 20.88
CA ASP G 166 -26.91 8.74 21.15
C ASP G 166 -28.20 8.02 20.76
N LYS G 167 -29.33 8.59 21.15
CA LYS G 167 -30.62 7.96 20.91
C LYS G 167 -30.91 7.74 19.44
N LYS G 168 -30.14 8.34 18.54
CA LYS G 168 -30.34 8.13 17.11
C LYS G 168 -29.93 6.72 16.70
N ASN G 169 -28.81 6.23 17.24
CA ASN G 169 -28.30 4.91 16.91
C ASN G 169 -28.47 3.92 18.05
N ALA G 170 -29.20 4.29 19.11
CA ALA G 170 -29.23 3.47 20.31
C ALA G 170 -30.04 2.19 20.14
N ASN G 171 -30.84 2.09 19.08
CA ASN G 171 -31.71 0.93 18.89
C ASN G 171 -31.02 -0.19 18.10
N ASN G 172 -30.47 0.16 16.94
CA ASN G 172 -29.94 -0.85 16.02
C ASN G 172 -28.55 -1.34 16.41
N VAL G 173 -27.78 -0.54 17.16
CA VAL G 173 -26.55 -1.07 17.76
C VAL G 173 -26.90 -2.03 18.88
N LYS G 174 -27.95 -1.74 19.63
CA LYS G 174 -28.46 -2.68 20.62
C LYS G 174 -28.89 -3.99 19.95
N GLU G 175 -29.61 -3.89 18.83
CA GLU G 175 -30.00 -5.09 18.09
C GLU G 175 -28.83 -5.75 17.38
N LEU G 176 -27.72 -5.04 17.21
CA LEU G 176 -26.52 -5.63 16.63
C LEU G 176 -25.77 -6.45 17.67
N ILE G 177 -25.60 -5.90 18.86
CA ILE G 177 -25.01 -6.67 19.97
C ILE G 177 -25.88 -7.87 20.29
N LEU G 178 -27.19 -7.65 20.41
CA LEU G 178 -28.11 -8.76 20.59
C LEU G 178 -28.04 -9.75 19.43
N ALA G 179 -27.79 -9.25 18.21
CA ALA G 179 -27.67 -10.13 17.06
C ALA G 179 -26.48 -11.07 17.20
N TYR G 180 -25.29 -10.51 17.46
CA TYR G 180 -24.11 -11.34 17.67
C TYR G 180 -24.29 -12.28 18.86
N THR G 181 -25.02 -11.83 19.88
CA THR G 181 -25.26 -12.68 21.04
C THR G 181 -26.09 -13.90 20.66
N ASP G 182 -27.18 -13.69 19.90
CA ASP G 182 -28.00 -14.82 19.48
C ASP G 182 -27.25 -15.71 18.50
N TYR G 183 -26.42 -15.12 17.63
CA TYR G 183 -25.69 -15.91 16.65
C TYR G 183 -24.64 -16.79 17.31
N PHE G 184 -23.95 -16.27 18.33
CA PHE G 184 -22.97 -17.09 19.04
C PHE G 184 -23.62 -18.07 20.00
N ALA G 185 -24.78 -17.71 20.57
CA ALA G 185 -25.42 -18.58 21.55
C ALA G 185 -26.29 -19.66 20.92
N ASN G 186 -26.67 -19.51 19.65
CA ASN G 186 -27.54 -20.47 18.99
C ASN G 186 -26.92 -21.13 17.76
N LYS G 187 -25.99 -20.48 17.08
CA LYS G 187 -25.34 -21.07 15.92
C LYS G 187 -23.91 -21.52 16.17
N LEU G 188 -23.25 -20.97 17.20
CA LEU G 188 -21.93 -21.41 17.63
C LEU G 188 -21.98 -21.98 19.04
N ALA G 189 -23.09 -22.60 19.40
CA ALA G 189 -23.35 -22.99 20.78
C ALA G 189 -22.52 -24.22 21.15
N PHE G 190 -21.64 -24.06 22.13
CA PHE G 190 -21.09 -25.24 22.81
C PHE G 190 -22.22 -25.98 23.50
N LYS G 191 -22.15 -27.31 23.51
CA LYS G 191 -23.18 -28.10 24.15
C LYS G 191 -23.30 -27.74 25.63
N ASP G 192 -22.17 -27.53 26.29
CA ASP G 192 -22.14 -26.86 27.58
C ASP G 192 -22.05 -25.37 27.32
N PRO G 193 -23.07 -24.58 27.63
CA PRO G 193 -23.16 -23.23 27.08
C PRO G 193 -22.12 -22.29 27.67
N ALA G 194 -21.77 -21.27 26.87
CA ALA G 194 -20.80 -20.25 27.26
C ALA G 194 -21.51 -18.91 27.35
N GLU G 195 -21.24 -18.17 28.41
CA GLU G 195 -21.90 -16.88 28.55
C GLU G 195 -21.08 -15.78 27.88
N PRO G 196 -21.74 -14.79 27.28
CA PRO G 196 -21.00 -13.69 26.67
C PRO G 196 -20.30 -12.85 27.72
N ALA G 197 -19.15 -12.30 27.34
CA ALA G 197 -18.41 -11.39 28.20
C ALA G 197 -18.76 -9.96 27.81
N VAL G 198 -19.09 -9.13 28.80
CA VAL G 198 -19.37 -7.72 28.55
C VAL G 198 -18.66 -6.93 29.64
N GLU G 199 -17.66 -6.15 29.25
CA GLU G 199 -16.87 -5.43 30.25
C GLU G 199 -16.76 -3.96 29.87
N MET G 200 -16.93 -3.09 30.87
CA MET G 200 -16.79 -1.66 30.70
C MET G 200 -15.50 -1.19 31.38
N TYR G 201 -14.80 -0.27 30.73
CA TYR G 201 -13.57 0.32 31.25
C TYR G 201 -13.67 1.83 31.12
N GLN G 202 -13.57 2.53 32.25
CA GLN G 202 -13.70 3.98 32.28
C GLN G 202 -12.32 4.61 32.24
N PHE G 203 -12.09 5.45 31.24
CA PHE G 203 -10.88 6.24 31.13
C PHE G 203 -11.21 7.72 31.36
N ILE G 204 -10.15 8.53 31.47
CA ILE G 204 -10.34 9.95 31.74
C ILE G 204 -11.01 10.65 30.55
N ASP G 205 -10.66 10.24 29.33
CA ASP G 205 -11.16 10.89 28.13
C ASP G 205 -12.30 10.12 27.46
N ARG G 206 -12.55 8.88 27.86
CA ARG G 206 -13.55 8.07 27.17
C ARG G 206 -13.95 6.90 28.06
N THR G 207 -15.01 6.22 27.65
CA THR G 207 -15.48 4.98 28.27
C THR G 207 -15.62 3.94 27.16
N GLU G 208 -15.02 2.77 27.36
CA GLU G 208 -15.03 1.73 26.35
C GLU G 208 -15.79 0.51 26.88
N VAL G 209 -16.54 -0.14 25.99
CA VAL G 209 -17.31 -1.32 26.34
C VAL G 209 -17.01 -2.41 25.33
N TYR G 210 -16.75 -3.62 25.82
CA TYR G 210 -16.35 -4.75 25.01
C TYR G 210 -17.37 -5.87 25.14
N PHE G 211 -17.83 -6.38 24.00
CA PHE G 211 -18.74 -7.51 23.92
C PHE G 211 -17.98 -8.67 23.28
N SER G 212 -17.51 -9.61 24.10
CA SER G 212 -16.76 -10.77 23.65
C SER G 212 -17.66 -11.99 23.62
N PHE G 213 -17.42 -12.86 22.62
CA PHE G 213 -18.22 -14.03 22.32
C PHE G 213 -17.29 -15.16 21.89
N GLU G 214 -17.60 -16.36 22.38
CA GLU G 214 -16.85 -17.56 22.06
C GLU G 214 -17.80 -18.58 21.43
N GLY G 215 -17.32 -19.30 20.42
CA GLY G 215 -18.18 -20.15 19.63
C GLY G 215 -17.52 -21.49 19.33
N CYS G 216 -18.39 -22.48 19.07
CA CYS G 216 -17.98 -23.85 18.85
C CYS G 216 -17.99 -24.15 17.35
N HIS G 217 -16.85 -24.60 16.82
CA HIS G 217 -16.75 -25.03 15.44
C HIS G 217 -16.10 -26.41 15.41
N PRO G 218 -16.57 -27.31 14.53
CA PRO G 218 -16.00 -28.66 14.52
C PRO G 218 -14.54 -28.72 14.09
N ASP G 219 -14.07 -27.76 13.29
CA ASP G 219 -12.74 -27.87 12.71
C ASP G 219 -11.66 -27.37 13.65
N VAL G 220 -11.93 -26.32 14.42
CA VAL G 220 -10.95 -25.73 15.32
C VAL G 220 -11.47 -25.80 16.75
N GLU G 221 -10.60 -25.43 17.69
CA GLU G 221 -10.96 -25.51 19.10
C GLU G 221 -12.04 -24.50 19.47
N GLU G 222 -11.87 -23.25 19.04
CA GLU G 222 -12.80 -22.20 19.42
C GLU G 222 -12.77 -21.09 18.39
N VAL G 223 -13.87 -20.34 18.33
CA VAL G 223 -13.97 -19.11 17.56
C VAL G 223 -14.18 -17.97 18.53
N LEU G 224 -13.60 -16.81 18.24
CA LEU G 224 -13.67 -15.67 19.14
C LEU G 224 -14.02 -14.42 18.37
N PHE G 225 -14.79 -13.53 18.99
CA PHE G 225 -15.16 -12.27 18.35
C PHE G 225 -15.56 -11.28 19.43
N THR G 226 -15.18 -10.02 19.27
CA THR G 226 -15.62 -9.01 20.22
C THR G 226 -15.88 -7.69 19.50
N ILE G 227 -16.89 -6.97 19.96
CA ILE G 227 -17.24 -5.65 19.45
C ILE G 227 -16.80 -4.63 20.49
N LYS G 228 -16.09 -3.60 20.05
CA LYS G 228 -15.61 -2.55 20.94
C LYS G 228 -16.33 -1.25 20.60
N ILE G 229 -17.10 -0.73 21.56
CA ILE G 229 -17.78 0.56 21.42
C ILE G 229 -17.10 1.55 22.35
N VAL G 230 -16.56 2.62 21.79
CA VAL G 230 -15.88 3.66 22.53
C VAL G 230 -16.72 4.93 22.48
N ARG G 231 -17.11 5.42 23.65
CA ARG G 231 -17.85 6.68 23.76
C ARG G 231 -17.02 7.64 24.59
N TYR G 232 -16.61 8.74 23.96
CA TYR G 232 -15.73 9.69 24.62
C TYR G 232 -16.49 10.46 25.68
N ASN G 233 -15.74 11.16 26.54
CA ASN G 233 -16.30 11.77 27.74
C ASN G 233 -17.49 12.67 27.47
N GLN G 234 -17.62 13.19 26.25
CA GLN G 234 -18.79 13.93 25.82
C GLN G 234 -19.17 13.44 24.44
N PRO G 235 -20.43 13.08 24.20
CA PRO G 235 -20.84 12.56 22.90
C PRO G 235 -20.96 13.69 21.89
N LEU G 236 -21.23 13.31 20.63
CA LEU G 236 -21.15 14.24 19.51
C LEU G 236 -22.23 15.32 19.51
N ASN G 237 -22.49 15.92 20.67
CA ASN G 237 -23.49 16.97 20.84
C ASN G 237 -23.31 17.57 22.22
N SER G 238 -23.56 18.89 22.33
CA SER G 238 -23.98 19.72 21.21
C SER G 238 -23.29 21.08 21.25
N THR G 239 -22.99 21.55 22.45
CA THR G 239 -22.36 22.86 22.64
C THR G 239 -20.96 22.71 23.22
N MET G 241 -18.35 20.03 21.64
CA MET G 241 -18.21 18.84 20.80
C MET G 241 -18.39 19.18 19.33
N GLN G 242 -19.50 19.86 19.01
CA GLN G 242 -19.82 20.15 17.62
C GLN G 242 -18.86 21.19 17.03
N VAL G 243 -18.53 22.23 17.80
CA VAL G 243 -17.61 23.25 17.31
C VAL G 243 -16.15 22.82 17.40
N PHE G 244 -15.87 21.71 18.09
CA PHE G 244 -14.58 21.06 17.92
C PHE G 244 -14.51 20.32 16.60
N LEU G 245 -15.61 19.65 16.22
CA LEU G 245 -15.65 18.95 14.95
C LEU G 245 -15.67 19.92 13.77
N LYS G 246 -16.18 21.13 13.99
CA LYS G 246 -16.24 22.15 12.95
C LYS G 246 -15.03 23.07 12.96
N ASN G 247 -13.94 22.68 13.62
CA ASN G 247 -12.76 23.51 13.66
C ASN G 247 -12.08 23.53 12.29
N PRO G 248 -11.42 24.64 11.94
CA PRO G 248 -10.81 24.73 10.60
C PRO G 248 -9.74 23.67 10.33
N LEU G 249 -9.01 23.23 11.35
CA LEU G 249 -7.90 22.31 11.12
C LEU G 249 -8.36 20.89 10.82
N LEU G 250 -9.57 20.52 11.24
CA LEU G 250 -10.02 19.14 11.13
C LEU G 250 -10.03 18.65 9.70
N SER G 251 -10.22 19.53 8.72
CA SER G 251 -10.29 19.17 7.33
C SER G 251 -8.93 19.24 6.63
N HIS G 252 -7.85 19.48 7.36
CA HIS G 252 -6.52 19.55 6.78
C HIS G 252 -5.57 18.48 7.31
N ILE G 253 -6.05 17.56 8.15
CA ILE G 253 -5.18 16.57 8.78
C ILE G 253 -4.94 15.42 7.82
N ARG G 254 -3.66 15.08 7.62
CA ARG G 254 -3.28 13.86 6.93
C ARG G 254 -2.23 13.14 7.76
N THR G 255 -1.58 12.12 7.19
CA THR G 255 -0.49 11.45 7.88
C THR G 255 0.31 10.62 6.89
N VAL G 256 1.58 10.41 7.22
CA VAL G 256 2.47 9.58 6.42
C VAL G 256 3.55 9.01 7.33
N VAL G 257 4.61 8.47 6.74
CA VAL G 257 5.69 7.90 7.51
C VAL G 257 6.96 8.73 7.35
N ARG H 6 -9.58 -30.58 21.73
CA ARG H 6 -8.88 -29.32 21.93
C ARG H 6 -7.48 -29.56 22.50
N SER H 7 -6.47 -29.04 21.82
CA SER H 7 -5.08 -29.19 22.22
C SER H 7 -4.36 -27.88 22.51
N ARG H 8 -4.97 -26.74 22.19
CA ARG H 8 -4.34 -25.45 22.43
C ARG H 8 -5.34 -24.46 23.03
N GLN H 10 -8.69 -23.55 25.55
CA GLN H 10 -9.70 -23.68 26.60
C GLN H 10 -10.66 -22.49 26.56
N ARG H 11 -11.80 -22.62 27.24
CA ARG H 11 -12.90 -21.68 27.10
C ARG H 11 -13.12 -20.89 28.38
N ARG H 12 -13.40 -19.61 28.22
CA ARG H 12 -13.75 -18.72 29.31
C ARG H 12 -15.27 -18.65 29.45
N ARG H 13 -15.71 -18.08 30.58
CA ARG H 13 -17.08 -17.67 30.80
C ARG H 13 -18.07 -18.81 30.53
N SER H 14 -18.24 -19.71 31.49
CA SER H 14 -19.15 -20.82 31.31
C SER H 14 -20.45 -20.60 32.08
N GLN I 3 42.23 10.50 -0.87
CA GLN I 3 43.02 11.35 -1.76
C GLN I 3 42.14 12.02 -2.82
N PHE I 4 41.09 11.32 -3.22
CA PHE I 4 40.13 11.85 -4.20
C PHE I 4 38.75 11.33 -3.84
N ASN I 5 37.79 11.52 -4.75
CA ASN I 5 36.44 11.01 -4.60
C ASN I 5 35.99 10.35 -5.89
N ILE I 6 35.35 9.19 -5.77
CA ILE I 6 34.64 8.57 -6.87
C ILE I 6 33.17 8.93 -6.69
N THR I 7 32.68 9.87 -7.50
CA THR I 7 31.28 10.23 -7.45
C THR I 7 30.44 9.12 -8.10
N TRP I 8 29.14 9.17 -7.85
CA TRP I 8 28.25 8.16 -8.42
C TRP I 8 28.23 8.22 -9.95
N GLU I 9 28.61 9.36 -10.54
CA GLU I 9 28.70 9.44 -11.98
C GLU I 9 29.90 8.64 -12.51
N GLU I 10 30.95 8.50 -11.70
CA GLU I 10 32.11 7.72 -12.10
C GLU I 10 31.80 6.24 -12.12
N GLN I 11 31.43 5.68 -10.96
CA GLN I 11 31.10 4.26 -10.86
C GLN I 11 29.92 3.91 -11.75
N LEU I 12 28.93 4.80 -11.82
CA LEU I 12 27.73 4.58 -12.63
C LEU I 12 28.08 4.17 -14.05
N GLN I 13 29.09 4.83 -14.64
CA GLN I 13 29.50 4.48 -15.99
C GLN I 13 29.99 3.04 -16.06
N ALA I 14 30.57 2.54 -14.97
CA ALA I 14 31.01 1.14 -14.95
C ALA I 14 29.84 0.20 -14.78
N LEU I 15 28.90 0.52 -13.88
CA LEU I 15 27.78 -0.36 -13.63
C LEU I 15 26.78 -0.41 -14.78
N SER I 16 26.72 0.66 -15.59
CA SER I 16 25.78 0.69 -16.71
C SER I 16 26.11 -0.36 -17.76
N LYS I 17 27.32 -0.92 -17.74
CA LYS I 17 27.74 -1.91 -18.71
C LYS I 17 27.53 -3.34 -18.23
N LEU I 18 26.98 -3.53 -17.03
CA LEU I 18 26.58 -4.85 -16.55
C LEU I 18 25.17 -5.13 -17.03
N ASP I 19 25.04 -6.04 -17.99
CA ASP I 19 23.74 -6.33 -18.58
C ASP I 19 22.81 -6.96 -17.55
N GLY I 20 21.52 -6.64 -17.69
CA GLY I 20 20.50 -7.11 -16.78
C GLY I 20 20.32 -6.27 -15.53
N LEU I 21 21.34 -5.50 -15.13
CA LEU I 21 21.23 -4.64 -13.96
C LEU I 21 20.18 -3.57 -14.23
N HIS I 22 18.97 -3.80 -13.72
CA HIS I 22 17.86 -2.88 -13.92
C HIS I 22 17.36 -2.26 -12.63
N HIS I 23 17.86 -2.66 -11.48
CA HIS I 23 17.45 -2.10 -10.19
C HIS I 23 18.65 -2.08 -9.26
N PRO I 24 19.49 -1.05 -9.37
CA PRO I 24 20.68 -0.98 -8.52
C PRO I 24 20.35 -0.39 -7.15
N HIS I 25 21.25 -0.65 -6.20
CA HIS I 25 21.10 -0.11 -4.86
C HIS I 25 21.53 1.35 -4.83
N LYS I 26 21.27 1.99 -3.70
CA LYS I 26 21.62 3.39 -3.52
C LYS I 26 23.13 3.59 -3.55
N LEU I 27 23.64 4.12 -4.66
CA LEU I 27 25.06 4.45 -4.78
C LEU I 27 25.30 5.90 -4.38
N GLU I 28 26.57 6.24 -4.18
CA GLU I 28 26.91 7.51 -3.56
C GLU I 28 28.39 7.80 -3.81
N ASP I 29 28.75 9.08 -3.72
CA ASP I 29 30.15 9.47 -3.78
C ASP I 29 30.92 8.87 -2.61
N ILE I 30 32.11 8.36 -2.90
CA ILE I 30 32.98 7.78 -1.90
C ILE I 30 34.31 8.54 -1.90
N SER I 31 34.90 8.73 -0.73
CA SER I 31 36.15 9.47 -0.60
C SER I 31 37.27 8.49 -0.24
N VAL I 32 38.24 8.38 -1.13
CA VAL I 32 39.33 7.42 -0.99
C VAL I 32 40.42 8.01 -0.11
N HIS I 33 41.18 7.10 0.51
CA HIS I 33 42.42 7.42 1.21
C HIS I 33 43.21 6.12 1.21
N TRP I 34 44.35 6.08 0.53
CA TRP I 34 45.13 4.86 0.42
C TRP I 34 46.57 5.09 0.86
N VAL I 35 47.16 4.05 1.44
CA VAL I 35 48.52 4.15 1.95
C VAL I 35 49.51 3.83 0.84
N ASN I 37 53.26 0.87 -0.94
CA ASN I 37 53.16 0.08 0.29
C ASN I 37 54.43 -0.75 0.49
N PRO I 38 54.79 -0.97 1.75
CA PRO I 38 55.98 -1.77 2.06
C PRO I 38 55.66 -3.26 2.17
N VAL I 39 56.71 -4.07 2.26
CA VAL I 39 56.56 -5.51 2.38
C VAL I 39 55.68 -5.83 3.58
N ASP I 40 54.75 -6.76 3.39
CA ASP I 40 54.62 -7.56 2.17
C ASP I 40 53.64 -6.99 1.16
N ILE I 41 53.79 -5.71 0.82
CA ILE I 41 52.99 -5.04 -0.21
C ILE I 41 51.51 -5.15 0.09
N VAL I 43 48.77 -2.47 0.50
CA VAL I 43 47.99 -1.26 0.26
C VAL I 43 46.65 -1.32 0.98
N PHE I 44 46.59 -0.66 2.14
CA PHE I 44 45.36 -0.52 2.92
C PHE I 44 44.58 0.67 2.39
N VAL I 45 43.52 0.39 1.63
CA VAL I 45 42.65 1.43 1.08
C VAL I 45 41.46 1.61 2.01
N THR I 46 41.13 2.84 2.33
CA THR I 46 39.92 3.15 3.07
C THR I 46 39.03 4.06 2.23
N CYS I 47 37.77 3.70 2.11
CA CYS I 47 36.76 4.53 1.46
C CYS I 47 35.77 5.02 2.51
N ALA I 48 35.36 6.28 2.39
CA ALA I 48 34.42 6.88 3.33
C ALA I 48 33.17 7.30 2.57
N THR I 49 32.02 6.81 3.02
CA THR I 49 30.73 7.15 2.44
C THR I 49 29.92 7.93 3.47
N MET I 50 29.18 8.94 3.00
CA MET I 50 28.38 9.75 3.90
C MET I 50 27.22 8.96 4.48
N SER I 51 26.69 7.98 3.73
CA SER I 51 25.57 7.20 4.23
C SER I 51 25.97 6.27 5.36
N SER I 52 27.17 5.69 5.27
CA SER I 52 27.64 4.74 6.27
C SER I 52 29.16 4.73 6.27
N HIS I 53 29.75 4.59 7.46
CA HIS I 53 31.20 4.65 7.63
C HIS I 53 31.74 3.23 7.67
N ASN I 54 32.38 2.81 6.57
CA ASN I 54 32.97 1.47 6.52
C ASN I 54 33.91 1.30 5.33
N THR I 55 33.66 0.24 4.54
CA THR I 55 34.46 -0.32 3.45
C THR I 55 35.95 0.01 3.48
N HIS I 56 36.77 -1.01 3.75
CA HIS I 56 38.22 -0.93 3.71
C HIS I 56 38.72 -2.11 2.88
N TYR I 57 39.67 -1.86 1.97
CA TYR I 57 40.11 -2.90 1.05
C TYR I 57 41.63 -3.04 1.06
N THR I 58 42.09 -4.26 0.79
CA THR I 58 43.49 -4.65 0.87
C THR I 58 43.85 -5.53 -0.32
N PHE I 59 44.94 -5.20 -1.00
CA PHE I 59 45.42 -6.04 -2.10
C PHE I 59 46.91 -5.84 -2.27
N LYS I 60 47.49 -6.67 -3.14
CA LYS I 60 48.92 -6.59 -3.44
C LYS I 60 49.14 -5.91 -4.78
N PRO I 61 50.02 -4.91 -4.85
CA PRO I 61 50.27 -4.21 -6.12
C PRO I 61 50.81 -5.11 -7.21
N GLN I 62 50.95 -4.56 -8.41
CA GLN I 62 51.66 -5.14 -9.55
C GLN I 62 52.56 -4.13 -10.23
N SER I 63 52.11 -2.89 -10.37
CA SER I 63 52.92 -1.74 -10.75
C SER I 63 52.82 -0.70 -9.62
N SER I 64 53.51 0.42 -9.80
CA SER I 64 53.53 1.46 -8.78
C SER I 64 52.14 2.07 -8.60
N PRO I 65 51.56 2.05 -7.41
CA PRO I 65 50.24 2.65 -7.20
C PRO I 65 50.19 4.12 -7.62
N ASP I 66 48.97 4.61 -7.79
CA ASP I 66 48.70 6.02 -8.08
C ASP I 66 47.23 6.28 -7.79
N ASP I 67 46.76 7.48 -8.14
CA ASP I 67 45.37 7.86 -7.94
C ASP I 67 44.43 7.25 -8.97
N ALA I 68 44.96 6.53 -9.96
CA ALA I 68 44.13 5.93 -11.01
C ALA I 68 44.05 4.41 -10.94
N MET I 69 44.90 3.77 -10.13
CA MET I 69 44.92 2.32 -10.05
C MET I 69 43.95 1.79 -9.00
N VAL I 70 44.06 2.29 -7.76
CA VAL I 70 43.17 1.83 -6.70
C VAL I 70 41.73 2.27 -6.92
N ARG I 71 41.52 3.32 -7.72
CA ARG I 71 40.18 3.65 -8.18
C ARG I 71 39.58 2.49 -8.98
N GLU I 72 40.26 2.11 -10.06
CA GLU I 72 39.93 0.92 -10.83
C GLU I 72 39.69 -0.28 -9.93
N TYR I 73 40.52 -0.42 -8.90
CA TYR I 73 40.36 -1.53 -7.96
C TYR I 73 39.01 -1.46 -7.25
N VAL I 74 38.72 -0.33 -6.60
CA VAL I 74 37.50 -0.27 -5.79
C VAL I 74 36.26 -0.33 -6.68
N LEU I 75 36.36 0.11 -7.93
CA LEU I 75 35.23 -0.02 -8.84
C LEU I 75 35.08 -1.46 -9.32
N SER I 76 36.17 -2.23 -9.32
CA SER I 76 36.05 -3.68 -9.41
C SER I 76 35.33 -4.25 -8.19
N ARG I 77 35.61 -3.70 -7.01
CA ARG I 77 35.00 -4.22 -5.80
C ARG I 77 33.49 -4.01 -5.78
N ILE I 78 33.06 -2.76 -5.96
CA ILE I 78 31.61 -2.51 -6.03
C ILE I 78 31.01 -3.23 -7.22
N ILE I 79 31.61 -3.08 -8.41
CA ILE I 79 31.15 -3.77 -9.60
C ILE I 79 30.94 -5.26 -9.33
N ALA I 80 31.70 -5.81 -8.38
CA ALA I 80 31.42 -7.16 -7.91
C ALA I 80 30.28 -7.21 -6.91
N ASP I 81 30.08 -6.14 -6.13
CA ASP I 81 29.03 -6.14 -5.12
C ASP I 81 27.65 -6.12 -5.76
N ASN I 82 27.44 -5.21 -6.72
CA ASN I 82 26.10 -5.07 -7.32
C ASN I 82 25.74 -6.20 -8.26
N LEU I 83 26.55 -7.25 -8.38
CA LEU I 83 26.19 -8.38 -9.22
C LEU I 83 25.11 -9.26 -8.61
N LYS I 84 24.81 -9.13 -7.32
CA LYS I 84 23.72 -9.88 -6.73
C LYS I 84 22.39 -9.15 -6.84
N TYR I 85 22.31 -8.08 -7.64
CA TYR I 85 21.09 -7.32 -7.81
C TYR I 85 20.53 -7.35 -9.23
N VAL I 86 21.33 -7.77 -10.21
CA VAL I 86 20.77 -8.05 -11.53
C VAL I 86 19.69 -9.13 -11.39
N ASP I 87 18.58 -8.93 -12.10
CA ASP I 87 17.34 -9.67 -11.84
C ASP I 87 17.59 -11.17 -11.71
N ASN I 88 18.30 -11.76 -12.68
CA ASN I 88 18.47 -13.20 -12.75
C ASN I 88 19.09 -13.74 -11.46
N LEU I 89 20.27 -13.23 -11.09
CA LEU I 89 20.95 -13.73 -9.90
C LEU I 89 20.22 -13.33 -8.62
N TYR I 90 19.78 -12.07 -8.54
CA TYR I 90 18.95 -11.55 -7.46
C TYR I 90 17.86 -12.55 -7.07
N LEU I 91 16.87 -12.77 -7.93
CA LEU I 91 15.80 -13.67 -7.53
C LEU I 91 16.18 -15.13 -7.69
N ALA I 92 17.34 -15.43 -8.30
CA ALA I 92 17.89 -16.78 -8.20
C ALA I 92 18.26 -17.11 -6.76
N ALA I 93 18.68 -16.10 -5.98
CA ALA I 93 18.85 -16.30 -4.54
C ALA I 93 17.52 -16.16 -3.80
N GLY I 94 16.67 -15.22 -4.24
CA GLY I 94 15.34 -15.13 -3.67
C GLY I 94 14.59 -16.45 -3.71
N ALA I 95 14.85 -17.27 -4.72
CA ALA I 95 14.19 -18.57 -4.80
C ALA I 95 14.69 -19.54 -3.73
N VAL I 96 15.99 -19.51 -3.44
CA VAL I 96 16.52 -20.48 -2.48
C VAL I 96 16.17 -20.07 -1.06
N ILE I 97 15.96 -18.78 -0.81
CA ILE I 97 15.63 -18.35 0.54
C ILE I 97 14.13 -18.28 0.79
N CYS I 98 13.33 -18.11 -0.26
CA CYS I 98 11.89 -18.28 -0.10
C CYS I 98 11.50 -19.74 -0.01
N GLY I 99 12.33 -20.65 -0.52
CA GLY I 99 12.03 -22.07 -0.49
C GLY I 99 12.34 -22.73 0.84
N ASN I 100 12.66 -21.94 1.85
CA ASN I 100 12.90 -22.42 3.21
C ASN I 100 12.91 -21.26 4.19
N ASP I 101 12.11 -21.36 5.24
CA ASP I 101 11.97 -20.28 6.21
C ASP I 101 12.88 -20.48 7.42
N GLU I 102 13.74 -21.49 7.40
CA GLU I 102 14.92 -21.47 8.26
C GLU I 102 16.05 -20.66 7.63
N TYR I 103 15.92 -20.29 6.35
CA TYR I 103 16.89 -19.46 5.66
C TYR I 103 16.49 -17.99 5.81
N ILE I 104 17.35 -17.20 6.44
CA ILE I 104 17.16 -15.76 6.58
C ILE I 104 18.44 -15.08 6.08
N SER I 105 18.30 -13.83 5.65
CA SER I 105 19.34 -13.21 4.85
C SER I 105 19.52 -11.75 5.24
N ASP I 106 20.69 -11.22 4.92
CA ASP I 106 21.01 -9.81 5.11
C ASP I 106 21.50 -9.16 3.83
N GLY I 107 21.45 -9.87 2.70
CA GLY I 107 21.98 -9.40 1.45
C GLY I 107 23.38 -9.87 1.14
N ASN I 108 24.12 -10.32 2.14
CA ASN I 108 25.46 -10.85 1.96
C ASN I 108 25.62 -12.28 2.46
N VAL I 109 24.92 -12.66 3.52
CA VAL I 109 25.04 -13.99 4.10
C VAL I 109 23.65 -14.55 4.38
N VAL I 110 23.51 -15.87 4.26
CA VAL I 110 22.28 -16.57 4.61
C VAL I 110 22.64 -17.81 5.42
N GLY I 111 21.75 -18.19 6.32
CA GLY I 111 22.02 -19.31 7.20
C GLY I 111 20.75 -19.87 7.81
N ILE I 112 20.94 -20.64 8.88
CA ILE I 112 19.85 -21.33 9.56
C ILE I 112 19.22 -20.38 10.58
N HIS I 113 17.93 -20.56 10.83
CA HIS I 113 17.14 -19.58 11.57
C HIS I 113 17.44 -19.62 13.06
N ILE I 114 17.73 -18.46 13.64
CA ILE I 114 17.76 -18.23 15.08
C ILE I 114 17.05 -16.91 15.35
N ALA I 115 16.27 -16.85 16.43
CA ALA I 115 15.50 -15.67 16.76
C ALA I 115 15.86 -15.20 18.17
N ASP I 116 16.45 -14.02 18.27
CA ASP I 116 16.83 -13.42 19.54
C ASP I 116 17.19 -11.97 19.32
N GLY I 117 16.78 -11.11 20.25
CA GLY I 117 17.07 -9.69 20.15
C GLY I 117 16.20 -8.95 19.16
N ASN I 121 18.64 -10.47 13.86
CA ASN I 121 17.36 -11.02 14.31
C ASN I 121 17.33 -12.53 14.14
N ILE I 124 22.80 -16.04 13.74
CA ILE I 124 22.69 -16.77 12.50
C ILE I 124 23.83 -17.76 12.38
N LEU I 125 23.55 -18.93 11.81
CA LEU I 125 24.60 -19.87 11.44
C LEU I 125 24.68 -19.89 9.92
N PRO I 126 25.69 -19.27 9.31
CA PRO I 126 25.73 -19.17 7.85
C PRO I 126 25.97 -20.52 7.20
N VAL I 127 25.30 -20.73 6.06
CA VAL I 127 25.65 -21.84 5.17
C VAL I 127 25.85 -21.40 3.74
N ILE I 128 25.36 -20.23 3.33
CA ILE I 128 25.66 -19.65 2.03
C ILE I 128 26.11 -18.21 2.26
N GLU I 129 27.34 -17.91 1.87
CA GLU I 129 27.90 -16.58 1.98
C GLU I 129 28.29 -16.08 0.60
N PHE I 130 27.81 -14.88 0.26
CA PHE I 130 28.12 -14.23 -1.00
C PHE I 130 29.34 -13.35 -0.79
N MET I 131 30.42 -13.64 -1.52
CA MET I 131 31.72 -12.99 -1.35
C MET I 131 32.08 -12.28 -2.64
N PRO I 132 31.70 -11.01 -2.80
CA PRO I 132 32.06 -10.28 -4.02
C PRO I 132 33.47 -9.71 -3.93
N GLY I 133 34.17 -9.75 -5.06
CA GLY I 133 35.47 -9.13 -5.16
C GLY I 133 36.64 -9.94 -4.65
N VAL I 134 36.49 -11.26 -4.54
CA VAL I 134 37.58 -12.12 -4.07
C VAL I 134 37.45 -13.47 -4.77
N HIS I 135 38.60 -14.10 -4.98
CA HIS I 135 38.69 -15.40 -5.65
C HIS I 135 39.34 -16.41 -4.71
N VAL I 136 38.95 -17.68 -4.84
CA VAL I 136 39.45 -18.69 -3.93
C VAL I 136 40.94 -18.96 -4.17
N ASP I 137 41.41 -18.77 -5.41
CA ASP I 137 42.81 -18.99 -5.71
C ASP I 137 43.73 -17.98 -5.03
N ASP I 138 43.20 -16.82 -4.64
CA ASP I 138 43.98 -15.82 -3.92
C ASP I 138 44.17 -16.16 -2.46
N ILE I 139 43.43 -17.14 -1.94
CA ILE I 139 43.54 -17.55 -0.54
C ILE I 139 43.78 -19.04 -0.38
N SER I 140 43.91 -19.79 -1.48
CA SER I 140 43.93 -21.25 -1.43
C SER I 140 45.01 -21.81 -0.51
N ASP I 141 46.08 -21.06 -0.25
CA ASP I 141 47.13 -21.55 0.63
C ASP I 141 46.62 -21.75 2.04
N LYS I 142 45.87 -20.77 2.56
CA LYS I 142 45.37 -20.84 3.93
C LYS I 142 44.45 -22.03 4.13
N LEU I 143 43.51 -22.23 3.21
CA LEU I 143 42.54 -23.31 3.36
C LEU I 143 43.18 -24.67 3.08
N ILE I 144 44.03 -24.75 2.07
CA ILE I 144 44.75 -26.00 1.81
C ILE I 144 45.55 -26.41 3.03
N LYS I 145 46.14 -25.43 3.73
CA LYS I 145 46.84 -25.73 4.97
C LYS I 145 45.89 -26.17 6.07
N SER I 146 44.77 -25.46 6.22
CA SER I 146 43.85 -25.74 7.33
C SER I 146 43.00 -26.97 7.08
N SER I 147 42.69 -27.28 5.82
CA SER I 147 41.80 -28.39 5.52
C SER I 147 42.55 -29.72 5.54
N SER I 148 41.84 -30.77 5.97
CA SER I 148 42.42 -32.11 5.93
C SER I 148 42.69 -32.55 4.51
N TYR I 149 41.74 -32.31 3.60
CA TYR I 149 41.92 -32.61 2.20
C TYR I 149 40.89 -31.84 1.38
N GLN I 150 41.08 -31.87 0.06
CA GLN I 150 40.28 -31.12 -0.89
C GLN I 150 39.54 -32.07 -1.81
N GLY I 151 38.43 -31.58 -2.36
CA GLY I 151 37.61 -32.39 -3.24
C GLY I 151 37.05 -31.56 -4.37
N ILE I 152 36.66 -32.26 -5.43
CA ILE I 152 36.06 -31.66 -6.62
C ILE I 152 34.55 -31.83 -6.53
N PHE I 153 33.82 -30.73 -6.77
CA PHE I 153 32.36 -30.71 -6.70
C PHE I 153 31.82 -30.63 -8.12
N LYS I 154 31.31 -31.76 -8.63
CA LYS I 154 30.64 -31.79 -9.92
C LYS I 154 29.44 -30.85 -9.88
N THR I 155 29.62 -29.63 -10.38
CA THR I 155 28.66 -28.56 -10.12
C THR I 155 27.36 -28.70 -10.91
N ASP I 156 27.31 -29.59 -11.90
CA ASP I 156 26.06 -29.89 -12.59
C ASP I 156 25.36 -31.11 -12.02
N ASN I 157 25.89 -31.70 -10.95
CA ASN I 157 25.32 -32.90 -10.35
C ASN I 157 24.40 -32.47 -9.20
N LEU I 158 23.10 -32.75 -9.36
CA LEU I 158 22.14 -32.41 -8.33
C LEU I 158 22.34 -33.23 -7.06
N GLU I 159 22.82 -34.47 -7.21
CA GLU I 159 22.94 -35.38 -6.07
C GLU I 159 23.97 -34.92 -5.04
N GLU I 160 24.91 -34.08 -5.43
CA GLU I 160 25.87 -33.53 -4.47
C GLU I 160 25.33 -32.30 -3.76
N PHE I 161 24.64 -31.43 -4.51
CA PHE I 161 23.89 -30.34 -3.89
C PHE I 161 22.95 -30.89 -2.82
N GLU I 162 22.16 -31.90 -3.17
CA GLU I 162 21.27 -32.53 -2.20
C GLU I 162 22.02 -33.29 -1.12
N PHE I 163 23.35 -33.32 -1.13
CA PHE I 163 24.13 -33.81 -0.01
C PHE I 163 24.68 -32.70 0.89
N LEU I 164 25.12 -31.56 0.34
CA LEU I 164 25.50 -30.44 1.22
C LEU I 164 24.27 -29.73 1.78
N VAL I 165 23.46 -29.13 0.91
CA VAL I 165 22.12 -28.76 1.34
C VAL I 165 21.30 -30.04 1.21
N ASP I 166 20.08 -30.05 1.70
CA ASP I 166 19.26 -31.23 1.54
C ASP I 166 18.44 -31.10 0.26
N LYS I 167 17.62 -32.11 -0.04
CA LYS I 167 16.84 -32.09 -1.27
C LYS I 167 15.82 -30.96 -1.29
N LYS I 168 15.55 -30.34 -0.14
CA LYS I 168 14.59 -29.23 -0.11
C LYS I 168 15.14 -28.02 -0.84
N ASN I 169 16.44 -27.77 -0.73
CA ASN I 169 17.07 -26.60 -1.33
C ASN I 169 18.03 -26.95 -2.46
N ALA I 170 18.17 -28.24 -2.81
CA ALA I 170 19.15 -28.64 -3.81
C ALA I 170 18.80 -28.07 -5.19
N ASN I 171 17.54 -28.22 -5.59
CA ASN I 171 17.12 -27.82 -6.94
C ASN I 171 17.42 -26.35 -7.19
N ASN I 172 17.08 -25.49 -6.24
CA ASN I 172 17.22 -24.06 -6.43
C ASN I 172 18.62 -23.54 -6.08
N VAL I 173 19.29 -24.11 -5.08
CA VAL I 173 20.66 -23.67 -4.78
C VAL I 173 21.58 -24.01 -5.94
N LYS I 174 21.47 -25.24 -6.45
CA LYS I 174 22.23 -25.66 -7.63
C LYS I 174 22.22 -24.56 -8.67
N GLU I 175 21.07 -24.29 -9.26
CA GLU I 175 21.04 -23.34 -10.37
C GLU I 175 20.99 -21.89 -9.87
N LEU I 176 21.02 -21.66 -8.56
CA LEU I 176 21.46 -20.37 -8.03
C LEU I 176 22.92 -20.14 -8.35
N ILE I 177 23.76 -21.17 -8.22
CA ILE I 177 25.13 -20.96 -8.67
C ILE I 177 25.26 -21.15 -10.19
N LEU I 178 24.46 -22.03 -10.81
CA LEU I 178 24.51 -22.10 -12.27
C LEU I 178 24.15 -20.78 -12.94
N ALA I 179 23.25 -19.99 -12.33
CA ALA I 179 22.97 -18.67 -12.91
C ALA I 179 24.21 -17.79 -12.88
N TYR I 180 25.01 -17.88 -11.82
CA TYR I 180 26.26 -17.12 -11.76
C TYR I 180 27.25 -17.62 -12.80
N THR I 181 27.33 -18.93 -12.99
CA THR I 181 28.21 -19.46 -14.03
C THR I 181 27.81 -18.96 -15.41
N ASP I 182 26.50 -18.97 -15.70
CA ASP I 182 26.02 -18.51 -17.00
C ASP I 182 26.26 -17.01 -17.18
N TYR I 183 26.05 -16.23 -16.12
CA TYR I 183 26.24 -14.79 -16.24
C TYR I 183 27.71 -14.44 -16.44
N PHE I 184 28.59 -15.04 -15.65
CA PHE I 184 30.02 -14.76 -15.79
C PHE I 184 30.57 -15.29 -17.10
N ALA I 185 30.04 -16.40 -17.60
CA ALA I 185 30.51 -16.99 -18.84
C ALA I 185 29.86 -16.38 -20.08
N ASN I 186 28.82 -15.58 -19.93
CA ASN I 186 28.11 -15.10 -21.12
C ASN I 186 27.99 -13.59 -21.21
N LYS I 187 27.75 -12.90 -20.10
CA LYS I 187 27.57 -11.45 -20.14
C LYS I 187 28.80 -10.67 -19.69
N LEU I 188 29.82 -11.35 -19.12
CA LEU I 188 31.12 -10.75 -18.86
C LEU I 188 32.24 -11.64 -19.35
N ALA I 189 32.02 -12.35 -20.45
CA ALA I 189 33.01 -13.27 -20.96
C ALA I 189 34.16 -12.53 -21.63
N PHE I 190 35.37 -13.02 -21.43
CA PHE I 190 36.52 -12.54 -22.18
C PHE I 190 36.55 -13.22 -23.55
N LYS I 191 37.42 -12.71 -24.42
CA LYS I 191 37.65 -13.38 -25.69
C LYS I 191 38.32 -14.73 -25.48
N ASP I 192 39.30 -14.79 -24.59
CA ASP I 192 39.81 -16.06 -24.10
C ASP I 192 38.97 -16.51 -22.91
N PRO I 193 38.31 -17.67 -22.97
CA PRO I 193 37.29 -17.97 -21.96
C PRO I 193 37.91 -18.31 -20.62
N ALA I 194 37.23 -17.86 -19.56
CA ALA I 194 37.67 -18.10 -18.19
C ALA I 194 36.89 -19.26 -17.62
N GLU I 195 37.62 -20.26 -17.13
CA GLU I 195 36.97 -21.43 -16.56
C GLU I 195 36.58 -21.17 -15.10
N PRO I 196 35.39 -21.57 -14.68
CA PRO I 196 35.00 -21.39 -13.29
C PRO I 196 35.85 -22.24 -12.36
N ALA I 197 36.04 -21.74 -11.14
CA ALA I 197 36.81 -22.44 -10.12
C ALA I 197 35.84 -23.01 -9.10
N VAL I 198 35.85 -24.33 -8.94
CA VAL I 198 34.99 -25.01 -7.97
C VAL I 198 35.91 -25.86 -7.09
N GLU I 199 36.10 -25.43 -5.85
CA GLU I 199 37.04 -26.11 -4.97
C GLU I 199 36.38 -26.46 -3.65
N MET I 200 36.66 -27.68 -3.17
CA MET I 200 36.10 -28.19 -1.94
C MET I 200 37.21 -28.42 -0.91
N TYR I 201 36.94 -28.04 0.33
CA TYR I 201 37.84 -28.28 1.45
C TYR I 201 37.02 -28.92 2.57
N GLN I 202 37.37 -30.15 2.95
CA GLN I 202 36.62 -30.85 3.99
C GLN I 202 37.37 -30.76 5.32
N PHE I 203 36.72 -30.19 6.33
CA PHE I 203 37.30 -30.04 7.65
C PHE I 203 36.76 -31.11 8.59
N ILE I 204 37.17 -31.01 9.86
CA ILE I 204 36.73 -31.99 10.85
C ILE I 204 35.28 -31.72 11.26
N ASP I 205 34.88 -30.45 11.32
CA ASP I 205 33.57 -30.07 11.82
C ASP I 205 32.61 -29.62 10.71
N ARG I 206 33.06 -29.52 9.47
CA ARG I 206 32.21 -29.02 8.40
C ARG I 206 32.82 -29.36 7.05
N THR I 207 32.11 -28.97 5.99
CA THR I 207 32.55 -29.15 4.61
C THR I 207 32.30 -27.84 3.88
N GLU I 208 33.35 -27.24 3.31
CA GLU I 208 33.22 -25.97 2.63
C GLU I 208 33.44 -26.14 1.13
N VAL I 209 32.60 -25.48 0.34
CA VAL I 209 32.67 -25.53 -1.12
C VAL I 209 32.61 -24.11 -1.66
N TYR I 210 33.47 -23.81 -2.62
CA TYR I 210 33.70 -22.46 -3.10
C TYR I 210 33.53 -22.43 -4.62
N PHE I 211 32.67 -21.53 -5.09
CA PHE I 211 32.46 -21.28 -6.51
C PHE I 211 32.95 -19.87 -6.83
N SER I 212 34.11 -19.77 -7.47
CA SER I 212 34.71 -18.49 -7.83
C SER I 212 34.69 -18.31 -9.35
N PHE I 213 34.47 -17.07 -9.79
CA PHE I 213 34.38 -16.76 -11.20
C PHE I 213 35.21 -15.51 -11.51
N GLU I 214 35.46 -15.32 -12.81
CA GLU I 214 36.21 -14.17 -13.31
C GLU I 214 35.41 -13.52 -14.43
N GLY I 215 35.27 -12.21 -14.38
CA GLY I 215 34.44 -11.49 -15.33
C GLY I 215 35.18 -10.34 -15.97
N CYS I 216 34.83 -10.10 -17.24
CA CYS I 216 35.47 -9.08 -18.07
C CYS I 216 34.64 -7.81 -18.05
N HIS I 217 35.26 -6.71 -17.61
CA HIS I 217 34.61 -5.42 -17.64
C HIS I 217 35.49 -4.43 -18.40
N PRO I 218 34.89 -3.58 -19.23
CA PRO I 218 35.72 -2.60 -19.97
C PRO I 218 36.41 -1.59 -19.07
N ASP I 219 35.81 -1.22 -17.94
CA ASP I 219 36.40 -0.17 -17.09
C ASP I 219 37.49 -0.69 -16.16
N VAL I 220 37.54 -1.99 -15.90
CA VAL I 220 38.46 -2.53 -14.90
C VAL I 220 39.03 -3.85 -15.40
N GLU I 221 40.24 -4.18 -14.91
CA GLU I 221 40.95 -5.36 -15.38
C GLU I 221 40.15 -6.63 -15.10
N GLU I 222 39.64 -6.78 -13.88
CA GLU I 222 39.00 -8.03 -13.48
C GLU I 222 37.78 -7.77 -12.62
N VAL I 223 36.81 -8.69 -12.71
CA VAL I 223 35.68 -8.75 -11.80
C VAL I 223 35.70 -10.11 -11.12
N LEU I 224 35.53 -10.13 -9.80
CA LEU I 224 35.67 -11.35 -9.02
C LEU I 224 34.45 -11.54 -8.12
N PHE I 225 34.02 -12.79 -8.00
CA PHE I 225 32.89 -13.13 -7.15
C PHE I 225 32.97 -14.62 -6.83
N THR I 226 32.70 -14.97 -5.57
CA THR I 226 32.66 -16.36 -5.16
C THR I 226 31.55 -16.57 -4.15
N ILE I 227 30.85 -17.69 -4.29
CA ILE I 227 29.82 -18.12 -3.34
C ILE I 227 30.38 -19.29 -2.55
N LYS I 228 30.30 -19.20 -1.23
CA LYS I 228 30.79 -20.26 -0.35
C LYS I 228 29.62 -20.90 0.37
N ILE I 229 29.52 -22.23 0.28
CA ILE I 229 28.50 -22.98 0.98
C ILE I 229 29.18 -23.93 1.95
N VAL I 230 28.61 -24.08 3.13
CA VAL I 230 29.15 -24.94 4.18
C VAL I 230 28.06 -25.91 4.58
N ARG I 231 28.42 -27.20 4.67
CA ARG I 231 27.55 -28.23 5.21
C ARG I 231 28.26 -28.88 6.39
N TYR I 232 27.73 -28.67 7.58
CA TYR I 232 28.29 -29.30 8.77
C TYR I 232 27.93 -30.79 8.78
N ASN I 233 28.85 -31.60 9.31
CA ASN I 233 28.76 -33.04 9.16
C ASN I 233 27.46 -33.63 9.71
N GLN I 234 26.75 -32.88 10.54
CA GLN I 234 25.44 -33.31 11.02
C GLN I 234 24.37 -32.43 10.38
N PRO I 235 23.49 -32.97 9.53
CA PRO I 235 22.42 -32.22 8.85
C PRO I 235 21.50 -31.49 9.81
N SER I 238 17.18 -35.07 10.96
CA SER I 238 18.36 -35.71 11.54
C SER I 238 18.19 -35.89 13.05
N THR I 239 18.35 -37.13 13.51
CA THR I 239 18.19 -37.41 14.94
C THR I 239 19.32 -36.84 15.78
N ALA I 240 20.44 -36.45 15.16
CA ALA I 240 21.57 -35.90 15.89
C ALA I 240 21.55 -34.38 15.93
N MET I 241 21.19 -33.73 14.82
CA MET I 241 21.17 -32.28 14.75
C MET I 241 19.86 -31.67 15.25
N GLN I 242 18.84 -32.49 15.50
CA GLN I 242 17.57 -31.94 15.97
C GLN I 242 17.65 -31.51 17.43
N VAL I 243 18.51 -32.15 18.23
CA VAL I 243 18.68 -31.78 19.63
C VAL I 243 19.31 -30.41 19.81
N PHE I 244 19.75 -29.78 18.71
CA PHE I 244 20.39 -28.47 18.77
C PHE I 244 19.37 -27.34 18.71
N LEU I 245 18.51 -27.34 17.69
CA LEU I 245 17.46 -26.34 17.59
C LEU I 245 16.44 -26.47 18.70
N LYS I 246 16.38 -27.62 19.37
CA LYS I 246 15.49 -27.80 20.50
C LYS I 246 16.05 -27.24 21.80
N ASN I 247 17.28 -26.58 21.76
CA ASN I 247 17.50 -25.85 23.00
C ASN I 247 16.92 -24.45 22.88
N PRO I 248 16.24 -23.95 23.92
CA PRO I 248 16.09 -22.50 24.08
C PRO I 248 17.36 -21.81 24.55
N LEU I 249 18.42 -22.55 24.87
CA LEU I 249 19.70 -21.93 25.20
C LEU I 249 20.20 -21.09 24.03
N LEU I 250 20.09 -21.62 22.80
CA LEU I 250 20.45 -20.85 21.62
C LEU I 250 19.59 -19.61 21.46
N SER I 251 18.48 -19.53 22.18
CA SER I 251 17.61 -18.37 22.16
C SER I 251 18.03 -17.28 23.13
N HIS I 252 19.09 -17.50 23.91
CA HIS I 252 19.49 -16.56 24.96
C HIS I 252 20.83 -15.88 24.71
N ILE I 253 21.56 -16.22 23.65
CA ILE I 253 22.91 -15.70 23.45
C ILE I 253 22.86 -14.39 22.70
N ARG I 254 23.57 -13.39 23.23
CA ARG I 254 23.83 -12.14 22.52
C ARG I 254 25.31 -12.06 22.18
N THR I 255 25.84 -10.85 22.02
CA THR I 255 27.25 -10.68 21.76
C THR I 255 27.67 -9.27 22.15
N VAL I 256 28.92 -9.13 22.54
CA VAL I 256 29.48 -7.85 22.95
C VAL I 256 31.00 -7.95 23.00
N VAL I 257 31.68 -6.85 23.33
CA VAL I 257 33.13 -6.81 23.38
C VAL I 257 33.57 -6.23 24.71
N ARG I 258 34.76 -6.63 25.16
CA ARG I 258 35.27 -6.20 26.45
C ARG I 258 35.82 -4.78 26.39
N GLN I 259 35.74 -4.09 27.52
CA GLN I 259 36.23 -2.72 27.63
C GLN I 259 37.40 -2.62 28.60
N ARG J 6 47.38 -6.43 -17.46
CA ARG J 6 48.07 -5.15 -17.56
C ARG J 6 47.16 -3.99 -17.21
N SER J 7 47.54 -3.21 -16.19
CA SER J 7 48.76 -3.45 -15.45
C SER J 7 48.46 -3.81 -14.00
N ARG J 8 47.94 -5.02 -13.78
CA ARG J 8 47.59 -5.47 -12.44
C ARG J 8 47.52 -6.99 -12.38
N GLY J 9 46.60 -7.52 -11.58
CA GLY J 9 46.42 -8.95 -11.50
C GLY J 9 45.96 -9.56 -12.81
N GLN J 10 46.17 -10.86 -12.93
CA GLN J 10 45.92 -11.57 -14.18
C GLN J 10 44.93 -12.72 -13.97
N ARG J 11 44.66 -13.44 -15.06
CA ARG J 11 43.73 -14.57 -15.03
C ARG J 11 44.29 -15.72 -14.22
N ARG J 12 43.39 -16.54 -13.69
CA ARG J 12 43.75 -17.77 -12.99
C ARG J 12 43.40 -19.03 -13.76
N ARG J 13 42.30 -19.04 -14.51
CA ARG J 13 41.85 -20.25 -15.19
C ARG J 13 41.45 -19.93 -16.62
N SER J 14 42.05 -20.66 -17.57
CA SER J 14 41.71 -20.51 -18.97
C SER J 14 42.00 -21.81 -19.73
N ASN J 15 41.74 -22.94 -19.09
CA ASN J 15 42.02 -24.24 -19.69
C ASN J 15 40.97 -24.61 -20.72
N GLN K 3 13.82 19.01 22.59
CA GLN K 3 13.20 20.17 23.21
C GLN K 3 14.26 21.04 23.85
N PHE K 4 15.15 20.45 24.65
CA PHE K 4 16.17 21.26 25.30
C PHE K 4 17.45 20.46 25.44
N ASN K 5 18.53 21.19 25.70
CA ASN K 5 19.83 20.58 25.99
C ASN K 5 20.14 20.84 27.45
N ILE K 6 20.68 19.83 28.14
CA ILE K 6 21.34 20.10 29.41
C ILE K 6 22.79 19.69 29.27
N THR K 7 23.63 20.48 29.89
CA THR K 7 25.06 20.48 29.68
C THR K 7 25.71 19.42 30.56
N TRP K 8 27.00 19.19 30.32
CA TRP K 8 27.75 18.31 31.20
C TRP K 8 27.97 18.90 32.58
N GLU K 9 27.77 20.21 32.74
CA GLU K 9 27.85 20.82 34.06
C GLU K 9 26.73 20.31 34.97
N GLU K 10 25.51 20.19 34.43
CA GLU K 10 24.38 19.74 35.24
C GLU K 10 24.59 18.30 35.71
N GLN K 11 24.92 17.40 34.79
CA GLN K 11 25.16 16.02 35.15
C GLN K 11 26.35 15.88 36.08
N LEU K 12 27.42 16.64 35.80
CA LEU K 12 28.61 16.58 36.66
C LEU K 12 28.29 17.02 38.08
N GLN K 13 27.46 18.04 38.23
CA GLN K 13 27.05 18.48 39.57
C GLN K 13 26.03 17.54 40.19
N ALA K 14 25.32 16.76 39.38
CA ALA K 14 24.42 15.76 39.94
C ALA K 14 25.21 14.58 40.50
N LEU K 15 26.10 14.00 39.70
CA LEU K 15 26.94 12.89 40.14
C LEU K 15 28.01 13.33 41.13
N SER K 16 28.24 14.63 41.28
CA SER K 16 29.16 15.13 42.30
C SER K 16 28.72 14.72 43.71
N LYS K 17 27.44 14.41 43.88
CA LYS K 17 26.90 14.02 45.18
C LYS K 17 26.86 12.51 45.37
N LEU K 18 27.34 11.74 44.41
CA LEU K 18 27.56 10.32 44.64
C LEU K 18 28.78 10.13 45.52
N ASP K 19 28.69 9.17 46.46
CA ASP K 19 29.61 9.12 47.58
C ASP K 19 31.05 8.88 47.12
N GLY K 20 31.29 7.76 46.43
CA GLY K 20 32.67 7.36 46.21
C GLY K 20 33.14 7.23 44.78
N LEU K 21 32.40 7.77 43.81
CA LEU K 21 32.85 7.72 42.42
C LEU K 21 33.87 8.83 42.21
N HIS K 22 35.12 8.42 41.95
CA HIS K 22 36.20 9.36 41.72
C HIS K 22 36.79 9.27 40.32
N HIS K 23 36.35 8.32 39.51
CA HIS K 23 36.85 8.14 38.15
C HIS K 23 35.65 7.89 37.23
N PRO K 24 34.92 8.95 36.88
CA PRO K 24 33.69 8.76 36.11
C PRO K 24 33.98 8.51 34.64
N HIS K 25 32.98 7.91 33.97
CA HIS K 25 32.98 7.87 32.52
C HIS K 25 32.70 9.26 31.98
N LYS K 26 33.33 9.60 30.87
CA LYS K 26 33.20 10.95 30.34
C LYS K 26 31.86 11.10 29.63
N LEU K 27 31.07 12.06 30.09
CA LEU K 27 29.77 12.36 29.51
C LEU K 27 29.90 13.56 28.54
N GLU K 28 28.80 14.21 28.25
CA GLU K 28 28.75 15.41 27.41
C GLU K 28 27.34 15.97 27.50
N ASP K 29 27.11 17.05 26.78
CA ASP K 29 25.76 17.60 26.69
C ASP K 29 24.81 16.57 26.08
N ILE K 30 23.58 16.55 26.59
CA ILE K 30 22.52 15.73 26.01
C ILE K 30 21.44 16.66 25.49
N SER K 31 20.94 16.37 24.30
CA SER K 31 19.88 17.17 23.68
C SER K 31 18.61 16.31 23.64
N VAL K 32 17.78 16.46 24.67
CA VAL K 32 16.56 15.67 24.79
C VAL K 32 15.44 16.33 23.99
N HIS K 33 14.77 15.53 23.17
CA HIS K 33 13.52 15.89 22.51
C HIS K 33 12.44 14.91 22.95
N TRP K 34 11.23 15.43 23.15
CA TRP K 34 10.10 14.61 23.58
C TRP K 34 8.77 15.26 23.24
N PHE K 36 4.63 12.29 23.98
CA PHE K 36 3.51 12.13 24.89
C PHE K 36 2.25 11.72 24.14
N ASN K 37 1.76 10.53 24.44
CA ASN K 37 0.53 10.00 23.83
C ASN K 37 -0.45 9.62 24.93
N PRO K 38 -1.61 10.27 25.01
CA PRO K 38 -2.60 9.87 26.03
C PRO K 38 -3.07 8.44 25.89
N VAL K 39 -3.13 7.91 24.66
CA VAL K 39 -3.45 6.51 24.46
C VAL K 39 -2.34 5.66 25.05
N ASP K 40 -2.74 4.57 25.72
CA ASP K 40 -1.82 3.69 26.44
C ASP K 40 -1.11 4.44 27.57
N ILE K 41 -0.27 3.73 28.32
CA ILE K 41 0.43 4.34 29.45
C ILE K 41 1.72 3.59 29.75
N VAL K 43 5.41 8.41 28.17
CA VAL K 43 6.21 9.40 27.47
C VAL K 43 7.46 8.77 26.88
N PHE K 44 7.65 8.95 25.57
CA PHE K 44 8.85 8.48 24.88
C PHE K 44 9.87 9.61 24.87
N VAL K 45 11.03 9.37 25.47
CA VAL K 45 12.06 10.38 25.65
C VAL K 45 13.21 10.09 24.70
N THR K 46 13.35 10.90 23.66
CA THR K 46 14.51 10.87 22.79
C THR K 46 15.57 11.82 23.33
N CYS K 47 16.83 11.46 23.18
CA CYS K 47 17.93 12.31 23.60
C CYS K 47 19.11 12.06 22.67
N ALA K 48 19.91 13.11 22.42
CA ALA K 48 21.00 13.05 21.45
C ALA K 48 22.34 13.35 22.10
N THR K 49 23.34 12.54 21.73
CA THR K 49 24.74 12.77 22.09
C THR K 49 25.56 12.93 20.83
N MET K 50 26.47 13.89 20.82
CA MET K 50 27.41 14.00 19.71
C MET K 50 28.47 12.90 19.74
N SER K 51 28.60 12.18 20.86
CA SER K 51 29.55 11.08 20.92
C SER K 51 29.04 9.88 20.12
N SER K 52 27.81 9.46 20.38
CA SER K 52 27.25 8.28 19.73
C SER K 52 25.73 8.35 19.80
N HIS K 53 25.07 7.35 19.23
CA HIS K 53 23.62 7.27 19.32
C HIS K 53 23.19 6.95 20.74
N ASN K 54 21.91 7.15 21.01
CA ASN K 54 21.35 6.99 22.35
C ASN K 54 20.20 5.99 22.35
N THR K 55 20.16 5.17 23.39
CA THR K 55 19.02 4.28 23.61
C THR K 55 17.94 5.06 24.35
N HIS K 56 16.77 5.20 23.70
CA HIS K 56 15.70 6.02 24.22
C HIS K 56 14.94 5.30 25.34
N TYR K 57 14.32 6.08 26.22
CA TYR K 57 13.62 5.54 27.37
C TYR K 57 12.16 5.97 27.39
N THR K 58 11.35 5.13 28.03
CA THR K 58 9.91 5.33 28.14
C THR K 58 9.54 5.30 29.62
N PHE K 59 9.02 6.40 30.13
CA PHE K 59 8.58 6.45 31.51
C PHE K 59 7.08 6.70 31.57
N LYS K 60 6.49 6.35 32.71
CA LYS K 60 5.06 6.49 32.91
C LYS K 60 4.81 7.72 33.77
N PRO K 61 4.13 8.74 33.26
CA PRO K 61 3.94 9.97 34.05
C PRO K 61 2.71 9.89 34.94
N GLN K 62 2.89 10.37 36.18
CA GLN K 62 1.75 10.60 37.05
C GLN K 62 1.25 12.03 36.99
N SER K 63 2.17 13.00 36.91
CA SER K 63 1.84 14.40 36.72
C SER K 63 2.02 14.79 35.26
N SER K 64 1.54 15.98 34.93
CA SER K 64 1.62 16.48 33.57
C SER K 64 3.08 16.74 33.19
N PRO K 65 3.59 16.14 32.12
CA PRO K 65 4.99 16.33 31.75
C PRO K 65 5.30 17.79 31.43
N ASP K 66 6.59 18.12 31.53
CA ASP K 66 7.12 19.41 31.13
C ASP K 66 8.64 19.28 31.04
N ASP K 67 9.30 20.39 30.68
CA ASP K 67 10.74 20.36 30.44
C ASP K 67 11.55 20.07 31.69
N ALA K 68 10.95 20.13 32.89
CA ALA K 68 11.67 19.90 34.13
C ALA K 68 11.56 18.47 34.63
N MET K 69 10.46 17.78 34.34
CA MET K 69 10.30 16.38 34.76
C MET K 69 11.07 15.45 33.84
N VAL K 70 10.93 15.63 32.52
CA VAL K 70 11.73 14.89 31.55
C VAL K 70 13.21 15.02 31.84
N ARG K 71 13.62 16.06 32.57
CA ARG K 71 15.02 16.24 32.94
C ARG K 71 15.39 15.35 34.11
N GLU K 72 14.64 15.45 35.21
CA GLU K 72 14.94 14.64 36.39
C GLU K 72 14.86 13.15 36.08
N TYR K 73 14.04 12.74 35.10
CA TYR K 73 13.98 11.32 34.76
C TYR K 73 15.27 10.87 34.12
N VAL K 74 15.66 11.48 32.99
CA VAL K 74 16.85 11.03 32.29
C VAL K 74 18.09 11.15 33.17
N LEU K 75 18.21 12.26 33.92
CA LEU K 75 19.33 12.38 34.85
C LEU K 75 19.28 11.31 35.92
N SER K 76 18.07 10.96 36.37
CA SER K 76 17.90 9.83 37.27
C SER K 76 18.38 8.52 36.64
N ARG K 77 18.38 8.43 35.31
CA ARG K 77 18.97 7.27 34.65
C ARG K 77 20.49 7.36 34.60
N ILE K 78 21.03 8.55 34.34
CA ILE K 78 22.48 8.70 34.21
C ILE K 78 23.15 8.43 35.55
N ILE K 79 22.51 8.83 36.66
CA ILE K 79 23.02 8.45 37.97
C ILE K 79 23.03 6.93 38.13
N ALA K 80 21.94 6.29 37.73
CA ALA K 80 21.82 4.85 37.86
C ALA K 80 22.95 4.12 37.13
N ASP K 81 23.29 4.56 35.92
CA ASP K 81 24.42 3.95 35.21
C ASP K 81 25.73 4.29 35.90
N ASN K 82 25.97 5.58 36.17
CA ASN K 82 27.21 6.00 36.81
C ASN K 82 27.43 5.36 38.17
N LEU K 83 26.43 4.65 38.71
CA LEU K 83 26.67 3.86 39.91
C LEU K 83 27.70 2.75 39.68
N LYS K 84 27.91 2.31 38.44
CA LYS K 84 28.82 1.20 38.19
C LYS K 84 30.29 1.58 38.24
N TYR K 85 30.62 2.83 38.54
CA TYR K 85 32.00 3.30 38.45
C TYR K 85 32.60 3.77 39.77
N VAL K 86 31.80 3.93 40.83
CA VAL K 86 32.38 4.17 42.14
C VAL K 86 33.22 2.97 42.54
N ASP K 87 34.41 3.23 43.08
CA ASP K 87 35.46 2.23 43.23
C ASP K 87 34.92 0.92 43.81
N ASN K 88 34.11 1.02 44.86
CA ASN K 88 33.62 -0.16 45.58
C ASN K 88 32.87 -1.09 44.63
N LEU K 89 31.73 -0.63 44.10
CA LEU K 89 30.95 -1.47 43.19
C LEU K 89 31.75 -1.83 41.94
N TYR K 90 32.53 -0.87 41.43
CA TYR K 90 33.37 -1.03 40.25
C TYR K 90 34.24 -2.29 40.34
N LEU K 91 35.26 -2.28 41.21
CA LEU K 91 36.11 -3.45 41.29
C LEU K 91 35.45 -4.60 42.05
N ALA K 92 34.29 -4.36 42.67
CA ALA K 92 33.48 -5.47 43.12
C ALA K 92 32.98 -6.30 41.94
N ALA K 93 32.68 -5.63 40.81
CA ALA K 93 32.38 -6.35 39.58
C ALA K 93 33.66 -6.86 38.92
N GLY K 94 34.74 -6.07 38.98
CA GLY K 94 36.01 -6.53 38.43
C GLY K 94 36.50 -7.82 39.05
N ALA K 95 36.24 -8.01 40.35
CA ALA K 95 36.62 -9.26 41.01
C ALA K 95 35.82 -10.44 40.47
N VAL K 96 34.59 -10.19 40.02
CA VAL K 96 33.78 -11.26 39.43
C VAL K 96 34.26 -11.57 38.02
N ILE K 97 34.55 -10.54 37.24
CA ILE K 97 34.97 -10.76 35.85
C ILE K 97 36.33 -11.44 35.80
N CYS K 98 37.27 -10.97 36.62
CA CYS K 98 38.61 -11.54 36.62
C CYS K 98 38.71 -12.84 37.42
N GLY K 99 37.75 -13.10 38.31
CA GLY K 99 37.74 -14.30 39.11
C GLY K 99 37.30 -15.56 38.40
N ASN K 100 37.20 -15.53 37.07
CA ASN K 100 36.80 -16.71 36.32
C ASN K 100 37.52 -16.72 34.98
N ASP K 101 37.94 -17.92 34.56
CA ASP K 101 38.62 -18.05 33.28
C ASP K 101 37.72 -17.65 32.11
N GLU K 102 36.41 -17.82 32.26
CA GLU K 102 35.49 -17.69 31.14
C GLU K 102 34.53 -16.51 31.28
N TYR K 103 34.61 -15.74 32.36
CA TYR K 103 33.74 -14.59 32.54
C TYR K 103 34.24 -13.44 31.68
N ILE K 104 33.41 -13.02 30.72
CA ILE K 104 33.72 -11.92 29.81
C ILE K 104 32.68 -10.83 29.99
N SER K 105 33.12 -9.60 30.15
CA SER K 105 32.24 -8.47 30.42
C SER K 105 32.26 -7.49 29.25
N ASP K 106 31.37 -6.51 29.34
CA ASP K 106 31.31 -5.45 28.34
C ASP K 106 30.90 -4.10 28.91
N GLY K 107 30.55 -4.01 30.19
CA GLY K 107 30.08 -2.79 30.81
C GLY K 107 28.68 -2.92 31.40
N ASN K 108 27.82 -3.73 30.78
CA ASN K 108 26.47 -3.92 31.27
C ASN K 108 26.10 -5.38 31.52
N VAL K 109 26.85 -6.35 30.99
CA VAL K 109 26.50 -7.75 31.13
C VAL K 109 27.76 -8.58 31.10
N VAL K 110 27.74 -9.71 31.82
CA VAL K 110 28.83 -10.68 31.79
C VAL K 110 28.23 -12.04 31.44
N GLY K 111 29.09 -12.91 30.94
CA GLY K 111 28.68 -14.25 30.58
C GLY K 111 29.85 -15.20 30.63
N ILE K 112 29.70 -16.33 29.96
CA ILE K 112 30.72 -17.38 29.97
C ILE K 112 31.26 -17.56 28.55
N HIS K 113 32.48 -18.12 28.48
CA HIS K 113 33.21 -18.39 27.23
C HIS K 113 32.35 -18.67 26.00
N LEU K 123 29.39 -15.98 20.98
CA LEU K 123 29.71 -17.12 21.82
C LEU K 123 29.76 -16.74 23.29
N ILE K 124 28.82 -15.89 23.72
CA ILE K 124 28.81 -15.37 25.08
C ILE K 124 27.40 -15.49 25.64
N LEU K 125 27.24 -16.24 26.72
CA LEU K 125 25.95 -16.39 27.37
C LEU K 125 25.93 -15.57 28.66
N PRO K 126 24.89 -14.77 28.88
CA PRO K 126 24.88 -13.89 30.05
C PRO K 126 24.43 -14.60 31.32
N VAL K 127 24.94 -14.10 32.45
CA VAL K 127 24.50 -14.56 33.78
C VAL K 127 24.20 -13.37 34.68
N ILE K 128 24.99 -12.30 34.54
CA ILE K 128 24.86 -11.12 35.39
C ILE K 128 24.64 -9.95 34.46
N GLU K 129 23.38 -9.55 34.29
CA GLU K 129 23.07 -8.33 33.56
C GLU K 129 22.94 -7.19 34.54
N PHE K 130 23.79 -6.18 34.37
CA PHE K 130 23.68 -4.93 35.11
C PHE K 130 22.59 -4.08 34.45
N MET K 131 21.51 -3.82 35.18
CA MET K 131 20.33 -3.12 34.68
C MET K 131 20.15 -1.84 35.47
N PRO K 132 20.84 -0.76 35.08
CA PRO K 132 20.56 0.55 35.67
C PRO K 132 19.36 1.19 35.01
N GLY K 133 18.45 1.71 35.81
CA GLY K 133 17.25 2.35 35.32
C GLY K 133 16.01 1.50 35.31
N VAL K 134 15.97 0.42 36.10
CA VAL K 134 14.78 -0.41 36.19
C VAL K 134 14.68 -0.97 37.61
N HIS K 135 13.45 -1.29 38.01
CA HIS K 135 13.17 -1.92 39.28
C HIS K 135 12.23 -3.10 39.04
N VAL K 136 12.34 -4.12 39.89
CA VAL K 136 11.59 -5.36 39.65
C VAL K 136 10.09 -5.11 39.76
N ASP K 137 9.67 -4.27 40.72
CA ASP K 137 8.24 -4.05 40.94
C ASP K 137 7.58 -3.40 39.73
N ASP K 138 8.32 -2.57 38.98
CA ASP K 138 7.78 -1.93 37.80
C ASP K 138 7.66 -2.87 36.61
N ILE K 139 8.25 -4.06 36.69
CA ILE K 139 8.19 -5.02 35.60
C ILE K 139 7.56 -6.34 36.01
N SER K 140 7.50 -6.65 37.31
CA SER K 140 7.23 -8.01 37.80
C SER K 140 6.00 -8.65 37.15
N ASP K 141 4.99 -7.85 36.78
CA ASP K 141 3.71 -8.41 36.35
C ASP K 141 3.86 -9.34 35.16
N LYS K 142 4.78 -9.03 34.24
CA LYS K 142 5.02 -9.92 33.12
C LYS K 142 5.72 -11.20 33.58
N LEU K 143 6.62 -11.07 34.56
CA LEU K 143 7.43 -12.22 34.97
C LEU K 143 6.62 -13.21 35.82
N ILE K 144 5.66 -12.73 36.60
CA ILE K 144 4.84 -13.64 37.40
C ILE K 144 3.98 -14.52 36.50
N LYS K 145 3.55 -14.00 35.34
CA LYS K 145 2.81 -14.83 34.40
C LYS K 145 3.74 -15.67 33.54
N SER K 146 4.94 -15.17 33.24
CA SER K 146 5.84 -15.93 32.36
C SER K 146 6.57 -17.04 33.10
N SER K 147 6.65 -16.97 34.44
CA SER K 147 7.34 -17.97 35.23
C SER K 147 6.34 -18.95 35.83
N SER K 148 6.80 -20.19 36.02
CA SER K 148 5.96 -21.18 36.67
C SER K 148 5.68 -20.80 38.12
N TYR K 149 6.71 -20.35 38.84
CA TYR K 149 6.54 -19.97 40.24
C TYR K 149 7.68 -19.05 40.63
N GLN K 150 7.56 -18.51 41.85
CA GLN K 150 8.48 -17.51 42.37
C GLN K 150 9.10 -18.00 43.67
N GLY K 151 10.32 -17.54 43.93
CA GLY K 151 11.02 -17.91 45.14
C GLY K 151 11.68 -16.71 45.78
N ILE K 152 12.01 -16.88 47.06
CA ILE K 152 12.73 -15.87 47.83
C ILE K 152 14.15 -16.37 48.05
N PHE K 153 15.13 -15.53 47.74
CA PHE K 153 16.55 -15.90 47.80
C PHE K 153 17.22 -15.04 48.86
N LYS K 154 17.59 -15.66 49.97
CA LYS K 154 18.22 -14.94 51.08
C LYS K 154 19.67 -14.65 50.74
N THR K 155 20.02 -13.37 50.69
CA THR K 155 21.37 -12.92 50.39
C THR K 155 22.31 -12.98 51.59
N ASP K 156 21.98 -13.77 52.61
CA ASP K 156 22.69 -13.70 53.88
C ASP K 156 24.04 -14.38 53.86
N ASN K 157 24.07 -15.65 53.46
CA ASN K 157 25.25 -16.53 53.39
C ASN K 157 25.67 -16.75 51.93
N LEU K 158 26.41 -17.83 51.67
CA LEU K 158 26.94 -18.08 50.33
C LEU K 158 26.54 -19.40 49.68
N GLU K 159 25.97 -20.37 50.40
CA GLU K 159 25.59 -21.65 49.81
C GLU K 159 24.59 -21.54 48.64
N GLU K 160 23.94 -20.39 48.47
CA GLU K 160 22.95 -20.17 47.41
C GLU K 160 23.60 -19.65 46.16
N PHE K 161 24.57 -18.74 46.32
CA PHE K 161 25.35 -18.30 45.19
C PHE K 161 26.09 -19.47 44.55
N GLU K 162 26.29 -20.55 45.31
CA GLU K 162 26.80 -21.79 44.74
C GLU K 162 25.74 -22.50 43.90
N PHE K 163 24.47 -22.16 44.08
CA PHE K 163 23.40 -22.66 43.22
C PHE K 163 23.25 -21.82 41.97
N LEU K 164 23.30 -20.49 42.12
CA LEU K 164 23.17 -19.60 40.96
C LEU K 164 24.43 -19.63 40.11
N VAL K 165 25.60 -19.73 40.74
CA VAL K 165 26.88 -19.87 40.06
C VAL K 165 27.58 -21.10 40.61
N ASP K 166 28.13 -21.93 39.72
CA ASP K 166 28.68 -23.23 40.13
C ASP K 166 29.87 -23.10 41.06
N LYS K 167 29.70 -22.40 42.19
CA LYS K 167 30.73 -22.24 43.20
C LYS K 167 32.05 -21.73 42.63
N ASN K 169 32.71 -18.78 41.69
CA ASN K 169 32.42 -17.36 41.74
C ASN K 169 31.41 -17.03 42.83
N ALA K 170 30.95 -18.08 43.52
CA ALA K 170 29.87 -17.92 44.50
C ALA K 170 30.20 -16.90 45.57
N ASN K 171 31.49 -16.72 45.88
CA ASN K 171 31.87 -15.75 46.90
C ASN K 171 31.83 -14.33 46.35
N ASN K 172 32.40 -14.12 45.16
CA ASN K 172 32.58 -12.77 44.64
C ASN K 172 31.28 -12.17 44.11
N VAL K 173 30.42 -13.00 43.48
CA VAL K 173 29.12 -12.50 43.04
C VAL K 173 28.23 -12.20 44.24
N LYS K 174 28.52 -12.82 45.39
CA LYS K 174 27.84 -12.46 46.63
C LYS K 174 28.37 -11.13 47.17
N GLU K 175 29.70 -10.97 47.20
CA GLU K 175 30.28 -9.71 47.66
C GLU K 175 29.87 -8.54 46.77
N LEU K 176 29.58 -8.81 45.50
CA LEU K 176 29.15 -7.76 44.58
C LEU K 176 27.81 -7.16 45.02
N ILE K 177 26.77 -8.00 45.05
CA ILE K 177 25.46 -7.51 45.45
C ILE K 177 25.47 -7.02 46.89
N LEU K 178 26.30 -7.62 47.75
CA LEU K 178 26.41 -7.14 49.11
C LEU K 178 26.95 -5.71 49.14
N ALA K 179 27.95 -5.42 48.30
CA ALA K 179 28.43 -4.05 48.17
C ALA K 179 27.36 -3.14 47.63
N TYR K 180 26.51 -3.65 46.73
CA TYR K 180 25.45 -2.81 46.18
C TYR K 180 24.40 -2.46 47.23
N THR K 181 23.97 -3.45 48.03
CA THR K 181 23.03 -3.15 49.11
C THR K 181 23.66 -2.23 50.14
N ASP K 182 24.96 -2.40 50.41
CA ASP K 182 25.64 -1.51 51.35
C ASP K 182 25.68 -0.08 50.82
N TYR K 183 25.88 0.09 49.51
CA TYR K 183 25.92 1.43 48.94
C TYR K 183 24.54 2.07 48.94
N PHE K 184 23.51 1.33 48.53
CA PHE K 184 22.17 1.90 48.50
C PHE K 184 21.62 2.17 49.89
N ALA K 185 22.04 1.38 50.88
CA ALA K 185 21.53 1.54 52.24
C ALA K 185 22.37 2.49 53.08
N ASN K 186 23.61 2.76 52.69
CA ASN K 186 24.49 3.62 53.45
C ASN K 186 24.90 4.90 52.74
N LYS K 187 24.95 4.89 51.40
CA LYS K 187 25.36 6.07 50.64
C LYS K 187 24.22 6.71 49.86
N LEU K 188 23.09 6.03 49.72
CA LEU K 188 21.91 6.56 49.04
C LEU K 188 20.66 6.30 49.87
N ALA K 189 20.78 6.48 51.18
CA ALA K 189 19.69 6.12 52.10
C ALA K 189 18.68 7.25 52.25
N PHE K 190 17.41 6.89 52.21
CA PHE K 190 16.36 7.82 52.59
C PHE K 190 16.34 7.98 54.12
N LYS K 191 15.69 9.06 54.57
CA LYS K 191 15.44 9.19 56.01
C LYS K 191 14.55 8.05 56.51
N ASP K 192 13.55 7.67 55.72
CA ASP K 192 12.79 6.45 55.92
C ASP K 192 13.42 5.37 55.04
N PRO K 193 14.28 4.51 55.60
CA PRO K 193 15.06 3.59 54.76
C PRO K 193 14.18 2.73 53.86
N ALA K 194 14.72 2.42 52.69
CA ALA K 194 14.06 1.56 51.73
C ALA K 194 14.71 0.18 51.75
N GLU K 195 13.90 -0.83 51.64
CA GLU K 195 14.43 -2.17 51.74
C GLU K 195 14.74 -2.74 50.37
N PRO K 196 15.81 -3.54 50.24
CA PRO K 196 16.13 -4.14 48.95
C PRO K 196 15.06 -5.12 48.50
N ALA K 197 14.92 -5.24 47.19
CA ALA K 197 13.94 -6.13 46.57
C ALA K 197 14.70 -7.28 45.91
N VAL K 198 14.46 -8.51 46.39
CA VAL K 198 15.04 -9.71 45.82
C VAL K 198 13.89 -10.59 45.37
N GLU K 199 13.81 -10.87 44.08
CA GLU K 199 12.70 -11.63 43.52
C GLU K 199 13.24 -12.78 42.68
N MET K 200 12.74 -13.98 42.93
CA MET K 200 13.13 -15.16 42.16
C MET K 200 11.97 -15.64 41.30
N TYR K 201 12.26 -15.96 40.05
CA TYR K 201 11.29 -16.50 39.12
C TYR K 201 11.92 -17.72 38.45
N GLN K 202 11.26 -18.86 38.55
CA GLN K 202 11.76 -20.09 37.94
C GLN K 202 11.00 -20.38 36.66
N PHE K 203 11.74 -20.56 35.58
CA PHE K 203 11.20 -20.92 34.27
C PHE K 203 11.52 -22.37 33.97
N ILE K 204 11.04 -22.84 32.81
CA ILE K 204 11.27 -24.24 32.44
C ILE K 204 12.74 -24.48 32.11
N ASP K 205 13.44 -23.46 31.63
CA ASP K 205 14.81 -23.61 31.17
C ASP K 205 15.84 -22.89 32.03
N ARG K 206 15.43 -21.96 32.88
CA ARG K 206 16.40 -21.15 33.63
C ARG K 206 15.73 -20.61 34.88
N THR K 207 16.58 -20.26 35.85
CA THR K 207 16.16 -19.61 37.09
C THR K 207 16.71 -18.19 37.10
N GLU K 208 15.85 -17.22 37.38
CA GLU K 208 16.23 -15.82 37.37
C GLU K 208 16.06 -15.23 38.77
N VAL K 209 17.05 -14.48 39.22
CA VAL K 209 16.99 -13.79 40.50
C VAL K 209 17.33 -12.32 40.26
N TYR K 210 16.52 -11.43 40.82
CA TYR K 210 16.58 -10.00 40.57
C TYR K 210 16.82 -9.24 41.87
N PHE K 211 17.70 -8.25 41.80
CA PHE K 211 18.09 -7.44 42.96
C PHE K 211 17.89 -5.97 42.60
N SER K 212 16.79 -5.38 43.04
CA SER K 212 16.51 -3.97 42.80
C SER K 212 16.64 -3.18 44.08
N PHE K 213 17.18 -1.97 43.97
CA PHE K 213 17.43 -1.10 45.10
C PHE K 213 17.01 0.32 44.76
N GLU K 214 16.41 0.98 45.74
CA GLU K 214 16.03 2.39 45.66
C GLU K 214 17.00 3.21 46.51
N GLY K 215 17.22 4.44 46.08
CA GLY K 215 18.26 5.27 46.68
C GLY K 215 17.92 6.73 46.57
N CYS K 216 18.35 7.49 47.57
CA CYS K 216 18.03 8.91 47.68
C CYS K 216 19.10 9.75 46.98
N HIS K 217 18.65 10.80 46.27
CA HIS K 217 19.53 11.74 45.62
C HIS K 217 18.87 13.12 45.72
N PRO K 218 19.65 14.17 46.02
CA PRO K 218 19.05 15.50 46.17
C PRO K 218 18.45 16.05 44.89
N ASP K 219 19.03 15.74 43.73
CA ASP K 219 18.57 16.36 42.49
C ASP K 219 17.39 15.63 41.88
N VAL K 220 17.31 14.31 42.04
CA VAL K 220 16.22 13.54 41.43
C VAL K 220 15.29 13.04 42.53
N GLU K 221 14.20 12.38 42.12
CA GLU K 221 13.26 11.85 43.09
C GLU K 221 13.72 10.51 43.65
N GLU K 222 14.21 9.63 42.78
CA GLU K 222 14.68 8.32 43.23
C GLU K 222 15.69 7.79 42.22
N VAL K 223 16.69 7.09 42.73
CA VAL K 223 17.60 6.31 41.90
C VAL K 223 17.32 4.85 42.19
N LEU K 224 17.55 4.00 41.19
CA LEU K 224 17.29 2.58 41.38
C LEU K 224 18.27 1.77 40.53
N PHE K 225 18.48 0.52 40.94
CA PHE K 225 19.40 -0.35 40.22
C PHE K 225 18.93 -1.79 40.35
N THR K 226 19.08 -2.57 39.28
CA THR K 226 18.68 -3.96 39.29
C THR K 226 19.80 -4.83 38.75
N ILE K 227 20.12 -5.90 39.46
CA ILE K 227 21.07 -6.91 39.01
C ILE K 227 20.29 -8.18 38.70
N LYS K 228 20.47 -8.71 37.48
CA LYS K 228 19.82 -9.94 37.08
C LYS K 228 20.85 -11.07 37.02
N ILE K 229 20.58 -12.16 37.72
CA ILE K 229 21.44 -13.33 37.73
C ILE K 229 20.62 -14.53 37.24
N VAL K 230 21.14 -15.22 36.22
CA VAL K 230 20.46 -16.34 35.59
C VAL K 230 21.30 -17.59 35.80
N ARG K 231 20.65 -18.67 36.23
CA ARG K 231 21.28 -19.97 36.43
C ARG K 231 20.47 -21.03 35.72
N TYR K 232 21.09 -21.73 34.78
CA TYR K 232 20.39 -22.66 33.92
C TYR K 232 20.27 -24.03 34.58
N ASN K 233 19.82 -25.04 33.82
CA ASN K 233 19.56 -26.35 34.39
C ASN K 233 20.84 -27.05 34.80
N GLN K 234 21.88 -26.98 33.97
CA GLN K 234 23.18 -27.54 34.28
C GLN K 234 24.16 -26.43 34.58
N PRO K 235 24.91 -26.52 35.67
CA PRO K 235 25.88 -25.45 35.98
C PRO K 235 27.12 -25.49 35.08
N LEU K 236 27.51 -26.67 34.63
CA LEU K 236 28.63 -26.85 33.70
C LEU K 236 29.92 -26.23 34.21
N MET K 241 25.89 -33.84 29.53
CA MET K 241 25.28 -32.67 30.15
C MET K 241 26.11 -31.41 29.90
N GLN K 242 25.51 -30.46 29.18
CA GLN K 242 26.19 -29.21 28.81
C GLN K 242 27.49 -29.49 28.10
N VAL K 243 27.50 -30.56 27.28
CA VAL K 243 28.71 -30.97 26.59
C VAL K 243 29.18 -29.89 25.64
N PHE K 244 28.25 -29.17 25.03
CA PHE K 244 28.60 -28.14 24.05
C PHE K 244 28.99 -26.84 24.74
N ASN K 247 30.04 -26.93 21.51
CA ASN K 247 30.71 -27.57 20.37
C ASN K 247 30.91 -26.56 19.24
N PRO K 248 31.84 -26.86 18.33
CA PRO K 248 32.29 -25.83 17.37
C PRO K 248 31.19 -25.20 16.52
N LEU K 249 30.01 -25.80 16.43
CA LEU K 249 28.91 -25.14 15.70
C LEU K 249 28.62 -23.76 16.29
N LEU K 250 28.94 -23.57 17.57
CA LEU K 250 28.76 -22.26 18.21
C LEU K 250 29.84 -21.28 17.78
N SER K 251 31.04 -21.79 17.45
CA SER K 251 32.12 -20.91 16.99
C SER K 251 31.82 -20.28 15.64
N HIS K 252 30.85 -20.82 14.89
CA HIS K 252 30.45 -20.25 13.60
C HIS K 252 29.23 -19.35 13.71
N ILE K 253 28.65 -19.21 14.91
CA ILE K 253 27.44 -18.40 15.07
C ILE K 253 27.76 -16.93 14.79
N ARG K 254 26.82 -16.24 14.16
CA ARG K 254 26.95 -14.82 13.88
C ARG K 254 25.58 -14.18 14.07
N THR K 255 25.40 -12.98 13.52
CA THR K 255 24.11 -12.30 13.56
C THR K 255 23.94 -11.50 12.28
N VAL K 256 22.70 -11.34 11.85
CA VAL K 256 22.40 -10.67 10.59
C VAL K 256 21.07 -9.93 10.69
N VAL K 257 20.60 -9.41 9.56
CA VAL K 257 19.34 -8.66 9.52
C VAL K 257 18.38 -9.34 8.57
N ARG K 258 17.54 -8.55 7.89
CA ARG K 258 16.55 -9.06 6.96
C ARG K 258 16.69 -8.34 5.61
N GLN K 259 16.02 -8.88 4.60
CA GLN K 259 16.05 -8.32 3.26
C GLN K 259 14.79 -7.46 3.05
N ASP K 260 14.42 -7.26 1.78
CA ASP K 260 13.24 -6.47 1.41
C ASP K 260 13.28 -5.08 2.01
N GLY L 9 9.92 11.72 45.88
CA GLY L 9 9.45 11.13 47.12
C GLY L 9 8.57 9.91 46.91
N GLN L 10 9.05 8.98 46.09
CA GLN L 10 8.32 7.77 45.75
C GLN L 10 9.04 6.56 46.34
N ARG L 11 8.30 5.73 47.06
CA ARG L 11 8.85 4.55 47.70
C ARG L 11 8.02 3.32 47.36
N ARG L 12 8.63 2.15 47.50
CA ARG L 12 7.98 0.89 47.19
C ARG L 12 8.00 -0.09 48.35
N ARG L 13 9.14 -0.28 49.00
CA ARG L 13 9.29 -1.25 50.07
C ARG L 13 9.91 -0.58 51.28
N SER L 14 9.24 -0.67 52.42
CA SER L 14 9.74 -0.11 53.67
C SER L 14 9.20 -0.89 54.88
#